data_4JRD
# 
_entry.id   4JRD 
# 
_audit_conform.dict_name       mmcif_pdbx.dic 
_audit_conform.dict_version    5.387 
_audit_conform.dict_location   http://mmcif.pdb.org/dictionaries/ascii/mmcif_pdbx.dic 
# 
loop_
_database_2.database_id 
_database_2.database_code 
_database_2.pdbx_database_accession 
_database_2.pdbx_DOI 
PDB   4JRD         pdb_00004jrd 10.2210/pdb4jrd/pdb 
NDB   NA2300       ?            ?                   
RCSB  RCSB078407   ?            ?                   
WWPDB D_1000078407 ?            ?                   
# 
loop_
_pdbx_audit_revision_history.ordinal 
_pdbx_audit_revision_history.data_content_type 
_pdbx_audit_revision_history.major_revision 
_pdbx_audit_revision_history.minor_revision 
_pdbx_audit_revision_history.revision_date 
1 'Structure model' 1 0 2013-06-05 
2 'Structure model' 1 1 2015-08-12 
3 'Structure model' 1 2 2024-02-28 
# 
_pdbx_audit_revision_details.ordinal             1 
_pdbx_audit_revision_details.revision_ordinal    1 
_pdbx_audit_revision_details.data_content_type   'Structure model' 
_pdbx_audit_revision_details.provider            repository 
_pdbx_audit_revision_details.type                'Initial release' 
_pdbx_audit_revision_details.description         ? 
_pdbx_audit_revision_details.details             ? 
# 
loop_
_pdbx_audit_revision_group.ordinal 
_pdbx_audit_revision_group.revision_ordinal 
_pdbx_audit_revision_group.data_content_type 
_pdbx_audit_revision_group.group 
1 2 'Structure model' 'Database references'  
2 3 'Structure model' 'Data collection'      
3 3 'Structure model' 'Database references'  
4 3 'Structure model' 'Derived calculations' 
# 
loop_
_pdbx_audit_revision_category.ordinal 
_pdbx_audit_revision_category.revision_ordinal 
_pdbx_audit_revision_category.data_content_type 
_pdbx_audit_revision_category.category 
1 3 'Structure model' chem_comp_atom 
2 3 'Structure model' chem_comp_bond 
3 3 'Structure model' database_2     
4 3 'Structure model' struct_site    
# 
loop_
_pdbx_audit_revision_item.ordinal 
_pdbx_audit_revision_item.revision_ordinal 
_pdbx_audit_revision_item.data_content_type 
_pdbx_audit_revision_item.item 
1 3 'Structure model' '_database_2.pdbx_DOI'                
2 3 'Structure model' '_database_2.pdbx_database_accession' 
3 3 'Structure model' '_struct_site.pdbx_auth_asym_id'      
4 3 'Structure model' '_struct_site.pdbx_auth_comp_id'      
5 3 'Structure model' '_struct_site.pdbx_auth_seq_id'       
# 
_pdbx_database_status.status_code                     REL 
_pdbx_database_status.entry_id                        4JRD 
_pdbx_database_status.recvd_initial_deposition_date   2013-03-21 
_pdbx_database_status.deposit_site                    RCSB 
_pdbx_database_status.process_site                    RCSB 
_pdbx_database_status.status_code_sf                  REL 
_pdbx_database_status.status_code_mr                  ? 
_pdbx_database_status.SG_entry                        ? 
_pdbx_database_status.status_code_cs                  ? 
_pdbx_database_status.methods_development_category    ? 
_pdbx_database_status.pdb_format_compatible           Y 
_pdbx_database_status.status_code_nmr_data            ? 
# 
loop_
_audit_author.name 
_audit_author.pdbx_ordinal 
'Safaee, N.'      1 
'Noronha, A.M.'   2 
'Kozlov, G.'      3 
'Rodionov, D.'    4 
'Wilds, C.J.'     5 
'Sheldrick, G.M.' 6 
'Gehring, K.'     7 
# 
_citation.id                        primary 
_citation.title                     'Structure of the parallel duplex of poly(A) RNA: evaluation of a 50 year-old prediction.' 
_citation.journal_abbrev            Angew.Chem.Int.Ed.Engl. 
_citation.journal_volume            52 
_citation.page_first                10370 
_citation.page_last                 10373 
_citation.year                      2013 
_citation.journal_id_ASTM           ? 
_citation.country                   GE 
_citation.journal_id_ISSN           1433-7851 
_citation.journal_id_CSD            9999 
_citation.book_publisher            ? 
_citation.pdbx_database_id_PubMed   23813654 
_citation.pdbx_database_id_DOI      10.1002/anie.201303461 
# 
loop_
_citation_author.citation_id 
_citation_author.name 
_citation_author.ordinal 
_citation_author.identifier_ORCID 
primary 'Safaee, N.'      1 ? 
primary 'Noronha, A.M.'   2 ? 
primary 'Rodionov, D.'    3 ? 
primary 'Kozlov, G.'      4 ? 
primary 'Wilds, C.J.'     5 ? 
primary 'Sheldrick, G.M.' 6 ? 
primary 'Gehring, K.'     7 ? 
# 
loop_
_entity.id 
_entity.type 
_entity.src_method 
_entity.pdbx_description 
_entity.formula_weight 
_entity.pdbx_number_of_molecules 
_entity.pdbx_ec 
_entity.pdbx_mutation 
_entity.pdbx_fragment 
_entity.details 
1 polymer     syn 
;RNA (5'-R(*AP*AP*AP*AP*AP*AP*AP*AP*AP*AP*A)-3')
;
3576.306 2  ? ? ? ? 
2 non-polymer syn 'AMMONIUM ION'                                    18.038   18 ? ? ? ? 
3 water       nat water                                             18.015   76 ? ? ? ? 
# 
_entity_poly.entity_id                      1 
_entity_poly.type                           polyribonucleotide 
_entity_poly.nstd_linkage                   no 
_entity_poly.nstd_monomer                   no 
_entity_poly.pdbx_seq_one_letter_code       AAAAAAAAAAA 
_entity_poly.pdbx_seq_one_letter_code_can   AAAAAAAAAAA 
_entity_poly.pdbx_strand_id                 A,B 
_entity_poly.pdbx_target_identifier         ? 
# 
loop_
_pdbx_entity_nonpoly.entity_id 
_pdbx_entity_nonpoly.name 
_pdbx_entity_nonpoly.comp_id 
2 'AMMONIUM ION' NH4 
3 water          HOH 
# 
loop_
_entity_poly_seq.entity_id 
_entity_poly_seq.num 
_entity_poly_seq.mon_id 
_entity_poly_seq.hetero 
1 1  A n 
1 2  A n 
1 3  A n 
1 4  A n 
1 5  A n 
1 6  A n 
1 7  A n 
1 8  A n 
1 9  A n 
1 10 A n 
1 11 A n 
# 
loop_
_chem_comp.id 
_chem_comp.type 
_chem_comp.mon_nstd_flag 
_chem_comp.name 
_chem_comp.pdbx_synonyms 
_chem_comp.formula 
_chem_comp.formula_weight 
A   'RNA linking' y "ADENOSINE-5'-MONOPHOSPHATE" ? 'C10 H14 N5 O7 P' 347.221 
HOH non-polymer   . WATER                        ? 'H2 O'            18.015  
NH4 non-polymer   . 'AMMONIUM ION'               ? 'H4 N 1'          18.038  
# 
loop_
_pdbx_poly_seq_scheme.asym_id 
_pdbx_poly_seq_scheme.entity_id 
_pdbx_poly_seq_scheme.seq_id 
_pdbx_poly_seq_scheme.mon_id 
_pdbx_poly_seq_scheme.ndb_seq_num 
_pdbx_poly_seq_scheme.pdb_seq_num 
_pdbx_poly_seq_scheme.auth_seq_num 
_pdbx_poly_seq_scheme.pdb_mon_id 
_pdbx_poly_seq_scheme.auth_mon_id 
_pdbx_poly_seq_scheme.pdb_strand_id 
_pdbx_poly_seq_scheme.pdb_ins_code 
_pdbx_poly_seq_scheme.hetero 
A 1 1  A 1  1  1  A A A . n 
A 1 2  A 2  2  2  A A A . n 
A 1 3  A 3  3  3  A A A . n 
A 1 4  A 4  4  4  A A A . n 
A 1 5  A 5  5  5  A A A . n 
A 1 6  A 6  6  6  A A A . n 
A 1 7  A 7  7  7  A A A . n 
A 1 8  A 8  8  8  A A A . n 
A 1 9  A 9  9  9  A A A . n 
A 1 10 A 10 10 10 A A A . n 
A 1 11 A 11 11 11 A A A . n 
B 1 1  A 1  1  1  A A B . n 
B 1 2  A 2  2  2  A A B . n 
B 1 3  A 3  3  3  A A B . n 
B 1 4  A 4  4  4  A A B . n 
B 1 5  A 5  5  5  A A B . n 
B 1 6  A 6  6  6  A A B . n 
B 1 7  A 7  7  7  A A B . n 
B 1 8  A 8  8  8  A A B . n 
B 1 9  A 9  9  9  A A B . n 
B 1 10 A 10 10 10 A A B . n 
B 1 11 A 11 11 11 A A B . n 
# 
loop_
_pdbx_nonpoly_scheme.asym_id 
_pdbx_nonpoly_scheme.entity_id 
_pdbx_nonpoly_scheme.mon_id 
_pdbx_nonpoly_scheme.ndb_seq_num 
_pdbx_nonpoly_scheme.pdb_seq_num 
_pdbx_nonpoly_scheme.auth_seq_num 
_pdbx_nonpoly_scheme.pdb_mon_id 
_pdbx_nonpoly_scheme.auth_mon_id 
_pdbx_nonpoly_scheme.pdb_strand_id 
_pdbx_nonpoly_scheme.pdb_ins_code 
C 2 NH4 1  101 101 NH4 NH4 A . 
D 2 NH4 1  102 102 NH4 NH4 A . 
E 2 NH4 1  103 103 NH4 NH4 A . 
F 2 NH4 1  104 104 NH4 NH4 A . 
G 2 NH4 1  105 105 NH4 NH4 A . 
H 2 NH4 1  106 106 NH4 NH4 A . 
I 2 NH4 1  107 107 NH4 NH4 A . 
J 2 NH4 1  108 108 NH4 NH4 A . 
K 2 NH4 1  109 109 NH4 NH4 A . 
L 2 NH4 1  110 110 NH4 NH4 A . 
M 2 NH4 1  111 111 NH4 NH4 A . 
N 2 NH4 1  101 101 NH4 NH4 B . 
O 2 NH4 1  102 102 NH4 NH4 B . 
P 2 NH4 1  103 103 NH4 NH4 B . 
Q 2 NH4 1  104 104 NH4 NH4 B . 
R 2 NH4 1  105 105 NH4 NH4 B . 
S 2 NH4 1  106 106 NH4 NH4 B . 
T 2 NH4 1  107 107 NH4 NH4 B . 
U 3 HOH 1  201 201 HOH HOH A . 
U 3 HOH 2  202 202 HOH HOH A . 
U 3 HOH 3  203 203 HOH HOH A . 
U 3 HOH 4  204 204 HOH HOH A . 
U 3 HOH 5  205 205 HOH HOH A . 
U 3 HOH 6  206 206 HOH HOH A . 
U 3 HOH 7  207 207 HOH HOH A . 
U 3 HOH 8  208 208 HOH HOH A . 
U 3 HOH 9  209 209 HOH HOH A . 
U 3 HOH 10 210 210 HOH HOH A . 
U 3 HOH 11 211 211 HOH HOH A . 
U 3 HOH 12 212 212 HOH HOH A . 
U 3 HOH 13 213 213 HOH HOH A . 
U 3 HOH 14 214 214 HOH HOH A . 
U 3 HOH 15 215 215 HOH HOH A . 
U 3 HOH 16 216 216 HOH HOH A . 
U 3 HOH 17 217 217 HOH HOH A . 
U 3 HOH 18 218 218 HOH HOH A . 
U 3 HOH 19 219 219 HOH HOH A . 
U 3 HOH 20 220 220 HOH HOH A . 
U 3 HOH 21 221 221 HOH HOH A . 
U 3 HOH 22 222 222 HOH HOH A . 
U 3 HOH 23 223 223 HOH HOH A . 
U 3 HOH 24 224 224 HOH HOH A . 
U 3 HOH 25 225 225 HOH HOH A . 
U 3 HOH 26 226 226 HOH HOH A . 
U 3 HOH 27 227 227 HOH HOH A . 
U 3 HOH 28 228 228 HOH HOH A . 
U 3 HOH 29 229 229 HOH HOH A . 
U 3 HOH 30 230 230 HOH HOH A . 
U 3 HOH 31 231 231 HOH HOH A . 
U 3 HOH 32 232 232 HOH HOH A . 
U 3 HOH 33 233 233 HOH HOH A . 
U 3 HOH 34 234 234 HOH HOH A . 
V 3 HOH 1  201 201 HOH HOH B . 
V 3 HOH 2  202 202 HOH HOH B . 
V 3 HOH 3  203 203 HOH HOH B . 
V 3 HOH 4  204 204 HOH HOH B . 
V 3 HOH 5  205 205 HOH HOH B . 
V 3 HOH 6  206 206 HOH HOH B . 
V 3 HOH 7  207 207 HOH HOH B . 
V 3 HOH 8  208 208 HOH HOH B . 
V 3 HOH 9  209 209 HOH HOH B . 
V 3 HOH 10 210 210 HOH HOH B . 
V 3 HOH 11 211 211 HOH HOH B . 
V 3 HOH 12 212 212 HOH HOH B . 
V 3 HOH 13 213 213 HOH HOH B . 
V 3 HOH 14 214 214 HOH HOH B . 
V 3 HOH 15 215 215 HOH HOH B . 
V 3 HOH 16 216 216 HOH HOH B . 
V 3 HOH 17 217 217 HOH HOH B . 
V 3 HOH 18 218 218 HOH HOH B . 
V 3 HOH 19 219 219 HOH HOH B . 
V 3 HOH 20 220 220 HOH HOH B . 
V 3 HOH 21 221 221 HOH HOH B . 
V 3 HOH 22 222 222 HOH HOH B . 
V 3 HOH 23 223 223 HOH HOH B . 
V 3 HOH 24 224 224 HOH HOH B . 
V 3 HOH 25 225 225 HOH HOH B . 
V 3 HOH 26 226 226 HOH HOH B . 
V 3 HOH 27 227 227 HOH HOH B . 
V 3 HOH 28 228 228 HOH HOH B . 
V 3 HOH 29 229 229 HOH HOH B . 
V 3 HOH 30 230 230 HOH HOH B . 
V 3 HOH 31 231 231 HOH HOH B . 
V 3 HOH 32 232 232 HOH HOH B . 
V 3 HOH 33 233 233 HOH HOH B . 
V 3 HOH 34 234 234 HOH HOH B . 
V 3 HOH 35 235 235 HOH HOH B . 
V 3 HOH 36 236 236 HOH HOH B . 
V 3 HOH 37 237 237 HOH HOH B . 
V 3 HOH 38 238 238 HOH HOH B . 
V 3 HOH 39 239 239 HOH HOH B . 
V 3 HOH 40 240 240 HOH HOH B . 
V 3 HOH 41 241 241 HOH HOH B . 
V 3 HOH 42 242 242 HOH HOH B . 
# 
loop_
_software.name 
_software.classification 
_software.version 
_software.citation_id 
_software.pdbx_ordinal 
MxDC     'data collection' . ? 1 
SHELXD   phasing           . ? 2 
SHELXL   refinement        . ? 3 
HKL-2000 'data reduction'  . ? 4 
HKL-2000 'data scaling'    . ? 5 
# 
_cell.entry_id           4JRD 
_cell.length_a           22.800 
_cell.length_b           22.800 
_cell.length_c           163.700 
_cell.angle_alpha        90.00 
_cell.angle_beta         90.00 
_cell.angle_gamma        90.00 
_cell.Z_PDB              16 
_cell.pdbx_unique_axis   ? 
_cell.length_a_esd       ? 
_cell.length_b_esd       ? 
_cell.length_c_esd       ? 
_cell.angle_alpha_esd    ? 
_cell.angle_beta_esd     ? 
_cell.angle_gamma_esd    ? 
# 
_symmetry.entry_id                         4JRD 
_symmetry.space_group_name_H-M             'P 41 21 2' 
_symmetry.pdbx_full_space_group_name_H-M   ? 
_symmetry.cell_setting                     ? 
_symmetry.Int_Tables_number                92 
_symmetry.space_group_name_Hall            ? 
# 
_exptl.entry_id          4JRD 
_exptl.method            'X-RAY DIFFRACTION' 
_exptl.crystals_number   5 
# 
_exptl_crystal.id                    1 
_exptl_crystal.density_meas          ? 
_exptl_crystal.density_Matthews      1.49 
_exptl_crystal.density_percent_sol   17.29 
_exptl_crystal.description           ? 
_exptl_crystal.F_000                 ? 
_exptl_crystal.preparation           ? 
# 
_exptl_crystal_grow.crystal_id      1 
_exptl_crystal_grow.method          'VAPOR DIFFUSION, SITTING DROP' 
_exptl_crystal_grow.temp            294 
_exptl_crystal_grow.temp_details    ? 
_exptl_crystal_grow.pH              ? 
_exptl_crystal_grow.pdbx_details    
;RNA WATER SOLUTION PLUS BUFFER (10 MM HEPES, 50 MM NACL, 0.5 MM TCEP, PH 7.0) MIXED 1:1 V/V WITH 2 M (NH4)2SO4 + 0.2 M NH4NO3 AND EQUILIBRATED AGAINST 2 M (NH4)2SO4 + 0.2 M NH4NO3, VAPOR DIFFUSION, SITTING DROP, temperature 294K
;
_exptl_crystal_grow.pdbx_pH_range   ? 
# 
loop_
_diffrn.id 
_diffrn.ambient_temp 
_diffrn.ambient_temp_details 
_diffrn.crystal_id 
1 100 ? 1 
2 100 ? 1 
3 100 ? 1 
4 100 ? 1 
# 
loop_
_diffrn_detector.diffrn_id 
_diffrn_detector.detector 
_diffrn_detector.type 
_diffrn_detector.pdbx_collection_date 
_diffrn_detector.details 
1 CCD 'MARMOSAIC 300 mm CCD' 2010-05-29 'FOCUSING MIRRORS' 
2 CCD 'ADSC QUANTUM 210'     2010-10-21 'FOCUSING MIRRORS' 
3 CCD 'ADSC QUANTUM 210'     2010-10-21 'FOCUSING MIRRORS' 
4 CCD 'ADSC QUANTUM 210'     2010-10-21 'FOCUSING MIRRORS' 
# 
loop_
_diffrn_radiation.diffrn_id 
_diffrn_radiation.wavelength_id 
_diffrn_radiation.pdbx_monochromatic_or_laue_m_l 
_diffrn_radiation.monochromator 
_diffrn_radiation.pdbx_diffrn_protocol 
_diffrn_radiation.pdbx_scattering_type 
1 1 M 'SI 111 DOUBLE'                                     'SINGLE WAVELENGTH' x-ray 
2 1 M 'Horizontal focusing 5.05   asymmetric cut Si(111)' 'SINGLE WAVELENGTH' x-ray 
3 1 M 'Horizontal focusing 5.05   asymmetric cut Si(111)' 'SINGLE WAVELENGTH' x-ray 
4 1 M 'Horizontal focusing 5.05   asymmetric cut Si(111)' 'SINGLE WAVELENGTH' x-ray 
# 
loop_
_diffrn_radiation_wavelength.id 
_diffrn_radiation_wavelength.wavelength 
_diffrn_radiation_wavelength.wt 
1 0.977 1.0 
2 0.987 1.0 
# 
loop_
_diffrn_source.diffrn_id 
_diffrn_source.source 
_diffrn_source.type 
_diffrn_source.pdbx_synchrotron_site 
_diffrn_source.pdbx_synchrotron_beamline 
_diffrn_source.pdbx_wavelength 
_diffrn_source.pdbx_wavelength_list 
1 SYNCHROTRON 'CLSI BEAMLINE 08ID-1' CLSI  08ID-1 0.977 ? 
2 SYNCHROTRON 'CHESS BEAMLINE A1'    CHESS A1     0.987 ? 
3 SYNCHROTRON 'CHESS BEAMLINE A1'    CHESS A1     0.987 ? 
4 SYNCHROTRON 'CHESS BEAMLINE A1'    CHESS A1     0.987 ? 
# 
_reflns.entry_id                     4JRD 
_reflns.observed_criterion_sigma_I   -3.000 
_reflns.observed_criterion_sigma_F   4 
_reflns.d_resolution_low             41.000 
_reflns.d_resolution_high            1.000 
_reflns.number_obs                   22972 
_reflns.number_all                   23042 
_reflns.percent_possible_obs         92.6 
_reflns.pdbx_Rmerge_I_obs            0.09440 
_reflns.pdbx_Rsym_value              ? 
_reflns.pdbx_netI_over_sigmaI        34.3500 
_reflns.B_iso_Wilson_estimate        ? 
_reflns.pdbx_redundancy              2.730 
_reflns.R_free_details               ? 
_reflns.limit_h_max                  ? 
_reflns.limit_h_min                  ? 
_reflns.limit_k_max                  ? 
_reflns.limit_k_min                  ? 
_reflns.limit_l_max                  ? 
_reflns.limit_l_min                  ? 
_reflns.observed_criterion_F_max     ? 
_reflns.observed_criterion_F_min     ? 
_reflns.pdbx_chi_squared             ? 
_reflns.pdbx_scaling_rejects         ? 
_reflns.pdbx_ordinal                 1 
_reflns.pdbx_diffrn_id               1,2,3,4 
# 
_reflns_shell.d_res_high             1.00 
_reflns_shell.d_res_low              1.10 
_reflns_shell.percent_possible_all   73.1 
_reflns_shell.Rmerge_I_obs           0.14190 
_reflns_shell.pdbx_Rsym_value        ? 
_reflns_shell.meanI_over_sigI_obs    4.720 
_reflns_shell.pdbx_redundancy        1.20 
_reflns_shell.percent_possible_obs   ? 
_reflns_shell.number_unique_all      ? 
_reflns_shell.number_measured_all    ? 
_reflns_shell.number_measured_obs    ? 
_reflns_shell.number_unique_obs      ? 
_reflns_shell.pdbx_chi_squared       ? 
_reflns_shell.pdbx_ordinal           1 
_reflns_shell.pdbx_diffrn_id         1,2,3,4 
# 
_refine.entry_id                                 4JRD 
_refine.ls_number_reflns_obs                     22972 
_refine.ls_number_reflns_all                     23042 
_refine.pdbx_ls_sigma_I                          ? 
_refine.pdbx_ls_sigma_F                          1.000 
_refine.pdbx_data_cutoff_high_absF               ? 
_refine.pdbx_data_cutoff_low_absF                ? 
_refine.pdbx_data_cutoff_high_rms_absF           ? 
_refine.ls_d_res_low                             41.00 
_refine.ls_d_res_high                            1.00 
_refine.ls_percent_reflns_obs                    92.6 
_refine.ls_R_factor_obs                          0.126 
_refine.ls_R_factor_all                          ? 
_refine.ls_R_factor_R_work                       0.118 
_refine.ls_R_factor_R_free                       0.158 
_refine.ls_R_factor_R_free_error                 ? 
_refine.ls_R_factor_R_free_error_details         ? 
_refine.ls_percent_reflns_R_free                 5.010 
_refine.ls_number_reflns_R_free                  1152 
_refine.ls_number_parameters                     5165 
_refine.ls_number_restraints                     6773 
_refine.occupancy_min                            ? 
_refine.occupancy_max                            ? 
_refine.correlation_coeff_Fo_to_Fc               ? 
_refine.correlation_coeff_Fo_to_Fc_free          ? 
_refine.B_iso_mean                               ? 
_refine.aniso_B[1][1]                            ? 
_refine.aniso_B[2][2]                            ? 
_refine.aniso_B[3][3]                            ? 
_refine.aniso_B[1][2]                            ? 
_refine.aniso_B[1][3]                            ? 
_refine.aniso_B[2][3]                            ? 
_refine.solvent_model_details                    BABINET 
_refine.solvent_model_param_ksol                 ? 
_refine.solvent_model_param_bsol                 ? 
_refine.pdbx_solvent_vdw_probe_radii             ? 
_refine.pdbx_solvent_ion_probe_radii             ? 
_refine.pdbx_solvent_shrinkage_radii             ? 
_refine.pdbx_ls_cross_valid_method               'FREE R' 
_refine.details                                  ? 
_refine.pdbx_starting_model                      ? 
_refine.pdbx_method_to_determine_struct          'AB INITIO PHASING' 
_refine.pdbx_isotropic_thermal_model             ? 
_refine.pdbx_stereochemistry_target_values       ? 
_refine.pdbx_stereochem_target_val_spec_case     ? 
_refine.pdbx_R_Free_selection_details            RANDOM 
_refine.pdbx_overall_ESU_R                       ? 
_refine.pdbx_overall_ESU_R_Free                  ? 
_refine.overall_SU_ML                            ? 
_refine.pdbx_overall_phase_error                 ? 
_refine.overall_SU_B                             ? 
_refine.overall_SU_R_Cruickshank_DPI             ? 
_refine.ls_redundancy_reflns_obs                 ? 
_refine.B_iso_min                                ? 
_refine.B_iso_max                                ? 
_refine.overall_SU_R_free                        ? 
_refine.ls_wR_factor_R_free                      ? 
_refine.ls_wR_factor_R_work                      ? 
_refine.overall_FOM_free_R_set                   ? 
_refine.overall_FOM_work_R_set                   ? 
_refine.pdbx_diffrn_id                           1,2,3,4 
_refine.pdbx_refine_id                           'X-RAY DIFFRACTION' 
_refine.pdbx_TLS_residual_ADP_flag               ? 
_refine.pdbx_overall_SU_R_free_Cruickshank_DPI   ? 
_refine.pdbx_overall_SU_R_Blow_DPI               ? 
_refine.pdbx_overall_SU_R_free_Blow_DPI          ? 
# 
_refine_analyze.entry_id                        4JRD 
_refine_analyze.Luzzati_coordinate_error_obs    ? 
_refine_analyze.Luzzati_sigma_a_obs             ? 
_refine_analyze.Luzzati_d_res_low_obs           ? 
_refine_analyze.Luzzati_coordinate_error_free   ? 
_refine_analyze.Luzzati_sigma_a_free            ? 
_refine_analyze.Luzzati_d_res_low_free          ? 
_refine_analyze.number_disordered_residues      0 
_refine_analyze.occupancy_sum_hydrogen          242.00 
_refine_analyze.occupancy_sum_non_hydrogen      571.00 
_refine_analyze.pdbx_Luzzati_d_res_high_obs     ? 
_refine_analyze.pdbx_refine_id                  'X-RAY DIFFRACTION' 
# 
_refine_hist.pdbx_refine_id                   'X-RAY DIFFRACTION' 
_refine_hist.cycle_id                         LAST 
_refine_hist.pdbx_number_atoms_protein        0 
_refine_hist.pdbx_number_atoms_nucleic_acid   478 
_refine_hist.pdbx_number_atoms_ligand         18 
_refine_hist.number_atoms_solvent             76 
_refine_hist.number_atoms_total               572 
_refine_hist.d_res_high                       1.00 
_refine_hist.d_res_low                        41.00 
# 
loop_
_refine_ls_restr.type 
_refine_ls_restr.dev_ideal 
_refine_ls_restr.dev_ideal_target 
_refine_ls_restr.weight 
_refine_ls_restr.number 
_refine_ls_restr.pdbx_restraint_function 
_refine_ls_restr.pdbx_refine_id 
s_bond_d               0.007 ? ? ? ? 'X-RAY DIFFRACTION' 
s_angle_d              0.021 ? ? ? ? 'X-RAY DIFFRACTION' 
s_from_restr_planes    0.038 ? ? ? ? 'X-RAY DIFFRACTION' 
s_anti_bump_dis_restr  0.021 ? ? ? ? 'X-RAY DIFFRACTION' 
s_rigid_bond_adp_cmpnt 0.005 ? ? ? ? 'X-RAY DIFFRACTION' 
s_similar_adp_cmpnt    0.015 ? ? ? ? 'X-RAY DIFFRACTION' 
s_approx_iso_adps      0.100 ? ? ? ? 'X-RAY DIFFRACTION' 
# 
_pdbx_refine.pdbx_refine_id                              'X-RAY DIFFRACTION' 
_pdbx_refine.entry_id                                    4JRD 
_pdbx_refine.R_factor_all_no_cutoff                      0.128 
_pdbx_refine.R_factor_obs_no_cutoff                      0.126 
_pdbx_refine.free_R_factor_no_cutoff                     0.158 
_pdbx_refine.free_R_error_no_cutoff                      ? 
_pdbx_refine.free_R_val_test_set_size_perc_no_cutoff     5.010 
_pdbx_refine.free_R_val_test_set_ct_no_cutoff            1152 
_pdbx_refine.R_factor_all_4sig_cutoff                    0.120 
_pdbx_refine.R_factor_obs_4sig_cutoff                    0.118 
_pdbx_refine.free_R_factor_4sig_cutoff                   0.151 
_pdbx_refine.free_R_val_test_set_size_perc_4sig_cutoff   5.260 
_pdbx_refine.free_R_val_test_set_ct_4sig_cutoff          986 
_pdbx_refine.number_reflns_obs_4sig_cutoff               18730 
# 
_struct.entry_id                  4JRD 
_struct.title                     'Crystal structure of the parallel double-stranded helix of poly(A) RNA' 
_struct.pdbx_model_details        ? 
_struct.pdbx_CASP_flag            ? 
_struct.pdbx_model_type_details   ? 
# 
_struct_keywords.entry_id        4JRD 
_struct_keywords.pdbx_keywords   RNA 
_struct_keywords.text            'PARALLEL DOUBLE HELIX, POLY(A), MRNA, PABP, Poly(A) motif, RNA' 
# 
loop_
_struct_asym.id 
_struct_asym.pdbx_blank_PDB_chainid_flag 
_struct_asym.pdbx_modified 
_struct_asym.entity_id 
_struct_asym.details 
A N N 1 ? 
B N N 1 ? 
C N N 2 ? 
D N N 2 ? 
E N N 2 ? 
F N N 2 ? 
G N N 2 ? 
H N N 2 ? 
I N N 2 ? 
J N N 2 ? 
K N N 2 ? 
L N N 2 ? 
M N N 2 ? 
N N N 2 ? 
O N N 2 ? 
P N N 2 ? 
Q N N 2 ? 
R N N 2 ? 
S N N 2 ? 
T N N 2 ? 
U N N 3 ? 
V N N 3 ? 
# 
_struct_ref.id                         1 
_struct_ref.db_name                    PDB 
_struct_ref.db_code                    4JRD 
_struct_ref.pdbx_db_accession          4JRD 
_struct_ref.entity_id                  1 
_struct_ref.pdbx_align_begin           ? 
_struct_ref.pdbx_seq_one_letter_code   ? 
_struct_ref.pdbx_db_isoform            ? 
# 
loop_
_struct_ref_seq.align_id 
_struct_ref_seq.ref_id 
_struct_ref_seq.pdbx_PDB_id_code 
_struct_ref_seq.pdbx_strand_id 
_struct_ref_seq.seq_align_beg 
_struct_ref_seq.pdbx_seq_align_beg_ins_code 
_struct_ref_seq.seq_align_end 
_struct_ref_seq.pdbx_seq_align_end_ins_code 
_struct_ref_seq.pdbx_db_accession 
_struct_ref_seq.db_align_beg 
_struct_ref_seq.pdbx_db_align_beg_ins_code 
_struct_ref_seq.db_align_end 
_struct_ref_seq.pdbx_db_align_end_ins_code 
_struct_ref_seq.pdbx_auth_seq_align_beg 
_struct_ref_seq.pdbx_auth_seq_align_end 
1 1 4JRD A 1 ? 11 ? 4JRD 1 ? 11 ? 1 11 
2 1 4JRD B 1 ? 11 ? 4JRD 1 ? 11 ? 1 11 
# 
_pdbx_struct_assembly.id                   1 
_pdbx_struct_assembly.details              author_defined_assembly 
_pdbx_struct_assembly.method_details       ? 
_pdbx_struct_assembly.oligomeric_details   dimeric 
_pdbx_struct_assembly.oligomeric_count     2 
# 
_pdbx_struct_assembly_gen.assembly_id       1 
_pdbx_struct_assembly_gen.oper_expression   1 
_pdbx_struct_assembly_gen.asym_id_list      A,B,C,D,E,F,G,H,I,J,K,L,M,N,O,P,Q,R,S,T,U,V 
# 
_pdbx_struct_oper_list.id                   1 
_pdbx_struct_oper_list.type                 'identity operation' 
_pdbx_struct_oper_list.name                 1_555 
_pdbx_struct_oper_list.symmetry_operation   x,y,z 
_pdbx_struct_oper_list.matrix[1][1]         1.0000000000 
_pdbx_struct_oper_list.matrix[1][2]         0.0000000000 
_pdbx_struct_oper_list.matrix[1][3]         0.0000000000 
_pdbx_struct_oper_list.vector[1]            0.0000000000 
_pdbx_struct_oper_list.matrix[2][1]         0.0000000000 
_pdbx_struct_oper_list.matrix[2][2]         1.0000000000 
_pdbx_struct_oper_list.matrix[2][3]         0.0000000000 
_pdbx_struct_oper_list.vector[2]            0.0000000000 
_pdbx_struct_oper_list.matrix[3][1]         0.0000000000 
_pdbx_struct_oper_list.matrix[3][2]         0.0000000000 
_pdbx_struct_oper_list.matrix[3][3]         1.0000000000 
_pdbx_struct_oper_list.vector[3]            0.0000000000 
# 
_struct_biol.id        1 
_struct_biol.details   ? 
# 
loop_
_struct_conn.id 
_struct_conn.conn_type_id 
_struct_conn.pdbx_leaving_atom_flag 
_struct_conn.pdbx_PDB_id 
_struct_conn.ptnr1_label_asym_id 
_struct_conn.ptnr1_label_comp_id 
_struct_conn.ptnr1_label_seq_id 
_struct_conn.ptnr1_label_atom_id 
_struct_conn.pdbx_ptnr1_label_alt_id 
_struct_conn.pdbx_ptnr1_PDB_ins_code 
_struct_conn.pdbx_ptnr1_standard_comp_id 
_struct_conn.ptnr1_symmetry 
_struct_conn.ptnr2_label_asym_id 
_struct_conn.ptnr2_label_comp_id 
_struct_conn.ptnr2_label_seq_id 
_struct_conn.ptnr2_label_atom_id 
_struct_conn.pdbx_ptnr2_label_alt_id 
_struct_conn.pdbx_ptnr2_PDB_ins_code 
_struct_conn.ptnr1_auth_asym_id 
_struct_conn.ptnr1_auth_comp_id 
_struct_conn.ptnr1_auth_seq_id 
_struct_conn.ptnr2_auth_asym_id 
_struct_conn.ptnr2_auth_comp_id 
_struct_conn.ptnr2_auth_seq_id 
_struct_conn.ptnr2_symmetry 
_struct_conn.pdbx_ptnr3_label_atom_id 
_struct_conn.pdbx_ptnr3_label_seq_id 
_struct_conn.pdbx_ptnr3_label_comp_id 
_struct_conn.pdbx_ptnr3_label_asym_id 
_struct_conn.pdbx_ptnr3_label_alt_id 
_struct_conn.pdbx_ptnr3_PDB_ins_code 
_struct_conn.details 
_struct_conn.pdbx_dist_value 
_struct_conn.pdbx_value_order 
_struct_conn.pdbx_role 
hydrog1  hydrog ? ? A A 2  N6 ? ? ? 1_555 B A 1  N7 ? ? A A 2  B A 1  1_555 ? ? ? ? ? ? TYPE_2_PAIR ? ? ? 
hydrog2  hydrog ? ? A A 2  N7 ? ? ? 1_555 B A 1  N6 ? ? A A 2  B A 1  1_555 ? ? ? ? ? ? TYPE_2_PAIR ? ? ? 
hydrog3  hydrog ? ? A A 3  N6 ? ? ? 1_555 B A 2  N7 ? ? A A 3  B A 2  1_555 ? ? ? ? ? ? TYPE_2_PAIR ? ? ? 
hydrog4  hydrog ? ? A A 3  N7 ? ? ? 1_555 B A 2  N6 ? ? A A 3  B A 2  1_555 ? ? ? ? ? ? TYPE_2_PAIR ? ? ? 
hydrog5  hydrog ? ? A A 4  N6 ? ? ? 1_555 B A 3  N7 ? ? A A 4  B A 3  1_555 ? ? ? ? ? ? TYPE_2_PAIR ? ? ? 
hydrog6  hydrog ? ? A A 4  N7 ? ? ? 1_555 B A 3  N6 ? ? A A 4  B A 3  1_555 ? ? ? ? ? ? TYPE_2_PAIR ? ? ? 
hydrog7  hydrog ? ? A A 5  N6 ? ? ? 1_555 B A 4  N7 ? ? A A 5  B A 4  1_555 ? ? ? ? ? ? TYPE_2_PAIR ? ? ? 
hydrog8  hydrog ? ? A A 5  N7 ? ? ? 1_555 B A 4  N6 ? ? A A 5  B A 4  1_555 ? ? ? ? ? ? TYPE_2_PAIR ? ? ? 
hydrog9  hydrog ? ? A A 6  N6 ? ? ? 1_555 B A 5  N7 ? ? A A 6  B A 5  1_555 ? ? ? ? ? ? TYPE_2_PAIR ? ? ? 
hydrog10 hydrog ? ? A A 6  N7 ? ? ? 1_555 B A 5  N6 ? ? A A 6  B A 5  1_555 ? ? ? ? ? ? TYPE_2_PAIR ? ? ? 
hydrog11 hydrog ? ? A A 7  N6 ? ? ? 1_555 B A 6  N7 ? ? A A 7  B A 6  1_555 ? ? ? ? ? ? TYPE_2_PAIR ? ? ? 
hydrog12 hydrog ? ? A A 7  N7 ? ? ? 1_555 B A 6  N6 ? ? A A 7  B A 6  1_555 ? ? ? ? ? ? TYPE_2_PAIR ? ? ? 
hydrog13 hydrog ? ? A A 8  N6 ? ? ? 1_555 B A 7  N7 ? ? A A 8  B A 7  1_555 ? ? ? ? ? ? TYPE_2_PAIR ? ? ? 
hydrog14 hydrog ? ? A A 8  N7 ? ? ? 1_555 B A 7  N6 ? ? A A 8  B A 7  1_555 ? ? ? ? ? ? TYPE_2_PAIR ? ? ? 
hydrog15 hydrog ? ? A A 9  N6 ? ? ? 1_555 B A 8  N7 ? ? A A 9  B A 8  1_555 ? ? ? ? ? ? TYPE_2_PAIR ? ? ? 
hydrog16 hydrog ? ? A A 9  N7 ? ? ? 1_555 B A 8  N6 ? ? A A 9  B A 8  1_555 ? ? ? ? ? ? TYPE_2_PAIR ? ? ? 
hydrog17 hydrog ? ? A A 10 N6 ? ? ? 1_555 B A 9  N7 ? ? A A 10 B A 9  1_555 ? ? ? ? ? ? TYPE_2_PAIR ? ? ? 
hydrog18 hydrog ? ? A A 10 N7 ? ? ? 1_555 B A 9  N6 ? ? A A 10 B A 9  1_555 ? ? ? ? ? ? TYPE_2_PAIR ? ? ? 
hydrog19 hydrog ? ? A A 11 N6 ? ? ? 1_555 B A 10 N7 ? ? A A 11 B A 10 1_555 ? ? ? ? ? ? TYPE_2_PAIR ? ? ? 
hydrog20 hydrog ? ? A A 11 N7 ? ? ? 1_555 B A 10 N6 ? ? A A 11 B A 10 1_555 ? ? ? ? ? ? TYPE_2_PAIR ? ? ? 
# 
_struct_conn_type.id          hydrog 
_struct_conn_type.criteria    ? 
_struct_conn_type.reference   ? 
# 
loop_
_struct_site.id 
_struct_site.pdbx_evidence_code 
_struct_site.pdbx_auth_asym_id 
_struct_site.pdbx_auth_comp_id 
_struct_site.pdbx_auth_seq_id 
_struct_site.pdbx_auth_ins_code 
_struct_site.pdbx_num_residues 
_struct_site.details 
AC1 Software A NH4 101 ? 3 'BINDING SITE FOR RESIDUE NH4 A 101' 
AC2 Software A NH4 102 ? 4 'BINDING SITE FOR RESIDUE NH4 A 102' 
AC3 Software A NH4 103 ? 4 'BINDING SITE FOR RESIDUE NH4 A 103' 
AC4 Software A NH4 104 ? 6 'BINDING SITE FOR RESIDUE NH4 A 104' 
AC5 Software A NH4 105 ? 4 'BINDING SITE FOR RESIDUE NH4 A 105' 
AC6 Software A NH4 106 ? 1 'BINDING SITE FOR RESIDUE NH4 A 106' 
AC7 Software A NH4 107 ? 5 'BINDING SITE FOR RESIDUE NH4 A 107' 
AC8 Software A NH4 108 ? 5 'BINDING SITE FOR RESIDUE NH4 A 108' 
AC9 Software A NH4 109 ? 5 'BINDING SITE FOR RESIDUE NH4 A 109' 
BC1 Software A NH4 110 ? 5 'BINDING SITE FOR RESIDUE NH4 A 110' 
BC2 Software A NH4 111 ? 4 'BINDING SITE FOR RESIDUE NH4 A 111' 
BC3 Software B NH4 101 ? 4 'BINDING SITE FOR RESIDUE NH4 B 101' 
BC4 Software B NH4 102 ? 5 'BINDING SITE FOR RESIDUE NH4 B 102' 
BC5 Software B NH4 103 ? 6 'BINDING SITE FOR RESIDUE NH4 B 103' 
BC6 Software B NH4 104 ? 6 'BINDING SITE FOR RESIDUE NH4 B 104' 
BC7 Software B NH4 105 ? 5 'BINDING SITE FOR RESIDUE NH4 B 105' 
BC8 Software B NH4 106 ? 5 'BINDING SITE FOR RESIDUE NH4 B 106' 
BC9 Software B NH4 107 ? 5 'BINDING SITE FOR RESIDUE NH4 B 107' 
# 
loop_
_struct_site_gen.id 
_struct_site_gen.site_id 
_struct_site_gen.pdbx_num_res 
_struct_site_gen.label_comp_id 
_struct_site_gen.label_asym_id 
_struct_site_gen.label_seq_id 
_struct_site_gen.pdbx_auth_ins_code 
_struct_site_gen.auth_comp_id 
_struct_site_gen.auth_asym_id 
_struct_site_gen.auth_seq_id 
_struct_site_gen.label_atom_id 
_struct_site_gen.label_alt_id 
_struct_site_gen.symmetry 
_struct_site_gen.details 
1  AC1 3 A   A 2  ? A   A 2   . ? 1_555 ? 
2  AC1 3 A   A 3  ? A   A 3   . ? 1_555 ? 
3  AC1 3 A   B 2  ? A   B 2   . ? 1_555 ? 
4  AC2 4 A   A 3  ? A   A 3   . ? 1_555 ? 
5  AC2 4 A   A 4  ? A   A 4   . ? 1_555 ? 
6  AC2 4 A   A 11 ? A   A 11  . ? 7_645 ? 
7  AC2 4 A   B 3  ? A   B 3   . ? 1_555 ? 
8  AC3 4 A   A 6  ? A   A 6   . ? 1_555 ? 
9  AC3 4 A   A 7  ? A   A 7   . ? 1_555 ? 
10 AC3 4 HOH U .  ? HOH A 216 . ? 7_655 ? 
11 AC3 4 A   B 6  ? A   B 6   . ? 1_555 ? 
12 AC4 6 A   A 5  ? A   A 5   . ? 7_545 ? 
13 AC4 6 A   A 9  ? A   A 9   . ? 1_555 ? 
14 AC4 6 A   A 10 ? A   A 10  . ? 1_555 ? 
15 AC4 6 A   B 9  ? A   B 9   . ? 1_555 ? 
16 AC4 6 A   B 10 ? A   B 10  . ? 1_555 ? 
17 AC4 6 NH4 P .  ? NH4 B 103 . ? 7_545 ? 
18 AC5 4 A   A 4  ? A   A 4   . ? 7_545 ? 
19 AC5 4 A   A 10 ? A   A 10  . ? 1_555 ? 
20 AC5 4 A   A 11 ? A   A 11  . ? 1_555 ? 
21 AC5 4 A   B 10 ? A   B 10  . ? 1_555 ? 
22 AC6 1 A   A 11 ? A   A 11  . ? 1_555 ? 
23 AC7 5 A   A 7  ? A   A 7   . ? 1_555 ? 
24 AC7 5 A   A 8  ? A   A 8   . ? 1_555 ? 
25 AC7 5 HOH U .  ? HOH A 213 . ? 7_555 ? 
26 AC7 5 A   B 7  ? A   B 7   . ? 1_555 ? 
27 AC7 5 A   B 8  ? A   B 8   . ? 1_555 ? 
28 AC8 5 A   A 8  ? A   A 8   . ? 1_555 ? 
29 AC8 5 A   A 9  ? A   A 9   . ? 1_555 ? 
30 AC8 5 HOH U .  ? HOH A 233 . ? 1_555 ? 
31 AC8 5 A   B 8  ? A   B 8   . ? 1_555 ? 
32 AC8 5 A   B 9  ? A   B 9   . ? 1_555 ? 
33 AC9 5 A   A 4  ? A   A 4   . ? 1_555 ? 
34 AC9 5 A   A 5  ? A   A 5   . ? 1_555 ? 
35 AC9 5 HOH U .  ? HOH A 234 . ? 1_555 ? 
36 AC9 5 A   B 4  ? A   B 4   . ? 1_555 ? 
37 AC9 5 A   B 5  ? A   B 5   . ? 1_555 ? 
38 BC1 5 A   A 7  ? A   A 7   . ? 1_555 ? 
39 BC1 5 A   A 8  ? A   A 8   . ? 1_555 ? 
40 BC1 5 HOH U .  ? HOH A 227 . ? 1_555 ? 
41 BC1 5 A   B 5  ? A   B 5   . ? 1_555 ? 
42 BC1 5 A   B 6  ? A   B 6   . ? 1_555 ? 
43 BC2 4 A   A 10 ? A   A 10  . ? 1_555 ? 
44 BC2 4 A   A 11 ? A   A 11  . ? 1_555 ? 
45 BC2 4 A   B 8  ? A   B 8   . ? 1_555 ? 
46 BC2 4 A   B 9  ? A   B 9   . ? 1_555 ? 
47 BC3 4 A   A 1  ? A   A 1   . ? 3_645 ? 
48 BC3 4 A   A 11 ? A   A 11  . ? 1_555 ? 
49 BC3 4 A   B 9  ? A   B 9   . ? 1_555 ? 
50 BC3 4 A   B 10 ? A   B 10  . ? 1_555 ? 
51 BC4 5 A   A 3  ? A   A 3   . ? 1_555 ? 
52 BC4 5 A   A 4  ? A   A 4   . ? 1_555 ? 
53 BC4 5 A   B 1  ? A   B 1   . ? 1_555 ? 
54 BC4 5 A   B 2  ? A   B 2   . ? 1_555 ? 
55 BC4 5 HOH V .  ? HOH B 201 . ? 1_555 ? 
56 BC5 6 A   A 5  ? A   A 5   . ? 1_555 ? 
57 BC5 6 A   A 6  ? A   A 6   . ? 1_555 ? 
58 BC5 6 A   A 9  ? A   A 9   . ? 7_655 ? 
59 BC5 6 NH4 F .  ? NH4 A 104 . ? 7_655 ? 
60 BC5 6 A   B 5  ? A   B 5   . ? 1_555 ? 
61 BC5 6 A   B 6  ? A   B 6   . ? 1_555 ? 
62 BC6 6 A   A 9  ? A   A 9   . ? 1_555 ? 
63 BC6 6 A   A 10 ? A   A 10  . ? 1_555 ? 
64 BC6 6 A   B 5  ? A   B 5   . ? 7_645 ? 
65 BC6 6 A   B 7  ? A   B 7   . ? 1_555 ? 
66 BC6 6 A   B 8  ? A   B 8   . ? 1_555 ? 
67 BC6 6 HOH V .  ? HOH B 213 . ? 7_645 ? 
68 BC7 5 A   A 4  ? A   A 4   . ? 1_555 ? 
69 BC7 5 A   A 5  ? A   A 5   . ? 1_555 ? 
70 BC7 5 A   B 2  ? A   B 2   . ? 1_555 ? 
71 BC7 5 A   B 3  ? A   B 3   . ? 1_555 ? 
72 BC7 5 HOH V .  ? HOH B 204 . ? 7_555 ? 
73 BC8 5 A   A 6  ? A   A 6   . ? 1_555 ? 
74 BC8 5 A   A 7  ? A   A 7   . ? 1_555 ? 
75 BC8 5 A   B 4  ? A   B 4   . ? 1_555 ? 
76 BC8 5 A   B 5  ? A   B 5   . ? 1_555 ? 
77 BC8 5 HOH V .  ? HOH B 210 . ? 7_545 ? 
78 BC9 5 A   A 5  ? A   A 5   . ? 1_555 ? 
79 BC9 5 A   A 6  ? A   A 6   . ? 1_555 ? 
80 BC9 5 A   B 3  ? A   B 3   . ? 1_555 ? 
81 BC9 5 A   B 4  ? A   B 4   . ? 1_555 ? 
82 BC9 5 HOH V .  ? HOH B 214 . ? 1_555 ? 
# 
_pdbx_validate_rmsd_angle.id                         1 
_pdbx_validate_rmsd_angle.PDB_model_num              1 
_pdbx_validate_rmsd_angle.auth_atom_id_1             N1 
_pdbx_validate_rmsd_angle.auth_asym_id_1             A 
_pdbx_validate_rmsd_angle.auth_comp_id_1             A 
_pdbx_validate_rmsd_angle.auth_seq_id_1              3 
_pdbx_validate_rmsd_angle.PDB_ins_code_1             ? 
_pdbx_validate_rmsd_angle.label_alt_id_1             ? 
_pdbx_validate_rmsd_angle.auth_atom_id_2             C2 
_pdbx_validate_rmsd_angle.auth_asym_id_2             A 
_pdbx_validate_rmsd_angle.auth_comp_id_2             A 
_pdbx_validate_rmsd_angle.auth_seq_id_2              3 
_pdbx_validate_rmsd_angle.PDB_ins_code_2             ? 
_pdbx_validate_rmsd_angle.label_alt_id_2             ? 
_pdbx_validate_rmsd_angle.auth_atom_id_3             N3 
_pdbx_validate_rmsd_angle.auth_asym_id_3             A 
_pdbx_validate_rmsd_angle.auth_comp_id_3             A 
_pdbx_validate_rmsd_angle.auth_seq_id_3              3 
_pdbx_validate_rmsd_angle.PDB_ins_code_3             ? 
_pdbx_validate_rmsd_angle.label_alt_id_3             ? 
_pdbx_validate_rmsd_angle.angle_value                134.20 
_pdbx_validate_rmsd_angle.angle_target_value         129.30 
_pdbx_validate_rmsd_angle.angle_deviation            4.90 
_pdbx_validate_rmsd_angle.angle_standard_deviation   0.50 
_pdbx_validate_rmsd_angle.linker_flag                N 
# 
loop_
_pdbx_validate_planes.id 
_pdbx_validate_planes.PDB_model_num 
_pdbx_validate_planes.auth_comp_id 
_pdbx_validate_planes.auth_asym_id 
_pdbx_validate_planes.auth_seq_id 
_pdbx_validate_planes.PDB_ins_code 
_pdbx_validate_planes.label_alt_id 
_pdbx_validate_planes.rmsd 
_pdbx_validate_planes.type 
1 1 A A 1  ? ? 0.079 'SIDE CHAIN' 
2 1 A A 3  ? ? 0.067 'SIDE CHAIN' 
3 1 A A 4  ? ? 0.055 'SIDE CHAIN' 
4 1 A A 7  ? ? 0.053 'SIDE CHAIN' 
5 1 A A 9  ? ? 0.055 'SIDE CHAIN' 
6 1 A B 4  ? ? 0.084 'SIDE CHAIN' 
7 1 A B 11 ? ? 0.056 'SIDE CHAIN' 
# 
loop_
_pdbx_struct_special_symmetry.id 
_pdbx_struct_special_symmetry.PDB_model_num 
_pdbx_struct_special_symmetry.auth_asym_id 
_pdbx_struct_special_symmetry.auth_comp_id 
_pdbx_struct_special_symmetry.auth_seq_id 
_pdbx_struct_special_symmetry.PDB_ins_code 
_pdbx_struct_special_symmetry.label_asym_id 
_pdbx_struct_special_symmetry.label_comp_id 
_pdbx_struct_special_symmetry.label_seq_id 
1 1 A HOH 225 ? U HOH . 
2 1 B HOH 217 ? V HOH . 
# 
loop_
_chem_comp_atom.comp_id 
_chem_comp_atom.atom_id 
_chem_comp_atom.type_symbol 
_chem_comp_atom.pdbx_aromatic_flag 
_chem_comp_atom.pdbx_stereo_config 
_chem_comp_atom.pdbx_ordinal 
A   OP3    O N N 1  
A   P      P N N 2  
A   OP1    O N N 3  
A   OP2    O N N 4  
A   "O5'"  O N N 5  
A   "C5'"  C N N 6  
A   "C4'"  C N R 7  
A   "O4'"  O N N 8  
A   "C3'"  C N S 9  
A   "O3'"  O N N 10 
A   "C2'"  C N R 11 
A   "O2'"  O N N 12 
A   "C1'"  C N R 13 
A   N9     N Y N 14 
A   C8     C Y N 15 
A   N7     N Y N 16 
A   C5     C Y N 17 
A   C6     C Y N 18 
A   N6     N N N 19 
A   N1     N Y N 20 
A   C2     C Y N 21 
A   N3     N Y N 22 
A   C4     C Y N 23 
A   HOP3   H N N 24 
A   HOP2   H N N 25 
A   "H5'"  H N N 26 
A   "H5''" H N N 27 
A   "H4'"  H N N 28 
A   "H3'"  H N N 29 
A   "HO3'" H N N 30 
A   "H2'"  H N N 31 
A   "HO2'" H N N 32 
A   "H1'"  H N N 33 
A   H8     H N N 34 
A   H61    H N N 35 
A   H62    H N N 36 
A   H2     H N N 37 
HOH O      O N N 38 
HOH H1     H N N 39 
HOH H2     H N N 40 
NH4 N      N N N 41 
NH4 HN1    H N N 42 
NH4 HN2    H N N 43 
NH4 HN3    H N N 44 
NH4 HN4    H N N 45 
# 
loop_
_chem_comp_bond.comp_id 
_chem_comp_bond.atom_id_1 
_chem_comp_bond.atom_id_2 
_chem_comp_bond.value_order 
_chem_comp_bond.pdbx_aromatic_flag 
_chem_comp_bond.pdbx_stereo_config 
_chem_comp_bond.pdbx_ordinal 
A   OP3   P      sing N N 1  
A   OP3   HOP3   sing N N 2  
A   P     OP1    doub N N 3  
A   P     OP2    sing N N 4  
A   P     "O5'"  sing N N 5  
A   OP2   HOP2   sing N N 6  
A   "O5'" "C5'"  sing N N 7  
A   "C5'" "C4'"  sing N N 8  
A   "C5'" "H5'"  sing N N 9  
A   "C5'" "H5''" sing N N 10 
A   "C4'" "O4'"  sing N N 11 
A   "C4'" "C3'"  sing N N 12 
A   "C4'" "H4'"  sing N N 13 
A   "O4'" "C1'"  sing N N 14 
A   "C3'" "O3'"  sing N N 15 
A   "C3'" "C2'"  sing N N 16 
A   "C3'" "H3'"  sing N N 17 
A   "O3'" "HO3'" sing N N 18 
A   "C2'" "O2'"  sing N N 19 
A   "C2'" "C1'"  sing N N 20 
A   "C2'" "H2'"  sing N N 21 
A   "O2'" "HO2'" sing N N 22 
A   "C1'" N9     sing N N 23 
A   "C1'" "H1'"  sing N N 24 
A   N9    C8     sing Y N 25 
A   N9    C4     sing Y N 26 
A   C8    N7     doub Y N 27 
A   C8    H8     sing N N 28 
A   N7    C5     sing Y N 29 
A   C5    C6     sing Y N 30 
A   C5    C4     doub Y N 31 
A   C6    N6     sing N N 32 
A   C6    N1     doub Y N 33 
A   N6    H61    sing N N 34 
A   N6    H62    sing N N 35 
A   N1    C2     sing Y N 36 
A   C2    N3     doub Y N 37 
A   C2    H2     sing N N 38 
A   N3    C4     sing Y N 39 
HOH O     H1     sing N N 40 
HOH O     H2     sing N N 41 
NH4 N     HN1    sing N N 42 
NH4 N     HN2    sing N N 43 
NH4 N     HN3    sing N N 44 
NH4 N     HN4    sing N N 45 
# 
loop_
_ndb_struct_conf_na.entry_id 
_ndb_struct_conf_na.feature 
4JRD 'double helix'         
4JRD 'parallel strands'     
4JRD 'mismatched base pair' 
# 
loop_
_ndb_struct_na_base_pair.model_number 
_ndb_struct_na_base_pair.i_label_asym_id 
_ndb_struct_na_base_pair.i_label_comp_id 
_ndb_struct_na_base_pair.i_label_seq_id 
_ndb_struct_na_base_pair.i_symmetry 
_ndb_struct_na_base_pair.j_label_asym_id 
_ndb_struct_na_base_pair.j_label_comp_id 
_ndb_struct_na_base_pair.j_label_seq_id 
_ndb_struct_na_base_pair.j_symmetry 
_ndb_struct_na_base_pair.shear 
_ndb_struct_na_base_pair.stretch 
_ndb_struct_na_base_pair.stagger 
_ndb_struct_na_base_pair.buckle 
_ndb_struct_na_base_pair.propeller 
_ndb_struct_na_base_pair.opening 
_ndb_struct_na_base_pair.pair_number 
_ndb_struct_na_base_pair.pair_name 
_ndb_struct_na_base_pair.i_auth_asym_id 
_ndb_struct_na_base_pair.i_auth_seq_id 
_ndb_struct_na_base_pair.i_PDB_ins_code 
_ndb_struct_na_base_pair.j_auth_asym_id 
_ndb_struct_na_base_pair.j_auth_seq_id 
_ndb_struct_na_base_pair.j_PDB_ins_code 
_ndb_struct_na_base_pair.hbond_type_28 
_ndb_struct_na_base_pair.hbond_type_12 
1 A A 2  1_555 B A 1  1_555 -6.182 5.025  -0.025 -13.408 4.781   -179.467 1  A_A2:A1_B   A 2  ? B 1  ? 2 8 
1 A A 3  1_555 B A 2  1_555 -6.071 5.012  -0.335 -10.282 3.293   -179.334 2  A_A3:A2_B   A 3  ? B 2  ? 2 8 
1 A A 4  1_555 B A 3  1_555 6.228  -4.982 0.020  5.218   -10.155 179.914  3  A_A4:A3_B   A 4  ? B 3  ? 2 8 
1 A A 5  1_555 B A 4  1_555 6.173  -5.037 0.102  2.843   -11.912 179.150  4  A_A5:A4_B   A 5  ? B 4  ? 2 8 
1 A A 6  1_555 B A 5  1_555 -6.191 5.006  0.080  -0.083  12.517  -179.982 5  A_A6:A5_B   A 6  ? B 5  ? 2 8 
1 A A 7  1_555 B A 6  1_555 -6.156 5.094  0.057  3.242   13.478  -176.770 6  A_A7:A6_B   A 7  ? B 6  ? 2 8 
1 A A 8  1_555 B A 7  1_555 -6.001 5.151  -0.025 0.631   14.220  -179.556 7  A_A8:A7_B   A 8  ? B 7  ? 2 8 
1 A A 9  1_555 B A 8  1_555 6.110  -5.056 -0.051 -2.264  -15.216 179.228  8  A_A9:A8_B   A 9  ? B 8  ? 2 8 
1 A A 10 1_555 B A 9  1_555 -6.191 4.996  -0.033 4.937   13.390  -179.243 9  A_A10:A9_B  A 10 ? B 9  ? 2 8 
1 A A 11 1_555 B A 10 1_555 -6.148 5.017  0.102  0.116   5.294   -178.911 10 A_A11:A10_B A 11 ? B 10 ? 2 8 
# 
loop_
_ndb_struct_na_base_pair_step.model_number 
_ndb_struct_na_base_pair_step.i_label_asym_id_1 
_ndb_struct_na_base_pair_step.i_label_comp_id_1 
_ndb_struct_na_base_pair_step.i_label_seq_id_1 
_ndb_struct_na_base_pair_step.i_symmetry_1 
_ndb_struct_na_base_pair_step.j_label_asym_id_1 
_ndb_struct_na_base_pair_step.j_label_comp_id_1 
_ndb_struct_na_base_pair_step.j_label_seq_id_1 
_ndb_struct_na_base_pair_step.j_symmetry_1 
_ndb_struct_na_base_pair_step.i_label_asym_id_2 
_ndb_struct_na_base_pair_step.i_label_comp_id_2 
_ndb_struct_na_base_pair_step.i_label_seq_id_2 
_ndb_struct_na_base_pair_step.i_symmetry_2 
_ndb_struct_na_base_pair_step.j_label_asym_id_2 
_ndb_struct_na_base_pair_step.j_label_comp_id_2 
_ndb_struct_na_base_pair_step.j_label_seq_id_2 
_ndb_struct_na_base_pair_step.j_symmetry_2 
_ndb_struct_na_base_pair_step.shift 
_ndb_struct_na_base_pair_step.slide 
_ndb_struct_na_base_pair_step.rise 
_ndb_struct_na_base_pair_step.tilt 
_ndb_struct_na_base_pair_step.roll 
_ndb_struct_na_base_pair_step.twist 
_ndb_struct_na_base_pair_step.x_displacement 
_ndb_struct_na_base_pair_step.y_displacement 
_ndb_struct_na_base_pair_step.helical_rise 
_ndb_struct_na_base_pair_step.inclination 
_ndb_struct_na_base_pair_step.tip 
_ndb_struct_na_base_pair_step.helical_twist 
_ndb_struct_na_base_pair_step.step_number 
_ndb_struct_na_base_pair_step.step_name 
_ndb_struct_na_base_pair_step.i_auth_asym_id_1 
_ndb_struct_na_base_pair_step.i_auth_seq_id_1 
_ndb_struct_na_base_pair_step.i_PDB_ins_code_1 
_ndb_struct_na_base_pair_step.j_auth_asym_id_1 
_ndb_struct_na_base_pair_step.j_auth_seq_id_1 
_ndb_struct_na_base_pair_step.j_PDB_ins_code_1 
_ndb_struct_na_base_pair_step.i_auth_asym_id_2 
_ndb_struct_na_base_pair_step.i_auth_seq_id_2 
_ndb_struct_na_base_pair_step.i_PDB_ins_code_2 
_ndb_struct_na_base_pair_step.j_auth_asym_id_2 
_ndb_struct_na_base_pair_step.j_auth_seq_id_2 
_ndb_struct_na_base_pair_step.j_PDB_ins_code_2 
1 A A 2  1_555 B A 1 1_555 A A 3  1_555 B A 2  1_555 -0.079 -1.754 3.491 4.899  4.432  33.016   -3.776 0.961  3.191 7.702  -8.514 
33.652   1 AA_A2A3:A2A1_BB    A 2  ? B 1 ? A 3  ? B 2  ? 
1 A A 3  1_555 B A 2 1_555 A A 4  1_555 B A 3  1_555 0.025  -0.462 3.817 0.081  -3.624 -138.966 0.271  0.014  3.812 1.934  0.043  
-138.988 2 AA_A3A4:A3A2_BB    A 3  ? B 2 ? A 4  ? B 3  ? 
1 A A 4  1_555 B A 3 1_555 A A 5  1_555 B A 4  1_555 0.165  -0.403 3.750 0.341  1.511  41.576   -0.751 -0.191 3.735 2.128  -0.480 
41.604   3 AA_A4A5:A4A3_BB    A 4  ? B 3 ? A 5  ? B 4  ? 
1 A A 5  1_555 B A 4 1_555 A A 6  1_555 B A 5  1_555 0.287  -0.515 3.780 -1.113 1.330  -136.301 0.268  0.146  3.783 -0.716 -0.599 
-136.306 4 AA_A5A6:A5A4_BB    A 5  ? B 4 ? A 6  ? B 5  ? 
1 A A 6  1_555 B A 5 1_555 A A 7  1_555 B A 6  1_555 0.238  -0.441 3.764 -0.199 0.191  41.128   -0.651 -0.364 3.761 0.271  0.283  
41.129   5 AA_A6A7:A6A5_BB    A 6  ? B 5 ? A 7  ? B 6  ? 
1 A A 7  1_555 B A 6 1_555 A A 8  1_555 B A 7  1_555 -0.151 0.078  3.811 1.084  0.742  45.108   0.025  0.310  3.807 0.967  -1.413 
45.127   6 AA_A7A8:A7A6_BB    A 7  ? B 6 ? A 8  ? B 7  ? 
1 A A 8  1_555 B A 7 1_555 A A 9  1_555 B A 8  1_555 -0.224 -0.024 3.827 0.426  -0.264 -139.076 0.014  -0.117 3.828 0.141  0.227  
-139.077 7 AA_A8A9:A8A7_BB    A 8  ? B 7 ? A 9  ? B 8  ? 
1 A A 9  1_555 B A 8 1_555 A A 10 1_555 B A 9  1_555 -0.362 0.231  3.778 0.234  0.693  -138.296 -0.128 -0.192 3.778 -0.371 0.125  
-138.297 8 AA_A9A10:A9A8_BB   A 9  ? B 8 ? A 10 ? B 9  ? 
1 A A 10 1_555 B A 9 1_555 A A 11 1_555 B A 10 1_555 -0.134 -0.036 3.563 -0.878 -1.142 40.050   0.089  0.086  3.565 -1.667 1.282  
40.074   9 AA_A10A11:A10A9_BB A 10 ? B 9 ? A 11 ? B 10 ? 
# 
_atom_sites.entry_id                    4JRD 
_atom_sites.fract_transf_matrix[1][1]   0.03539323 
_atom_sites.fract_transf_matrix[1][2]   0.01967912 
_atom_sites.fract_transf_matrix[1][3]   -0.01684493 
_atom_sites.fract_transf_matrix[2][1]   0.00183598 
_atom_sites.fract_transf_matrix[2][2]   0.02654392 
_atom_sites.fract_transf_matrix[2][3]   0.03486759 
_atom_sites.fract_transf_matrix[3][1]   0.00359895 
_atom_sites.fract_transf_matrix[3][2]   -0.00401721 
_atom_sites.fract_transf_matrix[3][3]   0.00286871 
_atom_sites.fract_transf_vector[1]      1.025957 
_atom_sites.fract_transf_vector[2]      0.474878 
_atom_sites.fract_transf_vector[3]      -0.026896 
# 
loop_
_atom_type.symbol 
C 
N 
O 
P 
# 
loop_
_atom_site.group_PDB 
_atom_site.id 
_atom_site.type_symbol 
_atom_site.label_atom_id 
_atom_site.label_alt_id 
_atom_site.label_comp_id 
_atom_site.label_asym_id 
_atom_site.label_entity_id 
_atom_site.label_seq_id 
_atom_site.pdbx_PDB_ins_code 
_atom_site.Cartn_x 
_atom_site.Cartn_y 
_atom_site.Cartn_z 
_atom_site.occupancy 
_atom_site.B_iso_or_equiv 
_atom_site.pdbx_formal_charge 
_atom_site.auth_seq_id 
_atom_site.auth_comp_id 
_atom_site.auth_asym_id 
_atom_site.auth_atom_id 
_atom_site.pdbx_PDB_model_num 
ATOM   1   O "O5'" . A   A 1 1  ? -11.749 11.463  -13.646 1.00 23.41 ? 1   A   A "O5'" 1 
ATOM   2   C "C5'" . A   A 1 1  ? -11.211 11.733  -14.950 1.00 21.47 ? 1   A   A "C5'" 1 
ATOM   3   C "C4'" . A   A 1 1  ? -10.118 12.773  -14.829 1.00 19.45 ? 1   A   A "C4'" 1 
ATOM   4   O "O4'" . A   A 1 1  ? -10.666 13.957  -14.181 1.00 20.13 ? 1   A   A "O4'" 1 
ATOM   5   C "C3'" . A   A 1 1  ? -8.965  12.356  -13.917 1.00 18.13 ? 1   A   A "C3'" 1 
ATOM   6   O "O3'" . A   A 1 1  ? -8.047  11.595  -14.708 1.00 17.94 ? 1   A   A "O3'" 1 
ATOM   7   C "C2'" . A   A 1 1  ? -8.394  13.732  -13.550 1.00 17.57 ? 1   A   A "C2'" 1 
ATOM   8   O "O2'" . A   A 1 1  ? -7.629  14.297  -14.596 1.00 20.13 ? 1   A   A "O2'" 1 
ATOM   9   C "C1'" . A   A 1 1  ? -9.672  14.539  -13.358 1.00 17.90 ? 1   A   A "C1'" 1 
ATOM   10  N N9    . A   A 1 1  ? -10.174 14.491  -11.982 1.00 17.00 ? 1   A   A N9    1 
ATOM   11  C C8    . A   A 1 1  ? -11.308 13.883  -11.498 1.00 16.63 ? 1   A   A C8    1 
ATOM   12  N N7    . A   A 1 1  ? -11.621 14.247  -10.270 1.00 16.08 ? 1   A   A N7    1 
ATOM   13  C C5    . A   A 1 1  ? -10.619 15.148  -9.939  1.00 15.97 ? 1   A   A C5    1 
ATOM   14  C C6    . A   A 1 1  ? -10.368 15.888  -8.770  1.00 16.18 ? 1   A   A C6    1 
ATOM   15  N N6    . A   A 1 1  ? -11.180 15.953  -7.711  1.00 17.88 ? 1   A   A N6    1 
ATOM   16  N N1    . A   A 1 1  ? -9.263  16.673  -8.776  1.00 16.56 ? 1   A   A N1    1 
ATOM   17  C C2    . A   A 1 1  ? -8.468  16.708  -9.856  1.00 18.00 ? 1   A   A C2    1 
ATOM   18  N N3    . A   A 1 1  ? -8.602  16.051  -11.016 1.00 18.10 ? 1   A   A N3    1 
ATOM   19  C C4    . A   A 1 1  ? -9.709  15.283  -10.964 1.00 16.82 ? 1   A   A C4    1 
ATOM   20  P P     . A   A 1 2  ? -6.843  10.826  -13.969 1.00 18.16 ? 2   A   A P     1 
ATOM   21  O OP1   . A   A 1 2  ? -6.268  9.931   -14.992 1.00 21.13 ? 2   A   A OP1   1 
ATOM   22  O OP2   . A   A 1 2  ? -7.330  10.352  -12.630 1.00 18.68 ? 2   A   A OP2   1 
ATOM   23  O "O5'" . A   A 1 2  ? -5.796  11.988  -13.640 1.00 18.60 ? 2   A   A "O5'" 1 
ATOM   24  C "C5'" . A   A 1 2  ? -5.028  12.514  -14.741 1.00 19.95 ? 2   A   A "C5'" 1 
ATOM   25  C "C4'" . A   A 1 2  ? -3.981  13.442  -14.191 1.00 20.38 ? 2   A   A "C4'" 1 
ATOM   26  O "O4'" . A   A 1 2  ? -4.568  14.546  -13.467 1.00 21.56 ? 2   A   A "O4'" 1 
ATOM   27  C "C3'" . A   A 1 2  ? -3.085  12.770  -13.158 1.00 18.29 ? 2   A   A "C3'" 1 
ATOM   28  O "O3'" . A   A 1 2  ? -2.148  11.954  -13.845 1.00 19.09 ? 2   A   A "O3'" 1 
ATOM   29  C "C2'" . A   A 1 2  ? -2.509  13.987  -12.438 1.00 20.15 ? 2   A   A "C2'" 1 
ATOM   30  O "O2'" . A   A 1 2  ? -1.533  14.677  -13.220 1.00 23.51 ? 2   A   A "O2'" 1 
ATOM   31  C "C1'" . A   A 1 2  ? -3.757  14.872  -12.352 1.00 20.23 ? 2   A   A "C1'" 1 
ATOM   32  N N9    . A   A 1 2  ? -4.563  14.663  -11.154 1.00 18.73 ? 2   A   A N9    1 
ATOM   33  C C8    . A   A 1 2  ? -5.586  13.758  -11.032 1.00 17.15 ? 2   A   A C8    1 
ATOM   34  N N7    . A   A 1 2  ? -6.152  13.772  -9.844  1.00 16.51 ? 2   A   A N7    1 
ATOM   35  C C5    . A   A 1 2  ? -5.504  14.811  -9.187  1.00 16.64 ? 2   A   A C5    1 
ATOM   36  C C6    . A   A 1 2  ? -5.722  15.402  -7.929  1.00 16.93 ? 2   A   A C6    1 
ATOM   37  N N6    . A   A 1 2  ? -6.692  14.958  -7.121  1.00 17.94 ? 2   A   A N6    1 
ATOM   38  N N1    . A   A 1 2  ? -4.924  16.425  -7.542  1.00 21.11 ? 2   A   A N1    1 
ATOM   39  C C2    . A   A 1 2  ? -3.982  16.830  -8.401  1.00 21.68 ? 2   A   A C2    1 
ATOM   40  N N3    . A   A 1 2  ? -3.705  16.370  -9.622  1.00 22.86 ? 2   A   A N3    1 
ATOM   41  C C4    . A   A 1 2  ? -4.529  15.368  -9.983  1.00 19.61 ? 2   A   A C4    1 
ATOM   42  P P     . A   A 1 3  ? -1.693  10.565  -13.158 1.00 18.46 ? 3   A   A P     1 
ATOM   43  O OP1   . A   A 1 3  ? -0.506  10.142  -13.939 1.00 20.27 ? 3   A   A OP1   1 
ATOM   44  O OP2   . A   A 1 3  ? -2.893  9.724   -12.938 1.00 18.86 ? 3   A   A OP2   1 
ATOM   45  O "O5'" . A   A 1 3  ? -1.200  11.104  -11.758 1.00 18.76 ? 3   A   A "O5'" 1 
ATOM   46  C "C5'" . A   A 1 3  ? -1.514  10.422  -10.519 1.00 16.59 ? 3   A   A "C5'" 1 
ATOM   47  C "C4'" . A   A 1 3  ? -1.224  11.436  -9.438  1.00 15.36 ? 3   A   A "C4'" 1 
ATOM   48  O "O4'" . A   A 1 3  ? -2.304  12.408  -9.362  1.00 15.64 ? 3   A   A "O4'" 1 
ATOM   49  C "C3'" . A   A 1 3  ? -1.228  10.826  -8.043  1.00 14.06 ? 3   A   A "C3'" 1 
ATOM   50  O "O3'" . A   A 1 3  ? 0.015   10.174  -7.791  1.00 14.14 ? 3   A   A "O3'" 1 
ATOM   51  C "C2'" . A   A 1 3  ? -1.391  12.093  -7.215  1.00 14.83 ? 3   A   A "C2'" 1 
ATOM   52  O "O2'" . A   A 1 3  ? -0.224  12.882  -7.185  1.00 16.75 ? 3   A   A "O2'" 1 
ATOM   53  C "C1'" . A   A 1 3  ? -2.501  12.801  -8.014  1.00 14.78 ? 3   A   A "C1'" 1 
ATOM   54  N N9    . A   A 1 3  ? -3.808  12.313  -7.571  1.00 13.54 ? 3   A   A N9    1 
ATOM   55  C C8    . A   A 1 3  ? -4.563  11.342  -8.172  1.00 13.82 ? 3   A   A C8    1 
ATOM   56  N N7    . A   A 1 3  ? -5.578  10.949  -7.446  1.00 12.96 ? 3   A   A N7    1 
ATOM   57  C C5    . A   A 1 3  ? -5.465  11.675  -6.277  1.00 12.38 ? 3   A   A C5    1 
ATOM   58  C C6    . A   A 1 3  ? -6.227  11.648  -5.094  1.00 12.50 ? 3   A   A C6    1 
ATOM   59  N N6    . A   A 1 3  ? -7.243  10.832  -4.860  1.00 13.30 ? 3   A   A N6    1 
ATOM   60  N N1    . A   A 1 3  ? -5.864  12.475  -4.100  1.00 13.87 ? 3   A   A N1    1 
ATOM   61  C C2    . A   A 1 3  ? -4.820  13.226  -4.337  1.00 14.37 ? 3   A   A C2    1 
ATOM   62  N N3    . A   A 1 3  ? -3.984  13.361  -5.371  1.00 14.07 ? 3   A   A N3    1 
ATOM   63  C C4    . A   A 1 3  ? -4.365  12.494  -6.328  1.00 13.01 ? 3   A   A C4    1 
ATOM   64  P P     . A   A 1 4  ? -0.036  8.842   -6.907  1.00 13.51 ? 4   A   A P     1 
ATOM   65  O OP1   . A   A 1 4  ? 1.386   8.404   -6.869  1.00 15.12 ? 4   A   A OP1   1 
ATOM   66  O OP2   . A   A 1 4  ? -1.110  7.932   -7.371  1.00 14.25 ? 4   A   A OP2   1 
ATOM   67  O "O5'" . A   A 1 4  ? -0.468  9.365   -5.469  1.00 12.53 ? 4   A   A "O5'" 1 
ATOM   68  C "C5'" . A   A 1 4  ? 0.324   10.348  -4.790  1.00 12.65 ? 4   A   A "C5'" 1 
ATOM   69  C "C4'" . A   A 1 4  ? -0.346  10.781  -3.510  1.00 11.97 ? 4   A   A "C4'" 1 
ATOM   70  O "O4'" . A   A 1 4  ? -1.665  11.317  -3.809  1.00 12.48 ? 4   A   A "O4'" 1 
ATOM   71  C "C3'" . A   A 1 4  ? -0.638  9.651   -2.512  1.00 11.18 ? 4   A   A "C3'" 1 
ATOM   72  O "O3'" . A   A 1 4  ? 0.550   9.338   -1.794  1.00 11.15 ? 4   A   A "O3'" 1 
ATOM   73  C "C2'" . A   A 1 4  ? -1.703  10.326  -1.647  1.00 11.39 ? 4   A   A "C2'" 1 
ATOM   74  O "O2'" . A   A 1 4  ? -1.118  11.307  -0.813  1.00 12.94 ? 4   A   A "O2'" 1 
ATOM   75  C "C1'" . A   A 1 4  ? -2.536  10.996  -2.731  1.00 12.22 ? 4   A   A "C1'" 1 
ATOM   76  N N9    . A   A 1 4  ? -3.556  10.067  -3.231  1.00 11.84 ? 4   A   A N9    1 
ATOM   77  C C8    . A   A 1 4  ? -3.563  9.339   -4.387  1.00 12.40 ? 4   A   A C8    1 
ATOM   78  N N7    . A   A 1 4  ? -4.520  8.446   -4.448  1.00 12.08 ? 4   A   A N7    1 
ATOM   79  C C5    . A   A 1 4  ? -5.183  8.607   -3.243  1.00 11.57 ? 4   A   A C5    1 
ATOM   80  C C6    . A   A 1 4  ? -6.275  7.913   -2.690  1.00 12.23 ? 4   A   A C6    1 
ATOM   81  N N6    . A   A 1 4  ? -6.917  6.917   -3.304  1.00 12.91 ? 4   A   A N6    1 
ATOM   82  N N1    . A   A 1 4  ? -6.641  8.270   -1.442  1.00 12.67 ? 4   A   A N1    1 
ATOM   83  C C2    . A   A 1 4  ? -5.998  9.272   -0.831  1.00 12.83 ? 4   A   A C2    1 
ATOM   84  N N3    . A   A 1 4  ? -4.971  10.001  -1.255  1.00 12.56 ? 4   A   A N3    1 
ATOM   85  C C4    . A   A 1 4  ? -4.603  9.599   -2.484  1.00 11.98 ? 4   A   A C4    1 
ATOM   86  P P     . A   A 1 5  ? 0.801   7.811   -1.339  1.00 11.09 ? 5   A   A P     1 
ATOM   87  O OP1   . A   A 1 5  ? 2.177   7.842   -0.801  1.00 13.23 ? 5   A   A OP1   1 
ATOM   88  O OP2   . A   A 1 5  ? 0.455   6.888   -2.453  1.00 11.63 ? 5   A   A OP2   1 
ATOM   89  O "O5'" . A   A 1 5  ? -0.277  7.582   -0.203  1.00 11.34 ? 5   A   A "O5'" 1 
ATOM   90  C "C5'" . A   A 1 5  ? -0.266  8.410   0.985   1.00 11.56 ? 5   A   A "C5'" 1 
ATOM   91  C "C4'" . A   A 1 5  ? -1.533  8.233   1.774   1.00 11.63 ? 5   A   A "C4'" 1 
ATOM   92  O "O4'" . A   A 1 5  ? -2.721  8.466   0.947   1.00 11.89 ? 5   A   A "O4'" 1 
ATOM   93  C "C3'" . A   A 1 5  ? -1.749  6.819   2.300   1.00 10.69 ? 5   A   A "C3'" 1 
ATOM   94  O "O3'" . A   A 1 5  ? -0.972  6.623   3.479   1.00 10.84 ? 5   A   A "O3'" 1 
ATOM   95  C "C2'" . A   A 1 5  ? -3.250  6.832   2.572   1.00 11.63 ? 5   A   A "C2'" 1 
ATOM   96  O "O2'" . A   A 1 5  ? -3.519  7.608   3.722   1.00 11.81 ? 5   A   A "O2'" 1 
ATOM   97  C "C1'" . A   A 1 5  ? -3.751  7.577   1.321   1.00 11.53 ? 5   A   A "C1'" 1 
ATOM   98  N N9    . A   A 1 5  ? -3.978  6.647   0.215   1.00 11.66 ? 5   A   A N9    1 
ATOM   99  C C8    . A   A 1 5  ? -3.235  6.512   -0.918  1.00 11.77 ? 5   A   A C8    1 
ATOM   100 N N7    . A   A 1 5  ? -3.671  5.582   -1.722  1.00 11.74 ? 5   A   A N7    1 
ATOM   101 C C5    . A   A 1 5  ? -4.781  5.055   -1.068  1.00 11.31 ? 5   A   A C5    1 
ATOM   102 C C6    . A   A 1 5  ? -5.674  4.025   -1.409  1.00 11.30 ? 5   A   A C6    1 
ATOM   103 N N6    . A   A 1 5  ? -5.584  3.311   -2.527  1.00 12.13 ? 5   A   A N6    1 
ATOM   104 N N1    . A   A 1 5  ? -6.652  3.738   -0.518  1.00 11.85 ? 5   A   A N1    1 
ATOM   105 C C2    . A   A 1 5  ? -6.749  4.469   0.602   1.00 12.51 ? 5   A   A C2    1 
ATOM   106 N N3    . A   A 1 5  ? -5.981  5.469   1.012   1.00 12.19 ? 5   A   A N3    1 
ATOM   107 C C4    . A   A 1 5  ? -4.988  5.709   0.133   1.00 11.42 ? 5   A   A C4    1 
ATOM   108 P P     . A   A 1 6  ? -0.337  5.164   3.752   1.00 10.86 ? 6   A   A P     1 
ATOM   109 O OP1   . A   A 1 6  ? 0.411   5.294   5.029   1.00 11.92 ? 6   A   A OP1   1 
ATOM   110 O OP2   . A   A 1 6  ? 0.353   4.647   2.555   1.00 12.12 ? 6   A   A OP2   1 
ATOM   111 O "O5'" . A   A 1 6  ? -1.625  4.251   3.942   1.00 11.14 ? 6   A   A "O5'" 1 
ATOM   112 C "C5'" . A   A 1 6  ? -2.477  4.437   5.083   1.00 12.22 ? 6   A   A "C5'" 1 
ATOM   113 C "C4'" . A   A 1 6  ? -3.675  3.544   4.941   1.00 11.89 ? 6   A   A "C4'" 1 
ATOM   114 O "O4'" . A   A 1 6  ? -4.426  3.857   3.732   1.00 12.05 ? 6   A   A "O4'" 1 
ATOM   115 C "C3'" . A   A 1 6  ? -3.357  2.064   4.777   1.00 11.76 ? 6   A   A "C3'" 1 
ATOM   116 O "O3'" . A   A 1 6  ? -3.025  1.443   6.012   1.00 11.83 ? 6   A   A "O3'" 1 
ATOM   117 C "C2'" . A   A 1 6  ? -4.655  1.532   4.177   1.00 11.91 ? 6   A   A "C2'" 1 
ATOM   118 O "O2'" . A   A 1 6  ? -5.671  1.498   5.162   1.00 12.65 ? 6   A   A "O2'" 1 
ATOM   119 C "C1'" . A   A 1 6  ? -4.964  2.670   3.181   1.00 11.69 ? 6   A   A "C1'" 1 
ATOM   120 N N9    . A   A 1 6  ? -4.319  2.405   1.907   1.00 11.35 ? 6   A   A N9    1 
ATOM   121 C C8    . A   A 1 6  ? -3.155  2.952   1.424   1.00 11.03 ? 6   A   A C8    1 
ATOM   122 N N7    . A   A 1 6  ? -2.750  2.393   0.313   1.00 11.15 ? 6   A   A N7    1 
ATOM   123 C C5    . A   A 1 6  ? -3.742  1.461   0.014   1.00 11.10 ? 6   A   A C5    1 
ATOM   124 C C6    . A   A 1 6  ? -3.862  0.525   -1.027  1.00 10.99 ? 6   A   A C6    1 
ATOM   125 N N6    . A   A 1 6  ? -2.989  0.437   -2.028  1.00 11.38 ? 6   A   A N6    1 
ATOM   126 N N1    . A   A 1 6  ? -4.921  -0.301  -0.993  1.00 12.04 ? 6   A   A N1    1 
ATOM   127 C C2    . A   A 1 6  ? -5.794  -0.187  0.019   1.00 12.58 ? 6   A   A C2    1 
ATOM   128 N N3    . A   A 1 6  ? -5.776  0.640   1.055   1.00 12.25 ? 6   A   A N3    1 
ATOM   129 C C4    . A   A 1 6  ? -4.701  1.447   1.004   1.00 11.53 ? 6   A   A C4    1 
ATOM   130 P P     . A   A 1 7  ? -1.854  0.326   6.022   1.00 12.46 ? 7   A   A P     1 
ATOM   131 O OP1   . A   A 1 7  ? -1.682  -0.051  7.445   1.00 14.54 ? 7   A   A OP1   1 
ATOM   132 O OP2   . A   A 1 7  ? -0.693  0.797   5.232   1.00 12.72 ? 7   A   A OP2   1 
ATOM   133 O "O5'" . A   A 1 7  ? -2.512  -0.877  5.189   1.00 12.75 ? 7   A   A "O5'" 1 
ATOM   134 C "C5'" . A   A 1 7  ? -3.724  -1.472  5.697   1.00 13.56 ? 7   A   A "C5'" 1 
ATOM   135 C "C4'" . A   A 1 7  ? -4.329  -2.409  4.685   1.00 13.24 ? 7   A   A "C4'" 1 
ATOM   136 O "O4'" . A   A 1 7  ? -4.586  -1.697  3.446   1.00 12.98 ? 7   A   A "O4'" 1 
ATOM   137 C "C3'" . A   A 1 7  ? -3.395  -3.531  4.246   1.00 11.83 ? 7   A   A "C3'" 1 
ATOM   138 O "O3'" . A   A 1 7  ? -3.393  -4.596  5.183   1.00 11.97 ? 7   A   A "O3'" 1 
ATOM   139 C "C2'" . A   A 1 7  ? -4.028  -3.926  2.905   1.00 12.21 ? 7   A   A "C2'" 1 
ATOM   140 O "O2'" . A   A 1 7  ? -5.228  -4.639  3.099   1.00 14.54 ? 7   A   A "O2'" 1 
ATOM   141 C "C1'" . A   A 1 7  ? -4.322  -2.531  2.336   1.00 12.56 ? 7   A   A "C1'" 1 
ATOM   142 N N9    . A   A 1 7  ? -3.153  -1.989  1.634   1.00 11.83 ? 7   A   A N9    1 
ATOM   143 C C8    . A   A 1 7  ? -2.244  -1.058  2.047   1.00 11.33 ? 7   A   A C8    1 
ATOM   144 N N7    . A   A 1 7  ? -1.198  -0.959  1.236   1.00 11.32 ? 7   A   A N7    1 
ATOM   145 C C5    . A   A 1 7  ? -1.473  -1.881  0.243   1.00 11.14 ? 7   A   A C5    1 
ATOM   146 C C6    . A   A 1 7  ? -0.724  -2.295  -0.875  1.00 11.72 ? 7   A   A C6    1 
ATOM   147 N N6    . A   A 1 7  ? 0.457   -1.780  -1.182  1.00 12.25 ? 7   A   A N6    1 
ATOM   148 N N1    . A   A 1 7  ? -1.227  -3.304  -1.613  1.00 12.53 ? 7   A   A N1    1 
ATOM   149 C C2    . A   A 1 7  ? -2.416  -3.828  -1.272  1.00 13.34 ? 7   A   A C2    1 
ATOM   150 N N3    . A   A 1 7  ? -3.203  -3.526  -0.253  1.00 12.36 ? 7   A   A N3    1 
ATOM   151 C C4    . A   A 1 7  ? -2.654  -2.544  0.473   1.00 11.29 ? 7   A   A C4    1 
ATOM   152 P P     . A   A 1 8  ? -2.030  -5.457  5.353   1.00 12.25 ? 8   A   A P     1 
ATOM   153 O OP1   . A   A 1 8  ? -2.343  -6.455  6.411   1.00 13.44 ? 8   A   A OP1   1 
ATOM   154 O OP2   . A   A 1 8  ? -0.880  -4.528  5.578   1.00 12.74 ? 8   A   A OP2   1 
ATOM   155 O "O5'" . A   A 1 8  ? -1.848  -6.160  3.933   1.00 12.22 ? 8   A   A "O5'" 1 
ATOM   156 C "C5'" . A   A 1 8  ? -2.844  -7.120  3.495   1.00 12.62 ? 8   A   A "C5'" 1 
ATOM   157 C "C4'" . A   A 1 8  ? -2.485  -7.632  2.128   1.00 12.39 ? 8   A   A "C4'" 1 
ATOM   158 O "O4'" . A   A 1 8  ? -2.356  -6.541  1.176   1.00 12.82 ? 8   A   A "O4'" 1 
ATOM   159 C "C3'" . A   A 1 8  ? -1.110  -8.312  2.033   1.00 11.30 ? 8   A   A "C3'" 1 
ATOM   160 O "O3'" . A   A 1 8  ? -1.214  -9.633  2.550   1.00 11.76 ? 8   A   A "O3'" 1 
ATOM   161 C "C2'" . A   A 1 8  ? -0.862  -8.261  0.527   1.00 12.06 ? 8   A   A "C2'" 1 
ATOM   162 O "O2'" . A   A 1 8  ? -1.694  -9.185  -0.137  1.00 14.36 ? 8   A   A "O2'" 1 
ATOM   163 C "C1'" . A   A 1 8  ? -1.334  -6.825  0.222   1.00 12.36 ? 8   A   A "C1'" 1 
ATOM   164 N N9    . A   A 1 8  ? -0.248  -5.869  0.479   1.00 11.71 ? 8   A   A N9    1 
ATOM   165 C C8    . A   A 1 8  ? -0.081  -5.005  1.530   1.00 11.42 ? 8   A   A C8    1 
ATOM   166 N N7    . A   A 1 8  ? 1.054   -4.351  1.551   1.00 11.40 ? 8   A   A N7    1 
ATOM   167 C C5    . A   A 1 8  ? 1.703   -4.829  0.410   1.00 11.36 ? 8   A   A C5    1 
ATOM   168 C C6    . A   A 1 8  ? 2.979   -4.562  -0.118  1.00 11.41 ? 8   A   A C6    1 
ATOM   169 N N6    . A   A 1 8  ? 3.827   -3.696  0.440   1.00 11.55 ? 8   A   A N6    1 
ATOM   170 N N1    . A   A 1 8  ? 3.318   -5.221  -1.242  1.00 11.79 ? 8   A   A N1    1 
ATOM   171 C C2    . A   A 1 8  ? 2.446   -6.070  -1.796  1.00 12.47 ? 8   A   A C2    1 
ATOM   172 N N3    . A   A 1 8  ? 1.222   -6.403  -1.388  1.00 12.67 ? 8   A   A N3    1 
ATOM   173 C C4    . A   A 1 8  ? 0.901   -5.735  -0.263  1.00 11.79 ? 8   A   A C4    1 
ATOM   174 P P     . A   A 1 9  ? 0.070   -10.223 3.320   1.00 11.16 ? 9   A   A P     1 
ATOM   175 O OP1   . A   A 1 9  ? -0.320  -11.573 3.798   1.00 12.33 ? 9   A   A OP1   1 
ATOM   176 O OP2   . A   A 1 9  ? 0.563   -9.226  4.302   1.00 11.35 ? 9   A   A OP2   1 
ATOM   177 O "O5'" . A   A 1 9  ? 1.185   -10.312 2.196   1.00 11.00 ? 9   A   A "O5'" 1 
ATOM   178 C "C5'" . A   A 1 9  ? 0.980   -11.209 1.072   1.00 11.92 ? 9   A   A "C5'" 1 
ATOM   179 C "C4'" . A   A 1 9  ? 2.137   -11.056 0.109   1.00 11.42 ? 9   A   A "C4'" 1 
ATOM   180 O "O4'" . A   A 1 9  ? 2.192   -9.677  -0.360  1.00 11.42 ? 9   A   A "O4'" 1 
ATOM   181 C "C3'" . A   A 1 9  ? 3.514   -11.260 0.705   1.00 10.67 ? 9   A   A "C3'" 1 
ATOM   182 O "O3'" . A   A 1 9  ? 3.785   -12.664 0.828   1.00 10.45 ? 9   A   A "O3'" 1 
ATOM   183 C "C2'" . A   A 1 9  ? 4.374   -10.580 -0.356  1.00 10.80 ? 9   A   A "C2'" 1 
ATOM   184 O "O2'" . A   A 1 9  ? 4.418   -11.329 -1.555  1.00 12.08 ? 9   A   A "O2'" 1 
ATOM   185 C "C1'" . A   A 1 9  ? 3.545   -9.306  -0.603  1.00 11.09 ? 9   A   A "C1'" 1 
ATOM   186 N N9    . A   A 1 9  ? 3.922   -8.269  0.366   1.00 10.55 ? 9   A   A N9    1 
ATOM   187 C C8    . A   A 1 9  ? 3.263   -7.892  1.509   1.00 10.67 ? 9   A   A C8    1 
ATOM   188 N N7    . A   A 1 9  ? 3.953   -7.069  2.271   1.00 10.14 ? 9   A   A N7    1 
ATOM   189 C C5    . A   A 1 9  ? 5.138   -6.901  1.579   1.00 10.02 ? 9   A   A C5    1 
ATOM   190 C C6    . A   A 1 9  ? 6.307   -6.183  1.885   1.00 10.08 ? 9   A   A C6    1 
ATOM   191 N N6    . A   A 1 9  ? 6.428   -5.457  2.995   1.00 10.64 ? 9   A   A N6    1 
ATOM   192 N N1    . A   A 1 9  ? 7.336   -6.247  1.012   1.00 11.07 ? 9   A   A N1    1 
ATOM   193 C C2    . A   A 1 9  ? 7.177   -6.975  -0.118  1.00 11.33 ? 9   A   A C2    1 
ATOM   194 N N3    . A   A 1 9  ? 6.126   -7.692  -0.508  1.00 11.11 ? 9   A   A N3    1 
ATOM   195 C C4    . A   A 1 9  ? 5.138   -7.630  0.407   1.00 10.07 ? 9   A   A C4    1 
ATOM   196 P P     . A   A 1 10 ? 4.716   -13.105 2.075   1.00 10.72 ? 10  A   A P     1 
ATOM   197 O OP1   . A   A 1 10 ? 4.906   -14.582 1.929   1.00 11.70 ? 10  A   A OP1   1 
ATOM   198 O OP2   . A   A 1 10 ? 4.199   -12.529 3.334   1.00 11.17 ? 10  A   A OP2   1 
ATOM   199 O "O5'" . A   A 1 10 ? 6.095   -12.359 1.752   1.00 10.86 ? 10  A   A "O5'" 1 
ATOM   200 C "C5'" . A   A 1 10 ? 6.776   -12.688 0.517   1.00 11.62 ? 10  A   A "C5'" 1 
ATOM   201 C "C4'" . A   A 1 10 ? 8.052   -11.900 0.433   1.00 11.40 ? 10  A   A "C4'" 1 
ATOM   202 O "O4'" . A   A 1 10 ? 7.790   -10.475 0.475   1.00 11.64 ? 10  A   A "O4'" 1 
ATOM   203 C "C3'" . A   A 1 10 ? 9.024   -12.089 1.599   1.00 11.43 ? 10  A   A "C3'" 1 
ATOM   204 O "O3'" . A   A 1 10 ? 9.744   -13.292 1.453   1.00 12.49 ? 10  A   A "O3'" 1 
ATOM   205 C "C2'" . A   A 1 10 ? 9.906   -10.857 1.483   1.00 11.94 ? 10  A   A "C2'" 1 
ATOM   206 O "O2'" . A   A 1 10 ? 10.761  -10.992 0.353   1.00 12.85 ? 10  A   A "O2'" 1 
ATOM   207 C "C1'" . A   A 1 10 ? 8.819   -9.810  1.168   1.00 11.54 ? 10  A   A "C1'" 1 
ATOM   208 N N9    . A   A 1 10 ? 8.273   -9.254  2.409   1.00 10.82 ? 10  A   A N9    1 
ATOM   209 C C8    . A   A 1 10 ? 7.094   -9.553  3.036   1.00 10.75 ? 10  A   A C8    1 
ATOM   210 N N7    . A   A 1 10 ? 6.978   -8.989  4.218   1.00 10.81 ? 10  A   A N7    1 
ATOM   211 C C5    . A   A 1 10 ? 8.156   -8.271  4.376   1.00 10.93 ? 10  A   A C5    1 
ATOM   212 C C6    . A   A 1 10 ? 8.675   -7.517  5.435   1.00 11.08 ? 10  A   A C6    1 
ATOM   213 N N6    . A   A 1 10 ? 8.021   -7.310  6.577   1.00 11.57 ? 10  A   A N6    1 
ATOM   214 N N1    . A   A 1 10 ? 9.907   -6.985  5.309   1.00 12.14 ? 10  A   A N1    1 
ATOM   215 C C2    . A   A 1 10 ? 10.560  -7.209  4.162   1.00 13.30 ? 10  A   A C2    1 
ATOM   216 N N3    . A   A 1 10 ? 10.185  -7.915  3.096   1.00 12.52 ? 10  A   A N3    1 
ATOM   217 C C4    . A   A 1 10 ? 8.963   -8.432  3.275   1.00 11.22 ? 10  A   A C4    1 
ATOM   218 P P     . A   A 1 11 ? 10.169  -14.102 2.768   1.00 13.75 ? 11  A   A P     1 
ATOM   219 O OP1   . A   A 1 11 ? 10.846  -15.342 2.307   1.00 18.20 ? 11  A   A OP1   1 
ATOM   220 O OP2   . A   A 1 11 ? 9.042   -14.142 3.731   1.00 13.77 ? 11  A   A OP2   1 
ATOM   221 O "O5'" . A   A 1 11 ? 11.259  -13.136 3.422   1.00 14.35 ? 11  A   A "O5'" 1 
ATOM   222 C "C5'" . A   A 1 11 ? 12.423  -12.775 2.650   1.00 15.86 ? 11  A   A "C5'" 1 
ATOM   223 C "C4'" . A   A 1 11 ? 13.207  -11.730 3.403   1.00 16.32 ? 11  A   A "C4'" 1 
ATOM   224 O "O4'" . A   A 1 11 ? 12.385  -10.561 3.669   1.00 14.79 ? 11  A   A "O4'" 1 
ATOM   225 C "C3'" . A   A 1 11 ? 13.692  -12.137 4.788   1.00 16.95 ? 11  A   A "C3'" 1 
ATOM   226 O "O3'" . A   A 1 11 ? 14.864  -12.934 4.735   1.00 19.26 ? 11  A   A "O3'" 1 
ATOM   227 C "C2'" . A   A 1 11 ? 13.924  -10.779 5.433   1.00 17.10 ? 11  A   A "C2'" 1 
ATOM   228 O "O2'" . A   A 1 11 ? 15.120  -10.192 4.930   1.00 20.44 ? 11  A   A "O2'" 1 
ATOM   229 C "C1'" . A   A 1 11 ? 12.713  -9.995  4.928   1.00 15.86 ? 11  A   A "C1'" 1 
ATOM   230 N N9    . A   A 1 11 ? 11.563  -10.132 5.818   1.00 13.76 ? 11  A   A N9    1 
ATOM   231 C C8    . A   A 1 11 ? 10.476  -10.969 5.678   1.00 13.41 ? 11  A   A C8    1 
ATOM   232 N N7    . A   A 1 11 ? 9.652   -10.935 6.691   1.00 13.27 ? 11  A   A N7    1 
ATOM   233 C C5    . A   A 1 11 ? 10.241  -10.040 7.574   1.00 12.63 ? 11  A   A C5    1 
ATOM   234 C C6    . A   A 1 11 ? 9.872   -9.613  8.860   1.00 12.65 ? 11  A   A C6    1 
ATOM   235 N N6    . A   A 1 11 ? 8.796   -10.075 9.506   1.00 13.26 ? 11  A   A N6    1 
ATOM   236 N N1    . A   A 1 11 ? 10.676  -8.706  9.471   1.00 14.15 ? 11  A   A N1    1 
ATOM   237 C C2    . A   A 1 11 ? 11.765  -8.279  8.818   1.00 14.77 ? 11  A   A C2    1 
ATOM   238 N N3    . A   A 1 11 ? 12.208  -8.620  7.617   1.00 15.31 ? 11  A   A N3    1 
ATOM   239 C C4    . A   A 1 11 ? 11.414  -9.536  7.047   1.00 13.28 ? 11  A   A C4    1 
ATOM   240 O "O5'" . A   B 1 1  ? -8.959  14.205  -3.331  1.00 19.60 ? 1   A   B "O5'" 1 
ATOM   241 C "C5'" . A   B 1 1  ? -10.221 14.389  -2.679  1.00 18.52 ? 1   A   B "C5'" 1 
ATOM   242 C "C4'" . A   B 1 1  ? -11.280 13.486  -3.253  1.00 16.41 ? 1   A   B "C4'" 1 
ATOM   243 O "O4'" . A   B 1 1  ? -11.617 13.917  -4.602  1.00 17.11 ? 1   A   B "O4'" 1 
ATOM   244 C "C3'" . A   B 1 1  ? -10.904 12.028  -3.430  1.00 15.51 ? 1   A   B "C3'" 1 
ATOM   245 O "O3'" . A   B 1 1  ? -11.038 11.340  -2.199  1.00 15.02 ? 1   A   B "O3'" 1 
ATOM   246 C "C2'" . A   B 1 1  ? -11.921 11.586  -4.488  1.00 15.60 ? 1   A   B "C2'" 1 
ATOM   247 O "O2'" . A   B 1 1  ? -13.206 11.482  -3.925  1.00 18.20 ? 1   A   B "O2'" 1 
ATOM   248 C "C1'" . A   B 1 1  ? -11.861 12.794  -5.435  1.00 16.28 ? 1   A   B "C1'" 1 
ATOM   249 N N9    . A   B 1 1  ? -10.788 12.704  -6.424  1.00 16.13 ? 1   A   B N9    1 
ATOM   250 C C8    . A   B 1 1  ? -9.605  13.413  -6.436  1.00 15.92 ? 1   A   B C8    1 
ATOM   251 N N7    . A   B 1 1  ? -8.840  13.149  -7.465  1.00 15.39 ? 1   A   B N7    1 
ATOM   252 C C5    . A   B 1 1  ? -9.554  12.188  -8.165  1.00 15.00 ? 1   A   B C5    1 
ATOM   253 C C6    . A   B 1 1  ? -9.279  11.517  -9.366  1.00 14.50 ? 1   A   B C6    1 
ATOM   254 N N6    . A   B 1 1  ? -8.186  11.733  -10.101 1.00 14.70 ? 1   A   B N6    1 
ATOM   255 N N1    . A   B 1 1  ? -10.181 10.597  -9.797  1.00 16.02 ? 1   A   B N1    1 
ATOM   256 C C2    . A   B 1 1  ? -11.291 10.401  -9.074  1.00 16.41 ? 1   A   B C2    1 
ATOM   257 N N3    . A   B 1 1  ? -11.666 10.992  -7.932  1.00 17.27 ? 1   A   B N3    1 
ATOM   258 C C4    . A   B 1 1  ? -10.752 11.898  -7.537  1.00 15.68 ? 1   A   B C4    1 
ATOM   259 P P     . A   B 1 2  ? -10.059 10.092  -1.916  1.00 14.43 ? 2   A   B P     1 
ATOM   260 O OP1   . A   B 1 2  ? -10.320 9.707   -0.504  1.00 16.81 ? 2   A   B OP1   1 
ATOM   261 O OP2   . A   B 1 2  ? -8.685  10.424  -2.392  1.00 14.66 ? 2   A   B OP2   1 
ATOM   262 O "O5'" . A   B 1 2  ? -10.611 8.952   -2.897  1.00 14.61 ? 2   A   B "O5'" 1 
ATOM   263 C "C5'" . A   B 1 2  ? -11.957 8.457   -2.683  1.00 15.45 ? 2   A   B "C5'" 1 
ATOM   264 C "C4'" . A   B 1 2  ? -12.332 7.548   -3.823  1.00 14.59 ? 2   A   B "C4'" 1 
ATOM   265 O "O4'" . A   B 1 2  ? -12.297 8.287   -5.086  1.00 15.35 ? 2   A   B "O4'" 1 
ATOM   266 C "C3'" . A   B 1 2  ? -11.354 6.409   -4.094  1.00 13.28 ? 2   A   B "C3'" 1 
ATOM   267 O "O3'" . A   B 1 2  ? -11.553 5.352   -3.179  1.00 13.33 ? 2   A   B "O3'" 1 
ATOM   268 C "C2'" . A   B 1 2  ? -11.768 6.032   -5.524  1.00 13.90 ? 2   A   B "C2'" 1 
ATOM   269 O "O2'" . A   B 1 2  ? -13.017 5.389   -5.535  1.00 15.42 ? 2   A   B "O2'" 1 
ATOM   270 C "C1'" . A   B 1 2  ? -11.869 7.433   -6.132  1.00 14.76 ? 2   A   B "C1'" 1 
ATOM   271 N N9    . A   B 1 2  ? -10.567 7.913   -6.603  1.00 13.57 ? 2   A   B N9    1 
ATOM   272 C C8    . A   B 1 2  ? -9.678  8.691   -5.897  1.00 14.00 ? 2   A   B C8    1 
ATOM   273 N N7    . A   B 1 2  ? -8.563  8.941   -6.545  1.00 13.43 ? 2   A   B N7    1 
ATOM   274 C C5    . A   B 1 2  ? -8.749  8.307   -7.765  1.00 12.68 ? 2   A   B C5    1 
ATOM   275 C C6    . A   B 1 2  ? -7.918  8.194   -8.887  1.00 13.15 ? 2   A   B C6    1 
ATOM   276 N N6    . A   B 1 2  ? -6.721  8.755   -8.950  1.00 13.26 ? 2   A   B N6    1 
ATOM   277 N N1    . A   B 1 2  ? -8.362  7.442   -9.915  1.00 15.05 ? 2   A   B N1    1 
ATOM   278 C C2    . A   B 1 2  ? -9.562  6.866   -9.798  1.00 16.87 ? 2   A   B C2    1 
ATOM   279 N N3    . A   B 1 2  ? -10.433 6.893   -8.794  1.00 15.02 ? 2   A   B N3    1 
ATOM   280 C C4    . A   B 1 2  ? -9.964  7.654   -7.798  1.00 13.70 ? 2   A   B C4    1 
ATOM   281 P P     . A   B 1 3  ? -10.242 4.492   -2.747  1.00 13.16 ? 3   A   B P     1 
ATOM   282 O OP1   . A   B 1 3  ? -10.755 3.458   -1.830  1.00 14.38 ? 3   A   B OP1   1 
ATOM   283 O OP2   . A   B 1 3  ? -9.178  5.417   -2.307  1.00 13.46 ? 3   A   B OP2   1 
ATOM   284 O "O5'" . A   B 1 3  ? -9.774  3.840   -4.126  1.00 13.12 ? 3   A   B "O5'" 1 
ATOM   285 C "C5'" . A   B 1 3  ? -10.618 2.904   -4.830  1.00 14.28 ? 3   A   B "C5'" 1 
ATOM   286 C "C4'" . A   B 1 3  ? -10.011 2.531   -6.156  1.00 13.87 ? 3   A   B "C4'" 1 
ATOM   287 O "O4'" . A   B 1 3  ? -9.839  3.693   -6.998  1.00 14.20 ? 3   A   B "O4'" 1 
ATOM   288 C "C3'" . A   B 1 3  ? -8.575  1.993   -6.041  1.00 13.03 ? 3   A   B "C3'" 1 
ATOM   289 O "O3'" . A   B 1 3  ? -8.595  0.645   -5.580  1.00 13.02 ? 3   A   B "O3'" 1 
ATOM   290 C "C2'" . A   B 1 3  ? -8.103  2.187   -7.473  1.00 13.25 ? 3   A   B "C2'" 1 
ATOM   291 O "O2'" . A   B 1 3  ? -8.653  1.234   -8.354  1.00 16.64 ? 3   A   B "O2'" 1 
ATOM   292 C "C1'" . A   B 1 3  ? -8.669  3.575   -7.790  1.00 14.31 ? 3   A   B "C1'" 1 
ATOM   293 N N9    . A   B 1 3  ? -7.724  4.613   -7.361  1.00 13.21 ? 3   A   B N9    1 
ATOM   294 C C8    . A   B 1 3  ? -7.675  5.258   -6.160  1.00 12.88 ? 3   A   B C8    1 
ATOM   295 N N7    . A   B 1 3  ? -6.611  6.015   -6.006  1.00 12.31 ? 3   A   B N7    1 
ATOM   296 C C5    . A   B 1 3  ? -5.887  5.805   -7.178  1.00 12.52 ? 3   A   B C5    1 
ATOM   297 C C6    . A   B 1 3  ? -4.630  6.268   -7.621  1.00 12.91 ? 3   A   B C6    1 
ATOM   298 N N6    . A   B 1 3  ? -3.867  7.090   -6.914  1.00 12.97 ? 3   A   B N6    1 
ATOM   299 N N1    . A   B 1 3  ? -4.198  5.832   -8.828  1.00 13.90 ? 3   A   B N1    1 
ATOM   300 C C2    . A   B 1 3  ? -4.958  4.993   -9.530  1.00 15.04 ? 3   A   B C2    1 
ATOM   301 N N3    . A   B 1 3  ? -6.146  4.477   -9.216  1.00 14.01 ? 3   A   B N3    1 
ATOM   302 C C4    . A   B 1 3  ? -6.560  4.941   -8.017  1.00 13.07 ? 3   A   B C4    1 
ATOM   303 P P     . A   B 1 4  ? -7.426  0.163   -4.574  1.00 12.64 ? 4   A   B P     1 
ATOM   304 O OP1   . A   B 1 4  ? -7.727  -1.262  -4.252  1.00 14.38 ? 4   A   B OP1   1 
ATOM   305 O OP2   . A   B 1 4  ? -7.253  1.139   -3.478  1.00 12.60 ? 4   A   B OP2   1 
ATOM   306 O "O5'" . A   B 1 4  ? -6.138  0.264   -5.498  1.00 12.18 ? 4   A   B "O5'" 1 
ATOM   307 C "C5'" . A   B 1 4  ? -6.059  -0.569  -6.676  1.00 13.76 ? 4   A   B "C5'" 1 
ATOM   308 C "C4'" . A   B 1 4  ? -4.869  -0.159  -7.508  1.00 12.44 ? 4   A   B "C4'" 1 
ATOM   309 O "O4'" . A   B 1 4  ? -4.986  1.234   -7.910  1.00 12.83 ? 4   A   B "O4'" 1 
ATOM   310 C "C3'" . A   B 1 4  ? -3.524  -0.196  -6.789  1.00 12.15 ? 4   A   B "C3'" 1 
ATOM   311 O "O3'" . A   B 1 4  ? -3.024  -1.524  -6.723  1.00 11.82 ? 4   A   B "O3'" 1 
ATOM   312 C "C2'" . A   B 1 4  ? -2.688  0.692   -7.699  1.00 12.08 ? 4   A   B "C2'" 1 
ATOM   313 O "O2'" . A   B 1 4  ? -2.419  0.026   -8.908  1.00 13.08 ? 4   A   B "O2'" 1 
ATOM   314 C "C1'" . A   B 1 4  ? -3.705  1.824   -7.973  1.00 12.17 ? 4   A   B "C1'" 1 
ATOM   315 N N9    . A   B 1 4  ? -3.613  2.847   -6.915  1.00 11.97 ? 4   A   B N9    1 
ATOM   316 C C8    . A   B 1 4  ? -4.360  2.952   -5.775  1.00 12.01 ? 4   A   B C8    1 
ATOM   317 N N7    . A   B 1 4  ? -3.849  3.733   -4.866  1.00 11.74 ? 4   A   B N7    1 
ATOM   318 C C5    . A   B 1 4  ? -2.650  4.147   -5.424  1.00 11.50 ? 4   A   B C5    1 
ATOM   319 C C6    . A   B 1 4  ? -1.598  4.943   -4.934  1.00 11.75 ? 4   A   B C6    1 
ATOM   320 N N6    . A   B 1 4  ? -1.618  5.499   -3.728  1.00 11.82 ? 4   A   B N6    1 
ATOM   321 N N1    . A   B 1 4  ? -0.513  5.114   -5.735  1.00 12.77 ? 4   A   B N1    1 
ATOM   322 C C2    . A   B 1 4  ? -0.511  4.522   -6.941  1.00 13.46 ? 4   A   B C2    1 
ATOM   323 N N3    . A   B 1 4  ? -1.426  3.747   -7.506  1.00 13.50 ? 4   A   B N3    1 
ATOM   324 C C4    . A   B 1 4  ? -2.489  3.608   -6.681  1.00 11.92 ? 4   A   B C4    1 
ATOM   325 P P     . A   B 1 5  ? -2.263  -1.968  -5.345  1.00 11.97 ? 5   A   B P     1 
ATOM   326 O OP1   . A   B 1 5  ? -1.930  -3.391  -5.547  1.00 14.29 ? 5   A   B OP1   1 
ATOM   327 O OP2   . A   B 1 5  ? -3.018  -1.523  -4.164  1.00 12.56 ? 5   A   B OP2   1 
ATOM   328 O "O5'" . A   B 1 5  ? -0.938  -1.081  -5.386  1.00 12.09 ? 5   A   B "O5'" 1 
ATOM   329 C "C5'" . A   B 1 5  ? -0.068  -1.248  -6.531  1.00 12.36 ? 5   A   B "C5'" 1 
ATOM   330 C "C4'" . A   B 1 5  ? 1.081   -0.304  -6.416  1.00 12.24 ? 5   A   B "C4'" 1 
ATOM   331 O "O4'" . A   B 1 5  ? 0.632   1.075   -6.330  1.00 12.33 ? 5   A   B "O4'" 1 
ATOM   332 C "C3'" . A   B 1 5  ? 1.988   -0.440  -5.195  1.00 12.08 ? 5   A   B "C3'" 1 
ATOM   333 O "O3'" . A   B 1 5  ? 2.881   -1.524  -5.391  1.00 12.36 ? 5   A   B "O3'" 1 
ATOM   334 C "C2'" . A   B 1 5  ? 2.708   0.906   -5.219  1.00 12.30 ? 5   A   B "C2'" 1 
ATOM   335 O "O2'" . A   B 1 5  ? 3.647   0.949   -6.287  1.00 14.44 ? 5   A   B "O2'" 1 
ATOM   336 C "C1'" . A   B 1 5  ? 1.520   1.836   -5.532  1.00 12.13 ? 5   A   B "C1'" 1 
ATOM   337 N N9    . A   B 1 5  ? 0.812   2.194   -4.297  1.00 11.33 ? 5   A   B N9    1 
ATOM   338 C C8    . A   B 1 5  ? -0.387  1.700   -3.858  1.00 11.01 ? 5   A   B C8    1 
ATOM   339 N N7    . A   B 1 5  ? -0.701  2.113   -2.658  1.00 10.83 ? 5   A   B N7    1 
ATOM   340 C C5    . A   B 1 5  ? 0.368   2.909   -2.281  1.00 10.66 ? 5   A   B C5    1 
ATOM   341 C C6    . A   B 1 5  ? 0.659   3.570   -1.069  1.00 10.31 ? 5   A   B C6    1 
ATOM   342 N N6    . A   B 1 5  ? -0.145  3.565   -0.027  1.00 10.48 ? 5   A   B N6    1 
ATOM   343 N N1    . A   B 1 5  ? 1.836   4.219   -1.036  1.00 11.34 ? 5   A   B N1    1 
ATOM   344 C C2    . A   B 1 5  ? 2.663   4.221   -2.102  1.00 11.66 ? 5   A   B C2    1 
ATOM   345 N N3    . A   B 1 5  ? 2.492   3.620   -3.265  1.00 11.64 ? 5   A   B N3    1 
ATOM   346 C C4    . A   B 1 5  ? 1.314   2.967   -3.284  1.00 10.94 ? 5   A   B C4    1 
ATOM   347 P P     . A   B 1 6  ? 3.272   -2.421  -4.110  1.00 12.44 ? 6   A   B P     1 
ATOM   348 O OP1   . A   B 1 6  ? 4.120   -3.511  -4.675  1.00 14.33 ? 6   A   B OP1   1 
ATOM   349 O OP2   . A   B 1 6  ? 2.068   -2.758  -3.320  1.00 12.81 ? 6   A   B OP2   1 
ATOM   350 O "O5'" . A   B 1 6  ? 4.173   -1.455  -3.230  1.00 12.37 ? 6   A   B "O5'" 1 
ATOM   351 C "C5'" . A   B 1 6  ? 5.411   -0.946  -3.774  1.00 13.01 ? 6   A   B "C5'" 1 
ATOM   352 C "C4'" . A   B 1 6  ? 6.002   0.085   -2.843  1.00 12.55 ? 6   A   B "C4'" 1 
ATOM   353 O "O4'" . A   B 1 6  ? 5.053   1.175   -2.657  1.00 12.73 ? 6   A   B "O4'" 1 
ATOM   354 C "C3'" . A   B 1 6  ? 6.279   -0.372  -1.414  1.00 11.12 ? 6   A   B "C3'" 1 
ATOM   355 O "O3'" . A   B 1 6  ? 7.532   -1.072  -1.378  1.00 11.21 ? 6   A   B "O3'" 1 
ATOM   356 C "C2'" . A   B 1 6  ? 6.348   0.970   -0.694  1.00 11.14 ? 6   A   B "C2'" 1 
ATOM   357 O "O2'" . A   B 1 6  ? 7.538   1.665   -1.020  1.00 12.57 ? 6   A   B "O2'" 1 
ATOM   358 C "C1'" . A   B 1 6  ? 5.154   1.689   -1.340  1.00 12.17 ? 6   A   B "C1'" 1 
ATOM   359 N N9    . A   B 1 6  ? 3.927   1.389   -0.604  1.00 11.64 ? 6   A   B N9    1 
ATOM   360 C C8    . A   B 1 6  ? 2.907   0.567   -0.998  1.00 11.77 ? 6   A   B C8    1 
ATOM   361 N N7    . A   B 1 6  ? 1.985   0.437   -0.086  1.00 11.91 ? 6   A   B N7    1 
ATOM   362 C C5    . A   B 1 6  ? 2.432   1.183   0.990   1.00 11.08 ? 6   A   B C5    1 
ATOM   363 C C6    . A   B 1 6  ? 1.901   1.363   2.286   1.00 11.14 ? 6   A   B C6    1 
ATOM   364 N N6    . A   B 1 6  ? 0.767   0.796   2.711   1.00 11.40 ? 6   A   B N6    1 
ATOM   365 N N1    . A   B 1 6  ? 2.623   2.158   3.117   1.00 11.49 ? 6   A   B N1    1 
ATOM   366 C C2    . A   B 1 6  ? 3.777   2.699   2.680   1.00 11.64 ? 6   A   B C2    1 
ATOM   367 N N3    . A   B 1 6  ? 4.377   2.573   1.486   1.00 11.82 ? 6   A   B N3    1 
ATOM   368 C C4    . A   B 1 6  ? 3.633   1.798   0.681   1.00 10.82 ? 6   A   B C4    1 
ATOM   369 P P     . A   B 1 7  ? 7.715   -2.211  -0.252  1.00 11.36 ? 7   A   B P     1 
ATOM   370 O OP1   . A   B 1 7  ? 9.127   -2.674  -0.387  1.00 12.51 ? 7   A   B OP1   1 
ATOM   371 O OP2   . A   B 1 7  ? 6.588   -3.173  -0.334  1.00 13.29 ? 7   A   B OP2   1 
ATOM   372 O "O5'" . A   B 1 7  ? 7.543   -1.412  1.108   1.00 11.14 ? 7   A   B "O5'" 1 
ATOM   373 C "C5'" . A   B 1 7  ? 8.559   -0.495  1.563   1.00 11.79 ? 7   A   B "C5'" 1 
ATOM   374 C "C4'" . A   B 1 7  ? 8.155   0.078   2.886   1.00 11.48 ? 7   A   B "C4'" 1 
ATOM   375 O "O4'" . A   B 1 7  ? 6.856   0.750   2.798   1.00 12.20 ? 7   A   B "O4'" 1 
ATOM   376 C "C3'" . A   B 1 7  ? 7.912   -0.950  4.004   1.00 11.31 ? 7   A   B "C3'" 1 
ATOM   377 O "O3'" . A   B 1 7  ? 9.150   -1.406  4.530   1.00 11.38 ? 7   A   B "O3'" 1 
ATOM   378 C "C2'" . A   B 1 7  ? 7.106   -0.108  4.996   1.00 11.68 ? 7   A   B "C2'" 1 
ATOM   379 O "O2'" . A   B 1 7  ? 7.927   0.856   5.623   1.00 13.79 ? 7   A   B "O2'" 1 
ATOM   380 C "C1'" . A   B 1 7  ? 6.137   0.537   3.999   1.00 11.78 ? 7   A   B "C1'" 1 
ATOM   381 N N9    . A   B 1 7  ? 4.965   -0.302  3.728   1.00 11.67 ? 7   A   B N9    1 
ATOM   382 C C8    . A   B 1 7  ? 4.747   -1.096  2.628   1.00 12.19 ? 7   A   B C8    1 
ATOM   383 N N7    . A   B 1 7  ? 3.707   -1.884  2.718   1.00 11.48 ? 7   A   B N7    1 
ATOM   384 C C5    . A   B 1 7  ? 3.185   -1.573  3.968   1.00 11.46 ? 7   A   B C5    1 
ATOM   385 C C6    . A   B 1 7  ? 2.115   -2.122  4.695   1.00 11.81 ? 7   A   B C6    1 
ATOM   386 N N6    . A   B 1 7  ? 1.316   -3.059  4.211   1.00 11.81 ? 7   A   B N6    1 
ATOM   387 N N1    . A   B 1 7  ? 1.877   -1.648  5.939   1.00 12.14 ? 7   A   B N1    1 
ATOM   388 C C2    . A   B 1 7  ? 2.710   -0.714  6.407   1.00 12.77 ? 7   A   B C2    1 
ATOM   389 N N3    . A   B 1 7  ? 3.775   -0.143  5.841   1.00 12.56 ? 7   A   B N3    1 
ATOM   390 C C4    . A   B 1 7  ? 3.954   -0.615  4.593   1.00 11.78 ? 7   A   B C4    1 
ATOM   391 P P     . A   B 1 8  ? 9.243   -2.951  5.018   1.00 11.26 ? 8   A   B P     1 
ATOM   392 O OP1   . A   B 1 8  ? 10.638  -3.082  5.518   1.00 12.65 ? 8   A   B OP1   1 
ATOM   393 O OP2   . A   B 1 8  ? 8.713   -3.841  3.978   1.00 11.12 ? 8   A   B OP2   1 
ATOM   394 O "O5'" . A   B 1 8  ? 8.245   -3.021  6.252   1.00 11.50 ? 8   A   B "O5'" 1 
ATOM   395 C "C5'" . A   B 1 8  ? 8.434   -2.182  7.398   1.00 12.24 ? 8   A   B "C5'" 1 
ATOM   396 C "C4'" . A   B 1 8  ? 7.264   -2.273  8.329   1.00 12.03 ? 8   A   B "C4'" 1 
ATOM   397 O "O4'" . A   B 1 8  ? 6.025   -1.954  7.648   1.00 12.36 ? 8   A   B "O4'" 1 
ATOM   398 C "C3'" . A   B 1 8  ? 7.010   -3.678  8.881   1.00 11.70 ? 8   A   B "C3'" 1 
ATOM   399 O "O3'" . A   B 1 8  ? 7.914   -3.889  9.967   1.00 11.76 ? 8   A   B "O3'" 1 
ATOM   400 C "C2'" . A   B 1 8  ? 5.566   -3.524  9.341   1.00 12.01 ? 8   A   B "C2'" 1 
ATOM   401 O "O2'" . A   B 1 8  ? 5.491   -2.717  10.511  1.00 13.24 ? 8   A   B "O2'" 1 
ATOM   402 C "C1'" . A   B 1 8  ? 4.979   -2.765  8.139   1.00 12.06 ? 8   A   B "C1'" 1 
ATOM   403 N N9    . A   B 1 8  ? 4.549   -3.694  7.076   1.00 11.30 ? 8   A   B N9    1 
ATOM   404 C C8    . A   B 1 8  ? 5.149   -3.944  5.869   1.00 10.94 ? 8   A   B C8    1 
ATOM   405 N N7    . A   B 1 8  ? 4.572   -4.896  5.182   1.00 11.13 ? 8   A   B N7    1 
ATOM   406 C C5    . A   B 1 8  ? 3.531   -5.307  5.990   1.00 10.33 ? 8   A   B C5    1 
ATOM   407 C C6    . A   B 1 8  ? 2.571   -6.324  5.842   1.00 10.88 ? 8   A   B C6    1 
ATOM   408 N N6    . A   B 1 8  ? 2.528   -7.106  4.768   1.00 11.17 ? 8   A   B N6    1 
ATOM   409 N N1    . A   B 1 8  ? 1.701   -6.465  6.862   1.00 11.40 ? 8   A   B N1    1 
ATOM   410 C C2    . A   B 1 8  ? 1.779   -5.676  7.938   1.00 12.01 ? 8   A   B C2    1 
ATOM   411 N N3    . A   B 1 8  ? 2.643   -4.699  8.199   1.00 11.81 ? 8   A   B N3    1 
ATOM   412 C C4    . A   B 1 8  ? 3.499   -4.577  7.163   1.00 10.96 ? 8   A   B C4    1 
ATOM   413 P P     . A   B 1 9  ? 8.507   -5.370  10.192  1.00 12.23 ? 9   A   B P     1 
ATOM   414 O OP1   . A   B 1 9  ? 9.474   -5.260  11.322  1.00 13.97 ? 9   A   B OP1   1 
ATOM   415 O OP2   . A   B 1 9  ? 8.955   -5.932  8.892   1.00 12.79 ? 9   A   B OP2   1 
ATOM   416 O "O5'" . A   B 1 9  ? 7.238   -6.196  10.663  1.00 12.30 ? 9   A   B "O5'" 1 
ATOM   417 C "C5'" . A   B 1 9  ? 6.571   -5.848  11.892  1.00 13.07 ? 9   A   B "C5'" 1 
ATOM   418 C "C4'" . A   B 1 9  ? 5.291   -6.620  12.013  1.00 12.71 ? 9   A   B "C4'" 1 
ATOM   419 O "O4'" . A   B 1 9  ? 4.410   -6.351  10.891  1.00 12.61 ? 9   A   B "O4'" 1 
ATOM   420 C "C3'" . A   B 1 9  ? 5.473   -8.144  11.970  1.00 12.21 ? 9   A   B "C3'" 1 
ATOM   421 O "O3'" . A   B 1 9  ? 5.905   -8.618  13.240  1.00 12.94 ? 9   A   B "O3'" 1 
ATOM   422 C "C2'" . A   B 1 9  ? 4.061   -8.572  11.613  1.00 12.35 ? 9   A   B "C2'" 1 
ATOM   423 O "O2'" . A   B 1 9  ? 3.189   -8.424  12.722  1.00 13.43 ? 9   A   B "O2'" 1 
ATOM   424 C "C1'" . A   B 1 9  ? 3.699   -7.520  10.551  1.00 12.06 ? 9   A   B "C1'" 1 
ATOM   425 N N9    . A   B 1 9  ? 4.127   -7.954  9.218   1.00 11.85 ? 9   A   B N9    1 
ATOM   426 C C8    . A   B 1 9  ? 5.223   -7.561  8.503   1.00 11.29 ? 9   A   B C8    1 
ATOM   427 N N7    . A   B 1 9  ? 5.366   -8.201  7.365   1.00 11.35 ? 9   A   B N7    1 
ATOM   428 C C5    . A   B 1 9  ? 4.323   -9.115  7.359   1.00 10.84 ? 9   A   B C5    1 
ATOM   429 C C6    . A   B 1 9  ? 3.986   -10.148 6.462   1.00 10.92 ? 9   A   B C6    1 
ATOM   430 N N6    . A   B 1 9  ? 4.659   -10.395 5.341   1.00 11.35 ? 9   A   B N6    1 
ATOM   431 N N1    . A   B 1 9  ? 2.903   -10.904 6.759   1.00 11.42 ? 9   A   B N1    1 
ATOM   432 C C2    . A   B 1 9  ? 2.233   -10.659 7.885   1.00 12.40 ? 9   A   B C2    1 
ATOM   433 N N3    . A   B 1 9  ? 2.481   -9.729  8.825   1.00 12.44 ? 9   A   B N3    1 
ATOM   434 C C4    . A   B 1 9  ? 3.568   -8.995  8.503   1.00 11.61 ? 9   A   B C4    1 
ATOM   435 P P     . A   B 1 10 ? 6.974   -9.821  13.300  1.00 13.05 ? 10  A   B P     1 
ATOM   436 O OP1   . A   B 1 10 ? 7.328   -9.930  14.729  1.00 15.17 ? 10  A   B OP1   1 
ATOM   437 O OP2   . A   B 1 10 ? 8.039   -9.627  12.288  1.00 13.96 ? 10  A   B OP2   1 
ATOM   438 O "O5'" . A   B 1 10 ? 6.152   -11.081 12.783  1.00 13.29 ? 10  A   B "O5'" 1 
ATOM   439 C "C5'" . A   B 1 10 ? 5.025   -11.535 13.570  1.00 14.12 ? 10  A   B "C5'" 1 
ATOM   440 C "C4'" . A   B 1 10 ? 4.194   -12.490 12.768  1.00 13.79 ? 10  A   B "C4'" 1 
ATOM   441 O "O4'" . A   B 1 10 ? 3.739   -11.874 11.553  1.00 13.37 ? 10  A   B "O4'" 1 
ATOM   442 C "C3'" . A   B 1 10 ? 4.916   -13.764 12.308  1.00 13.44 ? 10  A   B "C3'" 1 
ATOM   443 O "O3'" . A   B 1 10 ? 4.950   -14.706 13.370  1.00 14.36 ? 10  A   B "O3'" 1 
ATOM   444 C "C2'" . A   B 1 10 ? 3.998   -14.203 11.160  1.00 13.32 ? 10  A   B "C2'" 1 
ATOM   445 O "O2'" . A   B 1 10 ? 2.777   -14.735 11.638  1.00 15.33 ? 10  A   B "O2'" 1 
ATOM   446 C "C1'" . A   B 1 10 ? 3.720   -12.833 10.527  1.00 13.13 ? 10  A   B "C1'" 1 
ATOM   447 N N9    . A   B 1 10 ? 4.758   -12.523 9.537   1.00 11.86 ? 10  A   B N9    1 
ATOM   448 C C8    . A   B 1 10 ? 5.831   -11.668 9.670   1.00 12.47 ? 10  A   B C8    1 
ATOM   449 N N7    . A   B 1 10 ? 6.673   -11.741 8.650   1.00 11.68 ? 10  A   B N7    1 
ATOM   450 C C5    . A   B 1 10 ? 6.114   -12.694 7.816   1.00 11.48 ? 10  A   B C5    1 
ATOM   451 C C6    . A   B 1 10 ? 6.542   -13.268 6.612   1.00 11.58 ? 10  A   B C6    1 
ATOM   452 N N6    . A   B 1 10 ? 7.677   -12.912 6.003   1.00 11.74 ? 10  A   B N6    1 
ATOM   453 N N1    . A   B 1 10 ? 5.777   -14.247 6.095   1.00 12.10 ? 10  A   B N1    1 
ATOM   454 C C2    . A   B 1 10 ? 4.651   -14.615 6.721   1.00 12.50 ? 10  A   B C2    1 
ATOM   455 N N3    . A   B 1 10 ? 4.151   -14.152 7.863   1.00 12.39 ? 10  A   B N3    1 
ATOM   456 C C4    . A   B 1 10 ? 4.937   -13.183 8.350   1.00 11.44 ? 10  A   B C4    1 
ATOM   457 P P     . A   B 1 11 ? 6.309   -15.566 13.592  1.00 14.97 ? 11  A   B P     1 
ATOM   458 O OP1   . A   B 1 11 ? 5.979   -16.577 14.635  1.00 19.52 ? 11  A   B OP1   1 
ATOM   459 O OP2   . A   B 1 11 ? 7.444   -14.637 13.821  1.00 16.70 ? 11  A   B OP2   1 
ATOM   460 O "O5'" . A   B 1 11 ? 6.531   -16.316 12.205  1.00 15.10 ? 11  A   B "O5'" 1 
ATOM   461 C "C5'" . A   B 1 11 ? 5.566   -17.263 11.713  1.00 15.37 ? 11  A   B "C5'" 1 
ATOM   462 C "C4'" . A   B 1 11 ? 6.005   -17.798 10.359  1.00 15.31 ? 11  A   B "C4'" 1 
ATOM   463 O "O4'" . A   B 1 11 ? 6.065   -16.689 9.424   1.00 14.99 ? 11  A   B "O4'" 1 
ATOM   464 C "C3'" . A   B 1 11 ? 7.402   -18.408 10.308  1.00 15.93 ? 11  A   B "C3'" 1 
ATOM   465 O "O3'" . A   B 1 11 ? 7.418   -19.778 10.711  1.00 17.19 ? 11  A   B "O3'" 1 
ATOM   466 C "C2'" . A   B 1 11 ? 7.799   -18.199 8.847   1.00 15.18 ? 11  A   B "C2'" 1 
ATOM   467 O "O2'" . A   B 1 11 ? 7.237   -19.143 8.005   1.00 16.36 ? 11  A   B "O2'" 1 
ATOM   468 C "C1'" . A   B 1 11 ? 7.144   -16.849 8.531   1.00 15.04 ? 11  A   B "C1'" 1 
ATOM   469 N N9    . A   B 1 11 ? 8.102   -15.756 8.687   1.00 15.06 ? 11  A   B N9    1 
ATOM   470 C C8    . A   B 1 11 ? 8.281   -14.984 9.813   1.00 15.37 ? 11  A   B C8    1 
ATOM   471 N N7    . A   B 1 11 ? 9.328   -14.204 9.758   1.00 15.75 ? 11  A   B N7    1 
ATOM   472 C C5    . A   B 1 11 ? 9.908   -14.509 8.527   1.00 16.19 ? 11  A   B C5    1 
ATOM   473 C C6    . A   B 1 11 ? 11.101  -14.074 7.920   1.00 16.80 ? 11  A   B C6    1 
ATOM   474 N N6    . A   B 1 11 ? 11.919  -13.177 8.475   1.00 18.14 ? 11  A   B N6    1 
ATOM   475 N N1    . A   B 1 11 ? 11.415  -14.615 6.724   1.00 19.69 ? 11  A   B N1    1 
ATOM   476 C C2    . A   B 1 11 ? 10.585  -15.521 6.190   1.00 18.96 ? 11  A   B C2    1 
ATOM   477 N N3    . A   B 1 11 ? 9.456   -16.014 6.674   1.00 17.87 ? 11  A   B N3    1 
ATOM   478 C C4    . A   B 1 11 ? 9.168   -15.474 7.865   1.00 16.04 ? 11  A   B C4    1 
HETATM 479 N N     . NH4 C 2 .  ? -4.976  9.806   -11.086 1.00 23.09 ? 101 NH4 A N     1 
HETATM 480 N N     . NH4 D 2 .  ? -1.910  7.045   -9.791  1.00 17.47 ? 102 NH4 A N     1 
HETATM 481 N N     . NH4 E 2 .  ? 1.619   2.878   5.676   1.00 19.06 ? 103 NH4 A N     1 
HETATM 482 N N     . NH4 F 2 .  ? 1.985   -12.845 4.882   1.00 13.83 ? 104 NH4 A N     1 
HETATM 483 N N     . NH4 G 2 .  ? 6.608   -15.592 3.788   1.00 16.42 ? 105 NH4 A N     1 
HETATM 484 N N     . NH4 H 2 .  ? 13.509  -16.253 3.511   1.00 56.92 ? 106 NH4 A N     1 
HETATM 485 N N     . NH4 I 2 .  ? -0.308  -2.595  7.525   1.00 15.44 ? 107 NH4 A N     1 
HETATM 486 N N     . NH4 J 2 .  ? -0.304  -8.355  6.731   1.00 13.40 ? 108 NH4 A N     1 
HETATM 487 N N     . NH4 K 2 .  ? 1.718   6.431   -4.921  1.00 14.66 ? 109 NH4 A N     1 
HETATM 488 N N     . NH4 L 2 .  ? -0.055  -4.447  -3.872  1.00 16.87 ? 110 NH4 A N     1 
HETATM 489 N N     . NH4 M 2 .  ? 11.220  -5.265  7.209   1.00 17.24 ? 111 NH4 A N     1 
HETATM 490 N N     . NH4 N 2 .  ? 10.191  -7.905  11.969  1.00 15.95 ? 101 NH4 B N     1 
HETATM 491 N N     . NH4 O 2 .  ? -7.234  12.635  -1.766  1.00 19.09 ? 102 NH4 B N     1 
HETATM 492 N N     . NH4 P 2 .  ? 2.517   5.480   1.264   1.00 13.38 ? 103 NH4 B N     1 
HETATM 493 N N     . NH4 Q 2 .  ? 9.661   -4.676  1.487   1.00 14.35 ? 104 NH4 B N     1 
HETATM 494 N N     . NH4 R 2 .  ? -8.884  7.188   -0.203  1.00 16.23 ? 105 NH4 B N     1 
HETATM 495 N N     . NH4 S 2 .  ? -5.489  -2.397  -2.875  1.00 18.64 ? 106 NH4 B N     1 
HETATM 496 N N     . NH4 T 2 .  ? -8.563  1.736   -1.158  1.00 16.05 ? 107 NH4 B N     1 
HETATM 497 O O     . HOH U 3 .  ? 1.119   11.241  -15.769 1.00 22.89 ? 201 HOH A O     1 
HETATM 498 O O     . HOH U 3 .  ? 15.020  -8.599  2.723   1.00 21.32 ? 202 HOH A O     1 
HETATM 499 O O     . HOH U 3 .  ? 12.261  -8.751  1.152   1.00 16.29 ? 203 HOH A O     1 
HETATM 500 O O     . HOH U 3 .  ? 4.981   -15.812 -0.527  1.00 14.74 ? 204 HOH A O     1 
HETATM 501 O O     . HOH U 3 .  ? -0.232  7.021   7.040   1.00 14.42 ? 205 HOH A O     1 
HETATM 502 O O     . HOH U 3 .  ? -5.750  7.116   5.096   1.00 26.58 ? 206 HOH A O     1 
HETATM 503 O O     . HOH U 3 .  ? -8.548  18.400  -6.821  1.00 30.76 ? 207 HOH A O     1 
HETATM 504 O O     . HOH U 3 .  ? 14.762  -13.548 7.349   1.00 32.99 ? 208 HOH A O     1 
HETATM 505 O O     . HOH U 3 .  ? -3.953  8.548   -14.860 1.00 33.83 ? 209 HOH A O     1 
HETATM 506 O O     . HOH U 3 .  ? -3.398  11.758  0.633   1.00 24.61 ? 210 HOH A O     1 
HETATM 507 O O     . HOH U 3 .  ? -7.561  0.268   3.346   1.00 25.11 ? 211 HOH A O     1 
HETATM 508 O O     . HOH U 3 .  ? -5.550  1.939   7.925   1.00 17.24 ? 212 HOH A O     1 
HETATM 509 O O     . HOH U 3 .  ? -3.738  0.402   9.161   1.00 25.50 ? 213 HOH A O     1 
HETATM 510 O O     . HOH U 3 .  ? 2.356   -0.774  9.786   1.00 26.16 ? 214 HOH A O     1 
HETATM 511 O O     . HOH U 3 .  ? 0.340   1.072   9.025   1.00 34.48 ? 215 HOH A O     1 
HETATM 512 O O     . HOH U 3 .  ? -0.906  -10.400 -2.477  1.00 27.47 ? 216 HOH A O     1 
HETATM 513 O O     . HOH U 3 .  ? -2.341  -12.125 5.657   1.00 28.41 ? 217 HOH A O     1 
HETATM 514 O O     . HOH U 3 .  ? 3.458   9.826   -7.861  1.00 26.34 ? 218 HOH A O     1 
HETATM 515 O O     . HOH U 3 .  ? 6.215   -9.601  -2.741  1.00 17.24 ? 219 HOH A O     1 
HETATM 516 O O     . HOH U 3 .  ? -6.784  16.683  -13.261 1.00 30.88 ? 220 HOH A O     1 
HETATM 517 O O     . HOH U 3 .  ? -1.620  -5.815  9.146   1.00 31.36 ? 221 HOH A O     1 
HETATM 518 O O     . HOH U 3 .  ? -7.403  -1.083  6.330   1.00 31.10 ? 222 HOH A O     1 
HETATM 519 O O     . HOH U 3 .  ? 4.532   8.157   -2.286  1.00 32.15 ? 223 HOH A O     1 
HETATM 520 O O     . HOH U 3 .  ? -4.082  6.676   7.236   1.00 22.27 ? 224 HOH A O     1 
HETATM 521 O O     . HOH U 3 .  ? -3.151  -3.077  9.020   0.50 19.55 ? 225 HOH A O     1 
HETATM 522 O O     . HOH U 3 .  ? 16.674  -10.189 6.965   1.00 26.41 ? 226 HOH A O     1 
HETATM 523 O O     . HOH U 3 .  ? 0.592   -7.178  -4.734  1.00 39.27 ? 227 HOH A O     1 
HETATM 524 O O     . HOH U 3 .  ? -1.297  4.403   8.689   1.00 40.55 ? 228 HOH A O     1 
HETATM 525 O O     . HOH U 3 .  ? 14.743  -6.255  7.153   1.00 55.63 ? 229 HOH A O     1 
HETATM 526 O O     . HOH U 3 .  ? -7.698  -2.845  3.907   1.00 46.24 ? 230 HOH A O     1 
HETATM 527 O O     . HOH U 3 .  ? 1.406   13.601  -14.121 1.00 42.47 ? 231 HOH A O     1 
HETATM 528 O O     . HOH U 3 .  ? 2.520   12.347  -7.360  1.00 38.63 ? 232 HOH A O     1 
HETATM 529 O O     . HOH U 3 .  ? -1.184  -10.379 8.586   1.00 36.45 ? 233 HOH A O     1 
HETATM 530 O O     . HOH U 3 .  ? 4.642   5.746   -5.080  1.00 43.50 ? 234 HOH A O     1 
HETATM 531 O O     . HOH V 3 .  ? -7.516  13.565  0.319   1.00 45.88 ? 201 HOH B O     1 
HETATM 532 O O     . HOH V 3 .  ? 6.414   -3.820  -5.973  1.00 15.55 ? 202 HOH B O     1 
HETATM 533 O O     . HOH V 3 .  ? 3.560   -7.918  15.380  1.00 21.70 ? 203 HOH B O     1 
HETATM 534 O O     . HOH V 3 .  ? 5.245   -9.443  16.734  1.00 23.45 ? 204 HOH B O     1 
HETATM 535 O O     . HOH V 3 .  ? -11.798 6.879   0.862   1.00 22.41 ? 205 HOH B O     1 
HETATM 536 O O     . HOH V 3 .  ? -12.467 10.542  0.661   1.00 29.91 ? 206 HOH B O     1 
HETATM 537 O O     . HOH V 3 .  ? -14.134 11.456  -1.083  1.00 28.40 ? 207 HOH B O     1 
HETATM 538 O O     . HOH V 3 .  ? 1.046   -9.420  11.270  1.00 22.42 ? 208 HOH B O     1 
HETATM 539 O O     . HOH V 3 .  ? 10.714  1.129   5.647   1.00 16.89 ? 209 HOH B O     1 
HETATM 540 O O     . HOH V 3 .  ? 11.963  -0.881  6.692   1.00 21.28 ? 210 HOH B O     1 
HETATM 541 O O     . HOH V 3 .  ? -4.103  -4.867  -4.296  1.00 25.40 ? 211 HOH B O     1 
HETATM 542 O O     . HOH V 3 .  ? 7.178   3.707   0.793   1.00 19.00 ? 212 HOH B O     1 
HETATM 543 O O     . HOH V 3 .  ? 4.926   3.401   -6.768  1.00 26.63 ? 213 HOH B O     1 
HETATM 544 O O     . HOH V 3 .  ? -9.363  -0.205  0.969   1.00 43.87 ? 214 HOH B O     1 
HETATM 545 O O     . HOH V 3 .  ? -2.768  -2.860  -9.742  1.00 29.84 ? 215 HOH B O     1 
HETATM 546 O O     . HOH V 3 .  ? 11.708  -1.770  -0.423  1.00 32.74 ? 216 HOH B O     1 
HETATM 547 O O     . HOH V 3 .  ? 10.032  0.677   -2.261  0.50 17.38 ? 217 HOH B O     1 
HETATM 548 O O     . HOH V 3 .  ? 1.584   -14.810 9.084   1.00 34.43 ? 218 HOH B O     1 
HETATM 549 O O     . HOH V 3 .  ? -7.072  7.116   -12.351 1.00 36.25 ? 219 HOH B O     1 
HETATM 550 O O     . HOH V 3 .  ? -7.412  2.128   -10.947 1.00 38.06 ? 220 HOH B O     1 
HETATM 551 O O     . HOH V 3 .  ? 3.544   -3.316  12.269  1.00 20.55 ? 221 HOH B O     1 
HETATM 552 O O     . HOH V 3 .  ? 7.620   1.469   8.289   1.00 17.86 ? 222 HOH B O     1 
HETATM 553 O O     . HOH V 3 .  ? -6.797  9.087   2.372   1.00 36.30 ? 223 HOH B O     1 
HETATM 554 O O     . HOH V 3 .  ? 12.519  -3.746  3.717   1.00 37.04 ? 224 HOH B O     1 
HETATM 555 O O     . HOH V 3 .  ? 6.407   -15.847 17.180  1.00 46.14 ? 225 HOH B O     1 
HETATM 556 O O     . HOH V 3 .  ? -13.021 2.109   -2.237  1.00 55.30 ? 226 HOH B O     1 
HETATM 557 O O     . HOH V 3 .  ? -10.974 4.166   0.711   1.00 42.75 ? 227 HOH B O     1 
HETATM 558 O O     . HOH V 3 .  ? -7.736  16.169  -4.651  1.00 32.87 ? 228 HOH B O     1 
HETATM 559 O O     . HOH V 3 .  ? -9.671  -2.630  -5.808  1.00 37.95 ? 229 HOH B O     1 
HETATM 560 O O     . HOH V 3 .  ? 9.682   -3.414  13.297  1.00 36.00 ? 230 HOH B O     1 
HETATM 561 O O     . HOH V 3 .  ? -14.127 9.474   -7.636  1.00 29.97 ? 231 HOH B O     1 
HETATM 562 O O     . HOH V 3 .  ? 5.134   1.322   8.008   1.00 32.42 ? 232 HOH B O     1 
HETATM 563 O O     . HOH V 3 .  ? -9.401  -1.524  -7.867  1.00 34.58 ? 233 HOH B O     1 
HETATM 564 O O     . HOH V 3 .  ? 8.427   -18.559 4.916   1.00 63.53 ? 234 HOH B O     1 
HETATM 565 O O     . HOH V 3 .  ? -8.707  10.643  1.529   1.00 34.99 ? 235 HOH B O     1 
HETATM 566 O O     . HOH V 3 .  ? 2.936   -5.787  -5.401  1.00 43.08 ? 236 HOH B O     1 
HETATM 567 O O     . HOH V 3 .  ? 13.872  -6.238  3.911   1.00 47.47 ? 237 HOH B O     1 
HETATM 568 O O     . HOH V 3 .  ? 7.914   -7.258  15.710  1.00 40.16 ? 238 HOH B O     1 
HETATM 569 O O     . HOH V 3 .  ? -1.826  -4.845  -7.755  1.00 39.69 ? 239 HOH B O     1 
HETATM 570 O O     . HOH V 3 .  ? -15.188 10.242  -5.385  1.00 36.09 ? 240 HOH B O     1 
HETATM 571 O O     . HOH V 3 .  ? -6.706  -3.904  -5.309  1.00 42.15 ? 241 HOH B O     1 
HETATM 572 O O     . HOH V 3 .  ? 1.323   -11.301 14.423  1.00 53.65 ? 242 HOH B O     1 
# 
loop_
_atom_site_anisotrop.id 
_atom_site_anisotrop.type_symbol 
_atom_site_anisotrop.pdbx_label_atom_id 
_atom_site_anisotrop.pdbx_label_alt_id 
_atom_site_anisotrop.pdbx_label_comp_id 
_atom_site_anisotrop.pdbx_label_asym_id 
_atom_site_anisotrop.pdbx_label_seq_id 
_atom_site_anisotrop.pdbx_PDB_ins_code 
_atom_site_anisotrop.U[1][1] 
_atom_site_anisotrop.U[2][2] 
_atom_site_anisotrop.U[3][3] 
_atom_site_anisotrop.U[1][2] 
_atom_site_anisotrop.U[1][3] 
_atom_site_anisotrop.U[2][3] 
_atom_site_anisotrop.pdbx_auth_seq_id 
_atom_site_anisotrop.pdbx_auth_comp_id 
_atom_site_anisotrop.pdbx_auth_asym_id 
_atom_site_anisotrop.pdbx_auth_atom_id 
1   O "O5'" . A   A 1  ? 0.3103 0.3088 0.2702 0.0274  0.0145  0.0252  1   A   A "O5'" 
2   C "C5'" . A   A 1  ? 0.2636 0.2990 0.2532 0.0370  -0.0258 0.0424  1   A   A "C5'" 
3   C "C4'" . A   A 1  ? 0.2359 0.2877 0.2153 0.0600  -0.0129 0.0035  1   A   A "C4'" 
4   O "O4'" . A   A 1  ? 0.2449 0.3114 0.2087 0.0849  -0.0092 0.0079  1   A   A "O4'" 
5   C "C3'" . A   A 1  ? 0.2474 0.2574 0.1841 0.0679  -0.0005 0.0004  1   A   A "C3'" 
6   O "O3'" . A   A 1  ? 0.2490 0.2628 0.1699 0.0669  0.0000  0.0135  1   A   A "O3'" 
7   C "C2'" . A   A 1  ? 0.2294 0.2691 0.1692 0.0446  0.0184  0.0138  1   A   A "C2'" 
8   O "O2'" . A   A 1  ? 0.2726 0.2930 0.1992 0.0634  0.0455  0.0318  1   A   A "O2'" 
9   C "C1'" . A   A 1  ? 0.2484 0.2466 0.1852 0.0546  0.0227  0.0260  1   A   A "C1'" 
10  N N9    . A   A 1  ? 0.2262 0.2354 0.1843 0.0570  0.0211  0.0342  1   A   A N9    
11  C C8    . A   A 1  ? 0.2233 0.2341 0.1745 0.0681  0.0136  0.0333  1   A   A C8    
12  N N7    . A   A 1  ? 0.2364 0.2169 0.1579 0.0699  0.0081  0.0353  1   A   A N7    
13  C C5    . A   A 1  ? 0.2097 0.2253 0.1717 0.0771  -0.0076 0.0447  1   A   A C5    
14  C C6    . A   A 1  ? 0.2263 0.2016 0.1870 0.0646  0.0152  0.0341  1   A   A C6    
15  N N6    . A   A 1  ? 0.2290 0.2483 0.2021 0.0850  0.0322  0.0401  1   A   A N6    
16  N N1    . A   A 1  ? 0.2164 0.2092 0.2035 0.0639  0.0127  0.0411  1   A   A N1    
17  C C2    . A   A 1  ? 0.2238 0.2419 0.2182 0.0658  0.0300  0.0093  1   A   A C2    
18  N N3    . A   A 1  ? 0.2230 0.2554 0.2094 0.0587  0.0192  0.0159  1   A   A N3    
19  C C4    . A   A 1  ? 0.2253 0.2312 0.1825 0.0696  0.0035  0.0380  1   A   A C4    
20  P P     . A   A 2  ? 0.2465 0.2796 0.1640 0.0716  0.0029  0.0041  2   A   A P     
21  O OP1   . A   A 2  ? 0.2940 0.3375 0.1714 0.1027  0.0290  -0.0127 2   A   A OP1   
22  O OP2   . A   A 2  ? 0.2453 0.3070 0.1574 0.0648  0.0307  0.0270  2   A   A OP2   
23  O "O5'" . A   A 2  ? 0.2329 0.3234 0.1505 0.0472  0.0134  0.0236  2   A   A "O5'" 
24  C "C5'" . A   A 2  ? 0.2527 0.3562 0.1489 0.0507  0.0013  0.0700  2   A   A "C5'" 
25  C "C4'" . A   A 2  ? 0.2551 0.3175 0.2018 0.0481  0.0104  0.0804  2   A   A "C4'" 
26  O "O4'" . A   A 2  ? 0.2985 0.2983 0.2222 0.0528  0.0030  0.0862  2   A   A "O4'" 
27  C "C3'" . A   A 2  ? 0.2101 0.2935 0.1914 0.0238  0.0149  0.0505  2   A   A "C3'" 
28  O "O3'" . A   A 2  ? 0.2321 0.3166 0.1766 0.0431  0.0189  0.0531  2   A   A "O3'" 
29  C "C2'" . A   A 2  ? 0.2430 0.2910 0.2318 0.0002  0.0271  0.0458  2   A   A "C2'" 
30  O "O2'" . A   A 2  ? 0.3096 0.3046 0.2791 -0.0202 0.0670  0.0567  2   A   A "O2'" 
31  C "C1'" . A   A 2  ? 0.2749 0.2545 0.2394 0.0096  0.0174  0.0802  2   A   A "C1'" 
32  N N9    . A   A 2  ? 0.2378 0.2392 0.2346 0.0067  0.0061  0.0395  2   A   A N9    
33  C C8    . A   A 2  ? 0.1846 0.2651 0.2018 0.0157  -0.0092 0.0285  2   A   A C8    
34  N N7    . A   A 2  ? 0.2189 0.2202 0.1882 0.0256  -0.0145 0.0242  2   A   A N7    
35  C C5    . A   A 2  ? 0.2233 0.1855 0.2236 0.0424  -0.0141 0.0303  2   A   A C5    
36  C C6    . A   A 2  ? 0.2436 0.1654 0.2342 0.0329  -0.0248 0.0176  2   A   A C6    
37  N N6    . A   A 2  ? 0.2722 0.2036 0.2058 0.0346  -0.0162 0.0213  2   A   A N6    
38  N N1    . A   A 2  ? 0.2945 0.1943 0.3133 0.0011  -0.0237 0.0024  2   A   A N1    
39  C C2    . A   A 2  ? 0.2916 0.2092 0.3232 -0.0148 -0.0257 0.0112  2   A   A C2    
40  N N3    . A   A 2  ? 0.3388 0.2038 0.3261 -0.0284 0.0030  0.0219  2   A   A N3    
41  C C4    . A   A 2  ? 0.3063 0.1894 0.2494 -0.0066 0.0077  0.0409  2   A   A C4    
42  P P     . A   A 3  ? 0.2547 0.2870 0.1594 0.0419  0.0128  0.0176  3   A   A P     
43  O OP1   . A   A 3  ? 0.2559 0.3039 0.2104 0.0419  0.0082  -0.0117 3   A   A OP1   
44  O OP2   . A   A 3  ? 0.2654 0.2707 0.1807 0.0263  -0.0134 0.0020  3   A   A OP2   
45  O "O5'" . A   A 3  ? 0.2861 0.2594 0.1674 0.0060  -0.0037 0.0256  3   A   A "O5'" 
46  C "C5'" . A   A 3  ? 0.2493 0.2351 0.1457 0.0299  -0.0176 0.0215  3   A   A "C5'" 
47  C "C4'" . A   A 3  ? 0.1948 0.2293 0.1597 0.0060  -0.0063 0.0257  3   A   A "C4'" 
48  O "O4'" . A   A 3  ? 0.2133 0.2124 0.1685 0.0101  0.0029  0.0419  3   A   A "O4'" 
49  C "C3'" . A   A 3  ? 0.1803 0.2104 0.1437 0.0081  -0.0128 0.0171  3   A   A "C3'" 
50  O "O3'" . A   A 3  ? 0.1755 0.2253 0.1364 0.0006  0.0178  0.0239  3   A   A "O3'" 
51  C "C2'" . A   A 3  ? 0.1722 0.2145 0.1766 -0.0033 -0.0123 0.0058  3   A   A "C2'" 
52  O "O2'" . A   A 3  ? 0.1829 0.1941 0.2594 -0.0039 -0.0168 0.0067  3   A   A "O2'" 
53  C "C1'" . A   A 3  ? 0.1874 0.1944 0.1800 -0.0070 -0.0118 0.0092  3   A   A "C1'" 
54  N N9    . A   A 3  ? 0.1763 0.1641 0.1740 0.0073  -0.0160 0.0162  3   A   A N9    
55  C C8    . A   A 3  ? 0.1889 0.1713 0.1650 -0.0037 -0.0184 0.0240  3   A   A C8    
56  N N7    . A   A 3  ? 0.1702 0.1651 0.1572 0.0090  -0.0230 0.0241  3   A   A N7    
57  C C5    . A   A 3  ? 0.1571 0.1497 0.1638 0.0226  -0.0265 0.0215  3   A   A C5    
58  C C6    . A   A 3  ? 0.1656 0.1472 0.1624 0.0280  -0.0243 0.0163  3   A   A C6    
59  N N6    . A   A 3  ? 0.1678 0.1676 0.1698 0.0209  0.0014  0.0118  3   A   A N6    
60  N N1    . A   A 3  ? 0.1574 0.1818 0.1877 0.0317  -0.0193 -0.0057 3   A   A N1    
61  C C2    . A   A 3  ? 0.1671 0.1765 0.2023 0.0302  -0.0161 -0.0202 3   A   A C2    
62  N N3    . A   A 3  ? 0.1722 0.1540 0.2084 0.0092  -0.0142 -0.0061 3   A   A N3    
63  C C4    . A   A 3  ? 0.1782 0.1413 0.1747 0.0161  -0.0166 0.0177  3   A   A C4    
64  P P     . A   A 4  ? 0.1734 0.1983 0.1418 0.0207  0.0100  0.0100  4   A   A P     
65  O OP1   . A   A 4  ? 0.1663 0.2365 0.1717 0.0160  0.0112  0.0014  4   A   A OP1   
66  O OP2   . A   A 4  ? 0.1649 0.2110 0.1657 0.0088  0.0088  -0.0019 4   A   A OP2   
67  O "O5'" . A   A 4  ? 0.1733 0.1692 0.1335 0.0108  0.0113  0.0203  4   A   A "O5'" 
68  C "C5'" . A   A 4  ? 0.1621 0.1702 0.1482 0.0011  0.0078  0.0190  4   A   A "C5'" 
69  C "C4'" . A   A 4  ? 0.1608 0.1600 0.1339 -0.0076 -0.0062 0.0213  4   A   A "C4'" 
70  O "O4'" . A   A 4  ? 0.1781 0.1611 0.1351 0.0155  0.0046  0.0163  4   A   A "O4'" 
71  C "C3'" . A   A 4  ? 0.1382 0.1596 0.1269 0.0000  -0.0048 0.0123  4   A   A "C3'" 
72  O "O3'" . A   A 4  ? 0.1489 0.1405 0.1340 -0.0047 -0.0040 0.0145  4   A   A "O3'" 
73  C "C2'" . A   A 4  ? 0.1515 0.1470 0.1342 0.0017  -0.0004 0.0101  4   A   A "C2'" 
74  O "O2'" . A   A 4  ? 0.1871 0.1484 0.1559 0.0078  -0.0149 -0.0069 4   A   A "O2'" 
75  C "C1'" . A   A 4  ? 0.1676 0.1500 0.1467 0.0193  -0.0017 0.0087  4   A   A "C1'" 
76  N N9    . A   A 4  ? 0.1656 0.1491 0.1351 0.0196  -0.0104 0.0165  4   A   A N9    
77  C C8    . A   A 4  ? 0.1740 0.1660 0.1312 0.0092  0.0012  0.0078  4   A   A C8    
78  N N7    . A   A 4  ? 0.1534 0.1686 0.1371 0.0165  -0.0014 0.0172  4   A   A N7    
79  C C5    . A   A 4  ? 0.1364 0.1691 0.1342 0.0298  -0.0081 0.0177  4   A   A C5    
80  C C6    . A   A 4  ? 0.1361 0.1851 0.1434 0.0329  -0.0080 0.0317  4   A   A C6    
81  N N6    . A   A 4  ? 0.1496 0.1926 0.1485 0.0133  -0.0064 0.0350  4   A   A N6    
82  N N1    . A   A 4  ? 0.1434 0.1826 0.1553 0.0247  0.0112  0.0220  4   A   A N1    
83  C C2    . A   A 4  ? 0.1472 0.1796 0.1605 0.0301  -0.0031 0.0246  4   A   A C2    
84  N N3    . A   A 4  ? 0.1666 0.1673 0.1433 0.0243  -0.0020 0.0103  4   A   A N3    
85  C C4    . A   A 4  ? 0.1516 0.1742 0.1294 0.0289  -0.0112 0.0222  4   A   A C4    
86  P P     . A   A 5  ? 0.1483 0.1392 0.1339 0.0020  -0.0134 0.0052  5   A   A P     
87  O OP1   . A   A 5  ? 0.1566 0.1748 0.1712 -0.0155 -0.0411 0.0135  5   A   A OP1   
88  O OP2   . A   A 5  ? 0.1571 0.1446 0.1402 -0.0049 -0.0112 -0.0038 5   A   A OP2   
89  O "O5'" . A   A 5  ? 0.1661 0.1470 0.1177 -0.0128 -0.0144 0.0071  5   A   A "O5'" 
90  C "C5'" . A   A 5  ? 0.1565 0.1601 0.1225 -0.0162 -0.0179 0.0005  5   A   A "C5'" 
91  C "C4'" . A   A 5  ? 0.1540 0.1519 0.1361 0.0117  -0.0132 0.0028  5   A   A "C4'" 
92  O "O4'" . A   A 5  ? 0.1658 0.1470 0.1391 -0.0030 -0.0216 0.0135  5   A   A "O4'" 
93  C "C3'" . A   A 5  ? 0.1441 0.1489 0.1130 -0.0005 -0.0109 -0.0004 5   A   A "C3'" 
94  O "O3'" . A   A 5  ? 0.1547 0.1423 0.1148 0.0204  -0.0064 0.0013  5   A   A "O3'" 
95  C "C2'" . A   A 5  ? 0.1528 0.1676 0.1215 0.0187  -0.0011 0.0108  5   A   A "C2'" 
96  O "O2'" . A   A 5  ? 0.1470 0.1690 0.1329 0.0087  0.0047  0.0043  5   A   A "O2'" 
97  C "C1'" . A   A 5  ? 0.1516 0.1513 0.1354 0.0061  -0.0114 0.0111  5   A   A "C1'" 
98  N N9    . A   A 5  ? 0.1487 0.1547 0.1395 0.0083  -0.0262 0.0090  5   A   A N9    
99  C C8    . A   A 5  ? 0.1521 0.1594 0.1357 0.0045  -0.0213 0.0107  5   A   A C8    
100 N N7    . A   A 5  ? 0.1427 0.1557 0.1478 0.0030  -0.0258 0.0069  5   A   A N7    
101 C C5    . A   A 5  ? 0.1409 0.1495 0.1393 0.0176  -0.0222 0.0122  5   A   A C5    
102 C C6    . A   A 5  ? 0.1295 0.1562 0.1435 0.0222  -0.0222 0.0096  5   A   A C6    
103 N N6    . A   A 5  ? 0.1483 0.1578 0.1548 -0.0015 -0.0138 0.0088  5   A   A N6    
104 N N1    . A   A 5  ? 0.1358 0.1637 0.1508 0.0124  -0.0176 0.0151  5   A   A N1    
105 C C2    . A   A 5  ? 0.1337 0.1965 0.1454 0.0089  -0.0244 0.0075  5   A   A C2    
106 N N3    . A   A 5  ? 0.1397 0.1797 0.1440 0.0197  -0.0211 0.0081  5   A   A N3    
107 C C4    . A   A 5  ? 0.1427 0.1522 0.1389 0.0165  -0.0241 0.0129  5   A   A C4    
108 P P     . A   A 6  ? 0.1436 0.1508 0.1183 0.0214  0.0008  -0.0007 6   A   A P     
109 O OP1   . A   A 6  ? 0.1609 0.1656 0.1262 0.0302  -0.0126 0.0002  6   A   A OP1   
110 O OP2   . A   A 6  ? 0.1485 0.1828 0.1294 0.0275  0.0141  -0.0146 6   A   A OP2   
111 O "O5'" . A   A 6  ? 0.1594 0.1462 0.1178 0.0187  0.0076  0.0078  6   A   A "O5'" 
112 C "C5'" . A   A 6  ? 0.1651 0.1614 0.1378 0.0369  0.0284  0.0066  6   A   A "C5'" 
113 C "C4'" . A   A 6  ? 0.1667 0.1671 0.1179 0.0359  0.0241  0.0274  6   A   A "C4'" 
114 O "O4'" . A   A 6  ? 0.1541 0.1685 0.1352 0.0429  0.0217  0.0215  6   A   A "O4'" 
115 C "C3'" . A   A 6  ? 0.1631 0.1617 0.1219 0.0369  0.0222  0.0182  6   A   A "C3'" 
116 O "O3'" . A   A 6  ? 0.1543 0.1688 0.1264 0.0476  0.0320  0.0272  6   A   A "O3'" 
117 C "C2'" . A   A 6  ? 0.1449 0.1675 0.1399 0.0315  0.0325  0.0339  6   A   A "C2'" 
118 O "O2'" . A   A 6  ? 0.1621 0.1749 0.1437 0.0329  0.0376  0.0291  6   A   A "O2'" 
119 C "C1'" . A   A 6  ? 0.1497 0.1545 0.1401 0.0326  0.0225  0.0270  6   A   A "C1'" 
120 N N9    . A   A 6  ? 0.1286 0.1747 0.1280 0.0296  0.0026  0.0192  6   A   A N9    
121 C C8    . A   A 6  ? 0.1423 0.1591 0.1178 0.0215  0.0037  0.0101  6   A   A C8    
122 N N7    . A   A 6  ? 0.1333 0.1567 0.1337 0.0208  0.0028  0.0047  6   A   A N7    
123 C C5    . A   A 6  ? 0.1316 0.1649 0.1251 0.0238  -0.0096 0.0103  6   A   A C5    
124 C C6    . A   A 6  ? 0.1447 0.1487 0.1242 0.0171  -0.0085 0.0202  6   A   A C6    
125 N N6    . A   A 6  ? 0.1520 0.1513 0.1291 0.0108  -0.0034 -0.0012 6   A   A N6    
126 N N1    . A   A 6  ? 0.1450 0.1697 0.1427 0.0115  -0.0054 0.0116  6   A   A N1    
127 C C2    . A   A 6  ? 0.1507 0.1811 0.1461 0.0165  0.0005  0.0205  6   A   A C2    
128 N N3    . A   A 6  ? 0.1408 0.1832 0.1415 0.0179  0.0011  0.0248  6   A   A N3    
129 C C4    . A   A 6  ? 0.1438 0.1647 0.1298 0.0150  0.0028  0.0301  6   A   A C4    
130 P P     . A   A 7  ? 0.1658 0.1821 0.1256 0.0571  0.0323  0.0284  7   A   A P     
131 O OP1   . A   A 7  ? 0.2075 0.2256 0.1192 0.0880  0.0369  0.0361  7   A   A OP1   
132 O OP2   . A   A 7  ? 0.1489 0.2006 0.1337 0.0467  0.0286  0.0204  7   A   A OP2   
133 O "O5'" . A   A 7  ? 0.1755 0.1614 0.1476 0.0406  0.0420  0.0287  7   A   A "O5'" 
134 C "C5'" . A   A 7  ? 0.1891 0.1740 0.1523 0.0385  0.0524  0.0336  7   A   A "C5'" 
135 C "C4'" . A   A 7  ? 0.1736 0.1577 0.1716 0.0417  0.0415  0.0354  7   A   A "C4'" 
136 O "O4'" . A   A 7  ? 0.1584 0.1721 0.1625 0.0393  0.0398  0.0380  7   A   A "O4'" 
137 C "C3'" . A   A 7  ? 0.1367 0.1609 0.1520 0.0259  0.0302  0.0278  7   A   A "C3'" 
138 O "O3'" . A   A 7  ? 0.1512 0.1643 0.1395 0.0366  0.0473  0.0300  7   A   A "O3'" 
139 C "C2'" . A   A 7  ? 0.1494 0.1624 0.1523 0.0073  0.0186  0.0381  7   A   A "C2'" 
140 O "O2'" . A   A 7  ? 0.1548 0.1834 0.2143 -0.0057 0.0180  0.0371  7   A   A "O2'" 
141 C "C1'" . A   A 7  ? 0.1386 0.1688 0.1698 0.0194  0.0290  0.0367  7   A   A "C1'" 
142 N N9    . A   A 7  ? 0.1448 0.1497 0.1551 0.0171  0.0234  0.0380  7   A   A N9    
143 C C8    . A   A 7  ? 0.1432 0.1453 0.1419 0.0230  0.0278  0.0319  7   A   A C8    
144 N N7    . A   A 7  ? 0.1417 0.1525 0.1358 0.0212  0.0268  0.0213  7   A   A N7    
145 C C5    . A   A 7  ? 0.1344 0.1476 0.1414 0.0216  0.0069  0.0249  7   A   A C5    
146 C C6    . A   A 7  ? 0.1564 0.1606 0.1284 0.0290  0.0108  0.0279  7   A   A C6    
147 N N6    . A   A 7  ? 0.1641 0.1625 0.1387 0.0325  0.0254  0.0299  7   A   A N6    
148 N N1    . A   A 7  ? 0.1730 0.1721 0.1308 0.0217  0.0094  0.0174  7   A   A N1    
149 C C2    . A   A 7  ? 0.1799 0.1709 0.1560 0.0141  -0.0036 0.0200  7   A   A C2    
150 N N3    . A   A 7  ? 0.1440 0.1640 0.1617 0.0036  -0.0036 0.0352  7   A   A N3    
151 C C4    . A   A 7  ? 0.1377 0.1501 0.1410 0.0172  0.0085  0.0364  7   A   A C4    
152 P P     . A   A 8  ? 0.1542 0.1695 0.1416 0.0367  0.0323  0.0291  8   A   A P     
153 O OP1   . A   A 8  ? 0.1846 0.1651 0.1610 0.0373  0.0537  0.0467  8   A   A OP1   
154 O OP2   . A   A 8  ? 0.1586 0.1859 0.1396 0.0220  0.0257  0.0278  8   A   A OP2   
155 O "O5'" . A   A 8  ? 0.1505 0.1775 0.1362 0.0424  0.0375  0.0197  8   A   A "O5'" 
156 C "C5'" . A   A 8  ? 0.1296 0.1829 0.1670 0.0495  0.0184  0.0202  8   A   A "C5'" 
157 C "C4'" . A   A 8  ? 0.1427 0.1711 0.1569 0.0397  0.0184  0.0135  8   A   A "C4'" 
158 O "O4'" . A   A 8  ? 0.1437 0.1784 0.1651 0.0404  0.0171  0.0148  8   A   A "O4'" 
159 C "C3'" . A   A 8  ? 0.1220 0.1508 0.1568 0.0190  0.0183  0.0117  8   A   A "C3'" 
160 O "O3'" . A   A 8  ? 0.1284 0.1558 0.1628 0.0191  0.0167  0.0180  8   A   A "O3'" 
161 C "C2'" . A   A 8  ? 0.1378 0.1650 0.1552 0.0198  0.0163  0.0094  8   A   A "C2'" 
162 O "O2'" . A   A 8  ? 0.1541 0.2077 0.1840 0.0175  -0.0123 -0.0122 8   A   A "O2'" 
163 C "C1'" . A   A 8  ? 0.1393 0.1825 0.1480 0.0352  0.0091  0.0171  8   A   A "C1'" 
164 N N9    . A   A 8  ? 0.1473 0.1657 0.1319 0.0357  0.0145  0.0261  8   A   A N9    
165 C C8    . A   A 8  ? 0.1393 0.1660 0.1287 0.0257  0.0151  0.0316  8   A   A C8    
166 N N7    . A   A 8  ? 0.1454 0.1570 0.1309 0.0307  0.0249  0.0256  8   A   A N7    
167 C C5    . A   A 8  ? 0.1408 0.1597 0.1312 0.0411  0.0247  0.0309  8   A   A C5    
168 C C6    . A   A 8  ? 0.1359 0.1512 0.1464 0.0437  0.0279  0.0272  8   A   A C6    
169 N N6    . A   A 8  ? 0.1542 0.1476 0.1370 0.0354  0.0376  0.0222  8   A   A N6    
170 N N1    . A   A 8  ? 0.1487 0.1701 0.1290 0.0496  0.0178  0.0221  8   A   A N1    
171 C C2    . A   A 8  ? 0.1651 0.1793 0.1295 0.0339  0.0213  0.0271  8   A   A C2    
172 N N3    . A   A 8  ? 0.1625 0.1923 0.1264 0.0381  0.0192  0.0205  8   A   A N3    
173 C C4    . A   A 8  ? 0.1524 0.1497 0.1458 0.0382  0.0221  0.0203  8   A   A C4    
174 P P     . A   A 9  ? 0.1276 0.1429 0.1535 0.0138  0.0151  0.0096  9   A   A P     
175 O OP1   . A   A 9  ? 0.1485 0.1313 0.1887 0.0105  0.0258  0.0175  9   A   A OP1   
176 O OP2   . A   A 9  ? 0.1387 0.1374 0.1551 0.0154  0.0203  0.0109  9   A   A OP2   
177 O "O5'" . A   A 9  ? 0.1246 0.1420 0.1513 0.0084  0.0188  -0.0013 9   A   A "O5'" 
178 C "C5'" . A   A 9  ? 0.1351 0.1591 0.1587 -0.0056 0.0088  -0.0037 9   A   A "C5'" 
179 C "C4'" . A   A 9  ? 0.1393 0.1471 0.1474 0.0142  0.0156  0.0032  9   A   A "C4'" 
180 O "O4'" . A   A 9  ? 0.1422 0.1438 0.1480 0.0084  0.0090  0.0062  9   A   A "O4'" 
181 C "C3'" . A   A 9  ? 0.1322 0.1331 0.1402 0.0069  0.0210  -0.0002 9   A   A "C3'" 
182 O "O3'" . A   A 9  ? 0.1370 0.1264 0.1338 0.0071  0.0176  -0.0017 9   A   A "O3'" 
183 C "C2'" . A   A 9  ? 0.1381 0.1333 0.1388 0.0025  0.0144  -0.0020 9   A   A "C2'" 
184 O "O2'" . A   A 9  ? 0.1826 0.1409 0.1355 0.0081  0.0274  -0.0019 9   A   A "O2'" 
185 C "C1'" . A   A 9  ? 0.1396 0.1370 0.1447 0.0121  0.0050  -0.0034 9   A   A "C1'" 
186 N N9    . A   A 9  ? 0.1429 0.1319 0.1262 0.0153  0.0123  0.0052  9   A   A N9    
187 C C8    . A   A 9  ? 0.1297 0.1432 0.1327 0.0189  0.0089  0.0054  9   A   A C8    
188 N N7    . A   A 9  ? 0.1328 0.1310 0.1217 0.0201  0.0114  0.0105  9   A   A N7    
189 C C5    . A   A 9  ? 0.1373 0.1199 0.1237 0.0231  0.0139  0.0124  9   A   A C5    
190 C C6    . A   A 9  ? 0.1391 0.1141 0.1299 0.0229  0.0147  0.0134  9   A   A C6    
191 N N6    . A   A 9  ? 0.1327 0.1304 0.1413 0.0110  0.0158  0.0045  9   A   A N6    
192 N N1    . A   A 9  ? 0.1513 0.1167 0.1526 0.0126  0.0309  -0.0002 9   A   A N1    
193 C C2    . A   A 9  ? 0.1570 0.1174 0.1558 0.0135  0.0310  0.0029  9   A   A C2    
194 N N3    . A   A 9  ? 0.1539 0.1362 0.1320 0.0072  0.0274  0.0059  9   A   A N3    
195 C C4    . A   A 9  ? 0.1514 0.1127 0.1185 0.0108  0.0199  0.0141  9   A   A C4    
196 P P     . A   A 10 ? 0.1370 0.1309 0.1395 0.0048  0.0166  0.0001  10  A   A P     
197 O OP1   . A   A 10 ? 0.1719 0.1168 0.1558 0.0016  0.0091  0.0052  10  A   A OP1   
198 O OP2   . A   A 10 ? 0.1439 0.1452 0.1351 -0.0027 0.0243  0.0008  10  A   A OP2   
199 O "O5'" . A   A 10 ? 0.1334 0.1221 0.1573 0.0000  0.0167  -0.0026 10  A   A "O5'" 
200 C "C5'" . A   A 10 ? 0.1450 0.1450 0.1515 0.0091  0.0203  0.0038  10  A   A "C5'" 
201 C "C4'" . A   A 10 ? 0.1454 0.1457 0.1422 0.0118  0.0169  0.0021  10  A   A "C4'" 
202 O "O4'" . A   A 10 ? 0.1585 0.1435 0.1402 0.0024  0.0164  0.0121  10  A   A "O4'" 
203 C "C3'" . A   A 10 ? 0.1402 0.1509 0.1429 0.0144  0.0206  0.0084  10  A   A "C3'" 
204 O "O3'" . A   A 10 ? 0.1447 0.1607 0.1692 0.0245  0.0324  0.0287  10  A   A "O3'" 
205 C "C2'" . A   A 10 ? 0.1477 0.1630 0.1430 0.0089  0.0222  0.0077  10  A   A "C2'" 
206 O "O2'" . A   A 10 ? 0.1566 0.1691 0.1626 -0.0001 0.0407  0.0033  10  A   A "O2'" 
207 C "C1'" . A   A 10 ? 0.1400 0.1495 0.1487 0.0026  0.0196  0.0142  10  A   A "C1'" 
208 N N9    . A   A 10 ? 0.1384 0.1315 0.1409 0.0027  0.0097  0.0218  10  A   A N9    
209 C C8    . A   A 10 ? 0.1442 0.1324 0.1317 0.0182  0.0139  0.0129  10  A   A C8    
210 N N7    . A   A 10 ? 0.1414 0.1360 0.1330 0.0135  0.0017  0.0076  10  A   A N7    
211 C C5    . A   A 10 ? 0.1413 0.1339 0.1399 0.0149  -0.0014 0.0148  10  A   A C5    
212 C C6    . A   A 10 ? 0.1482 0.1213 0.1513 0.0165  -0.0076 0.0212  10  A   A C6    
213 N N6    . A   A 10 ? 0.1509 0.1417 0.1472 0.0011  -0.0129 -0.0098 10  A   A N6    
214 N N1    . A   A 10 ? 0.1572 0.1400 0.1641 -0.0021 -0.0062 0.0098  10  A   A N1    
215 C C2    . A   A 10 ? 0.1719 0.1591 0.1745 -0.0048 0.0069  0.0019  10  A   A C2    
216 N N3    . A   A 10 ? 0.1563 0.1385 0.1808 -0.0085 0.0143  -0.0017 10  A   A N3    
217 C C4    . A   A 10 ? 0.1457 0.1303 0.1501 0.0157  0.0053  0.0190  10  A   A C4    
218 P P     . A   A 11 ? 0.1750 0.1761 0.1712 0.0347  0.0293  0.0246  11  A   A P     
219 O OP1   . A   A 11 ? 0.2607 0.1848 0.2459 0.0917  0.0527  0.0291  11  A   A OP1   
220 O OP2   . A   A 11 ? 0.2029 0.1645 0.1556 0.0223  0.0314  0.0218  11  A   A OP2   
221 O "O5'" . A   A 11 ? 0.1650 0.2236 0.1567 0.0412  0.0256  0.0308  11  A   A "O5'" 
222 C "C5'" . A   A 11 ? 0.1534 0.2543 0.1950 0.0357  0.0368  0.0230  11  A   A "C5'" 
223 C "C4'" . A   A 11 ? 0.1582 0.2648 0.1970 0.0326  0.0123  0.0455  11  A   A "C4'" 
224 O "O4'" . A   A 11 ? 0.1448 0.2356 0.1816 0.0067  0.0075  0.0407  11  A   A "O4'" 
225 C "C3'" . A   A 11 ? 0.1574 0.2900 0.1968 0.0205  0.0121  0.0669  11  A   A "C3'" 
226 O "O3'" . A   A 11 ? 0.1721 0.3498 0.2100 0.0540  0.0086  0.0737  11  A   A "O3'" 
227 C "C2'" . A   A 11 ? 0.1445 0.3082 0.1969 -0.0054 0.0005  0.0620  11  A   A "C2'" 
228 O "O2'" . A   A 11 ? 0.1668 0.3803 0.2294 -0.0408 0.0017  0.0735  11  A   A "O2'" 
229 C "C1'" . A   A 11 ? 0.1630 0.2621 0.1775 -0.0062 0.0035  0.0459  11  A   A "C1'" 
230 N N9    . A   A 11 ? 0.1508 0.2014 0.1707 0.0026  -0.0071 0.0391  11  A   A N9    
231 C C8    . A   A 11 ? 0.1564 0.1793 0.1737 0.0037  0.0039  0.0271  11  A   A C8    
232 N N7    . A   A 11 ? 0.1567 0.1825 0.1649 0.0027  -0.0023 0.0280  11  A   A N7    
233 C C5    . A   A 11 ? 0.1391 0.1645 0.1763 0.0200  -0.0084 0.0357  11  A   A C5    
234 C C6    . A   A 11 ? 0.1406 0.1538 0.1862 0.0232  -0.0112 0.0194  11  A   A C6    
235 N N6    . A   A 11 ? 0.1577 0.1672 0.1790 0.0190  0.0025  0.0080  11  A   A N6    
236 N N1    . A   A 11 ? 0.1686 0.1670 0.2019 0.0044  -0.0325 0.0305  11  A   A N1    
237 C C2    . A   A 11 ? 0.1648 0.1764 0.2199 -0.0021 -0.0313 0.0153  11  A   A C2    
238 N N3    . A   A 11 ? 0.1569 0.2287 0.1961 -0.0120 -0.0411 0.0350  11  A   A N3    
239 C C4    . A   A 11 ? 0.1464 0.1956 0.1626 0.0005  -0.0226 0.0452  11  A   A C4    
240 O "O5'" . A   B 1  ? 0.2616 0.2250 0.2581 0.0198  0.0215  -0.0137 1   A   B "O5'" 
241 C "C5'" . A   B 1  ? 0.2597 0.2067 0.2375 0.0607  0.0058  0.0029  1   A   B "C5'" 
242 C "C4'" . A   B 1  ? 0.2333 0.2034 0.1869 0.0700  0.0224  0.0206  1   A   B "C4'" 
243 O "O4'" . A   B 1  ? 0.2454 0.1927 0.2121 0.0860  0.0029  0.0279  1   A   B "O4'" 
244 C "C3'" . A   B 1  ? 0.2309 0.1961 0.1622 0.0606  0.0224  0.0258  1   A   B "C3'" 
245 O "O3'" . A   B 1  ? 0.1982 0.1961 0.1763 0.0541  0.0260  0.0211  1   A   B "O3'" 
246 C "C2'" . A   B 1  ? 0.1928 0.2016 0.1983 0.0691  0.0146  0.0347  1   A   B "C2'" 
247 O "O2'" . A   B 1  ? 0.2048 0.2641 0.2227 0.0935  0.0409  0.0689  1   A   B "O2'" 
248 C "C1'" . A   B 1  ? 0.2220 0.2053 0.1913 0.0640  0.0102  0.0362  1   A   B "C1'" 
249 N N9    . A   B 1  ? 0.2216 0.2091 0.1824 0.0657  0.0068  0.0434  1   A   B N9    
250 C C8    . A   B 1  ? 0.2210 0.2135 0.1705 0.0572  -0.0068 0.0384  1   A   B C8    
251 N N7    . A   B 1  ? 0.2128 0.2080 0.1639 0.0558  -0.0116 0.0316  1   A   B N7    
252 C C5    . A   B 1  ? 0.2063 0.2039 0.1597 0.0508  -0.0154 0.0488  1   A   B C5    
253 C C6    . A   B 1  ? 0.1781 0.2000 0.1730 0.0374  -0.0215 0.0338  1   A   B C6    
254 N N6    . A   B 1  ? 0.1975 0.1850 0.1759 0.0277  -0.0041 0.0227  1   A   B N6    
255 N N1    . A   B 1  ? 0.2097 0.2211 0.1780 0.0045  -0.0320 0.0570  1   A   B N1    
256 C C2    . A   B 1  ? 0.2071 0.2302 0.1863 0.0143  -0.0232 0.0540  1   A   B C2    
257 N N3    . A   B 1  ? 0.1958 0.2757 0.1846 0.0367  -0.0329 0.0467  1   A   B N3    
258 C C4    . A   B 1  ? 0.2172 0.2183 0.1602 0.0504  -0.0124 0.0508  1   A   B C4    
259 P P     . A   B 2  ? 0.1917 0.1988 0.1580 0.0409  0.0058  0.0225  2   A   B P     
260 O OP1   . A   B 2  ? 0.2433 0.2471 0.1483 0.0473  0.0249  0.0235  2   A   B OP1   
261 O OP2   . A   B 2  ? 0.1837 0.1993 0.1741 0.0327  0.0048  0.0262  2   A   B OP2   
262 O "O5'" . A   B 2  ? 0.1863 0.1898 0.1791 0.0276  0.0031  0.0014  2   A   B "O5'" 
263 C "C5'" . A   B 2  ? 0.1738 0.2167 0.1965 0.0462  0.0072  0.0025  2   A   B "C5'" 
264 C "C4'" . A   B 2  ? 0.1577 0.1881 0.2087 0.0263  0.0042  0.0137  2   A   B "C4'" 
265 O "O4'" . A   B 2  ? 0.1775 0.2023 0.2032 0.0404  -0.0123 0.0089  2   A   B "O4'" 
266 C "C3'" . A   B 2  ? 0.1494 0.1828 0.1724 0.0131  -0.0007 0.0110  2   A   B "C3'" 
267 O "O3'" . A   B 2  ? 0.1389 0.1879 0.1794 0.0141  0.0149  0.0288  2   A   B "O3'" 
268 C "C2'" . A   B 2  ? 0.1620 0.1902 0.1759 -0.0027 -0.0147 0.0122  2   A   B "C2'" 
269 O "O2'" . A   B 2  ? 0.1590 0.2012 0.2258 -0.0038 -0.0207 0.0082  2   A   B "O2'" 
270 C "C1'" . A   B 2  ? 0.1736 0.1880 0.1992 0.0122  -0.0126 0.0120  2   A   B "C1'" 
271 N N9    . A   B 2  ? 0.1671 0.1730 0.1756 0.0118  -0.0197 0.0180  2   A   B N9    
272 C C8    . A   B 2  ? 0.1744 0.1720 0.1856 0.0127  -0.0071 0.0015  2   A   B C8    
273 N N7    . A   B 2  ? 0.1784 0.1583 0.1735 0.0042  -0.0045 -0.0087 2   A   B N7    
274 C C5    . A   B 2  ? 0.1757 0.1556 0.1503 0.0016  -0.0293 0.0224  2   A   B C5    
275 C C6    . A   B 2  ? 0.1984 0.1557 0.1455 -0.0016 -0.0255 0.0195  2   A   B C6    
276 N N6    . A   B 2  ? 0.1868 0.1738 0.1431 0.0072  -0.0122 0.0045  2   A   B N6    
277 N N1    . A   B 2  ? 0.2151 0.2077 0.1489 -0.0294 -0.0381 0.0137  2   A   B N1    
278 C C2    . A   B 2  ? 0.2047 0.2605 0.1756 -0.0315 -0.0286 0.0041  2   A   B C2    
279 N N3    . A   B 2  ? 0.1917 0.2159 0.1631 -0.0126 -0.0421 0.0159  2   A   B N3    
280 C C4    . A   B 2  ? 0.1764 0.1779 0.1662 -0.0032 -0.0331 0.0233  2   A   B C4    
281 P P     . A   B 3  ? 0.1386 0.1894 0.1720 0.0130  0.0067  0.0148  3   A   B P     
282 O OP1   . A   B 3  ? 0.1711 0.1844 0.1907 0.0056  0.0156  0.0304  3   A   B OP1   
283 O OP2   . A   B 3  ? 0.1493 0.1905 0.1717 0.0025  0.0073  0.0199  3   A   B OP2   
284 O "O5'" . A   B 3  ? 0.1266 0.1829 0.1889 0.0137  0.0126  0.0083  3   A   B "O5'" 
285 C "C5'" . A   B 3  ? 0.1308 0.2050 0.2069 0.0176  -0.0148 0.0025  3   A   B "C5'" 
286 C "C4'" . A   B 3  ? 0.1243 0.1782 0.2245 0.0140  -0.0141 -0.0170 3   A   B "C4'" 
287 O "O4'" . A   B 3  ? 0.1397 0.2082 0.1916 0.0268  -0.0256 -0.0037 3   A   B "O4'" 
288 C "C3'" . A   B 3  ? 0.1345 0.1702 0.1905 0.0145  -0.0134 -0.0215 3   A   B "C3'" 
289 O "O3'" . A   B 3  ? 0.1293 0.1752 0.1901 0.0089  -0.0211 -0.0179 3   A   B "O3'" 
290 C "C2'" . A   B 3  ? 0.1336 0.1902 0.1797 0.0110  -0.0240 -0.0261 3   A   B "C2'" 
291 O "O2'" . A   B 3  ? 0.1681 0.2538 0.2105 -0.0084 -0.0446 -0.0637 3   A   B "O2'" 
292 C "C1'" . A   B 3  ? 0.1492 0.2099 0.1846 0.0259  -0.0241 -0.0044 3   A   B "C1'" 
293 N N9    . A   B 3  ? 0.1541 0.1891 0.1588 0.0232  -0.0135 0.0104  3   A   B N9    
294 C C8    . A   B 3  ? 0.1491 0.1848 0.1556 0.0217  -0.0177 0.0164  3   A   B C8    
295 N N7    . A   B 3  ? 0.1403 0.1801 0.1471 0.0312  -0.0058 0.0165  3   A   B N7    
296 C C5    . A   B 3  ? 0.1575 0.1687 0.1494 0.0283  0.0002  0.0180  3   A   B C5    
297 C C6    . A   B 3  ? 0.1510 0.1816 0.1581 0.0309  0.0089  0.0179  3   A   B C6    
298 N N6    . A   B 3  ? 0.1703 0.1643 0.1585 0.0293  0.0181  0.0163  3   A   B N6    
299 N N1    . A   B 3  ? 0.1685 0.1912 0.1685 0.0172  0.0156  0.0011  3   A   B N1    
300 C C2    . A   B 3  ? 0.1734 0.2313 0.1667 0.0151  -0.0056 0.0055  3   A   B C2    
301 N N3    . A   B 3  ? 0.1772 0.2003 0.1549 0.0138  -0.0055 -0.0026 3   A   B N3    
302 C C4    . A   B 3  ? 0.1675 0.1686 0.1603 0.0325  -0.0066 0.0080  3   A   B C4    
303 P P     . A   B 4  ? 0.1353 0.1641 0.1810 0.0027  -0.0064 -0.0085 4   A   B P     
304 O OP1   . A   B 4  ? 0.1707 0.1621 0.2137 -0.0083 -0.0017 0.0030  4   A   B OP1   
305 O OP2   . A   B 4  ? 0.1401 0.1639 0.1747 -0.0029 -0.0057 -0.0080 4   A   B OP2   
306 O "O5'" . A   B 4  ? 0.1345 0.1702 0.1580 0.0125  -0.0106 -0.0140 4   A   B "O5'" 
307 C "C5'" . A   B 4  ? 0.1602 0.1927 0.1698 0.0020  -0.0027 -0.0251 4   A   B "C5'" 
308 C "C4'" . A   B 4  ? 0.1498 0.1742 0.1489 0.0092  -0.0136 -0.0162 4   A   B "C4'" 
309 O "O4'" . A   B 4  ? 0.1459 0.1736 0.1681 0.0130  -0.0223 -0.0103 4   A   B "O4'" 
310 C "C3'" . A   B 4  ? 0.1574 0.1452 0.1593 0.0021  -0.0222 -0.0102 4   A   B "C3'" 
311 O "O3'" . A   B 4  ? 0.1518 0.1538 0.1437 0.0139  -0.0117 -0.0246 4   A   B "O3'" 
312 C "C2'" . A   B 4  ? 0.1486 0.1568 0.1535 0.0206  -0.0010 -0.0151 4   A   B "C2'" 
313 O "O2'" . A   B 4  ? 0.1625 0.1649 0.1698 0.0158  0.0010  -0.0210 4   A   B "O2'" 
314 C "C1'" . A   B 4  ? 0.1396 0.1636 0.1591 0.0182  -0.0169 -0.0081 4   A   B "C1'" 
315 N N9    . A   B 4  ? 0.1308 0.1630 0.1611 0.0227  -0.0111 -0.0099 4   A   B N9    
316 C C8    . A   B 4  ? 0.1311 0.1777 0.1475 0.0234  -0.0194 -0.0056 4   A   B C8    
317 N N7    . A   B 4  ? 0.1362 0.1541 0.1560 0.0151  -0.0161 0.0024  4   A   B N7    
318 C C5    . A   B 4  ? 0.1584 0.1316 0.1472 0.0182  -0.0077 0.0047  4   A   B C5    
319 C C6    . A   B 4  ? 0.1567 0.1349 0.1548 0.0118  0.0013  0.0033  4   A   B C6    
320 N N6    . A   B 4  ? 0.1456 0.1373 0.1661 -0.0011 -0.0006 -0.0022 4   A   B N6    
321 N N1    . A   B 4  ? 0.1644 0.1504 0.1704 0.0187  0.0069  0.0011  4   A   B N1    
322 C C2    . A   B 4  ? 0.1865 0.1470 0.1778 0.0064  0.0278  -0.0062 4   A   B C2    
323 N N3    . A   B 4  ? 0.1693 0.1678 0.1758 0.0056  0.0194  0.0010  4   A   B N3    
324 C C4    . A   B 4  ? 0.1671 0.1324 0.1536 0.0125  0.0022  0.0011  4   A   B C4    
325 P P     . A   B 5  ? 0.1498 0.1507 0.1541 0.0100  -0.0106 -0.0157 5   A   B P     
326 O OP1   . A   B 5  ? 0.1869 0.1618 0.1942 0.0408  -0.0205 -0.0158 5   A   B OP1   
327 O OP2   . A   B 5  ? 0.1672 0.1566 0.1533 -0.0035 -0.0006 -0.0155 5   A   B OP2   
328 O "O5'" . A   B 5  ? 0.1393 0.1828 0.1374 0.0252  -0.0055 -0.0234 5   A   B "O5'" 
329 C "C5'" . A   B 5  ? 0.1459 0.2024 0.1214 0.0319  -0.0073 -0.0197 5   A   B "C5'" 
330 C "C4'" . A   B 5  ? 0.1458 0.2025 0.1168 0.0295  -0.0034 -0.0057 5   A   B "C4'" 
331 O "O4'" . A   B 5  ? 0.1421 0.2008 0.1255 0.0283  0.0030  -0.0054 5   A   B "O4'" 
332 C "C3'" . A   B 5  ? 0.1353 0.1947 0.1289 0.0295  -0.0005 -0.0141 5   A   B "C3'" 
333 O "O3'" . A   B 5  ? 0.1263 0.2183 0.1253 0.0430  0.0121  -0.0052 5   A   B "O3'" 
334 C "C2'" . A   B 5  ? 0.1274 0.2130 0.1268 0.0257  0.0136  -0.0109 5   A   B "C2'" 
335 O "O2'" . A   B 5  ? 0.1500 0.2489 0.1498 0.0303  0.0350  0.0004  5   A   B "O2'" 
336 C "C1'" . A   B 5  ? 0.1424 0.1977 0.1209 0.0280  0.0040  0.0026  5   A   B "C1'" 
337 N N9    . A   B 5  ? 0.1355 0.1676 0.1275 0.0262  0.0034  0.0060  5   A   B N9    
338 C C8    . A   B 5  ? 0.1392 0.1584 0.1208 0.0208  -0.0004 0.0039  5   A   B C8    
339 N N7    . A   B 5  ? 0.1265 0.1536 0.1315 0.0220  0.0000  -0.0007 5   A   B N7    
340 C C5    . A   B 5  ? 0.1422 0.1380 0.1250 0.0231  -0.0010 0.0066  5   A   B C5    
341 C C6    . A   B 5  ? 0.1334 0.1349 0.1233 0.0301  -0.0095 0.0061  5   A   B C6    
342 N N6    . A   B 5  ? 0.1282 0.1326 0.1374 0.0040  -0.0117 -0.0129 5   A   B N6    
343 N N1    . A   B 5  ? 0.1309 0.1563 0.1437 0.0186  -0.0019 0.0102  5   A   B N1    
344 C C2    . A   B 5  ? 0.1444 0.1568 0.1419 0.0194  -0.0043 0.0139  5   A   B C2    
345 N N3    . A   B 5  ? 0.1454 0.1609 0.1358 0.0165  0.0046  0.0178  5   A   B N3    
346 C C4    . A   B 5  ? 0.1335 0.1561 0.1261 0.0212  0.0011  0.0141  5   A   B C4    
347 P P     . A   B 6  ? 0.1390 0.2041 0.1295 0.0390  0.0091  -0.0108 6   A   B P     
348 O OP1   . A   B 6  ? 0.1525 0.2339 0.1581 0.0710  0.0121  -0.0205 6   A   B OP1   
349 O OP2   . A   B 6  ? 0.1421 0.2031 0.1416 0.0360  0.0196  -0.0014 6   A   B OP2   
350 O "O5'" . A   B 6  ? 0.1314 0.2118 0.1268 0.0322  0.0118  -0.0009 6   A   B "O5'" 
351 C "C5'" . A   B 6  ? 0.1298 0.2423 0.1221 0.0346  0.0225  -0.0186 6   A   B "C5'" 
352 C "C4'" . A   B 6  ? 0.1461 0.2002 0.1305 0.0273  0.0122  0.0062  6   A   B "C4'" 
353 O "O4'" . A   B 6  ? 0.1436 0.2108 0.1293 0.0348  0.0178  0.0116  6   A   B "O4'" 
354 C "C3'" . A   B 6  ? 0.1200 0.1764 0.1262 0.0185  0.0165  -0.0059 6   A   B "C3'" 
355 O "O3'" . A   B 6  ? 0.1288 0.1677 0.1293 0.0189  0.0252  0.0072  6   A   B "O3'" 
356 C "C2'" . A   B 6  ? 0.1267 0.1633 0.1332 0.0099  0.0175  0.0061  6   A   B "C2'" 
357 O "O2'" . A   B 6  ? 0.1457 0.1616 0.1703 0.0077  0.0233  0.0178  6   A   B "O2'" 
358 C "C1'" . A   B 6  ? 0.1505 0.1842 0.1279 0.0301  0.0263  0.0235  6   A   B "C1'" 
359 N N9    . A   B 6  ? 0.1332 0.1783 0.1307 0.0301  0.0128  0.0212  6   A   B N9    
360 C C8    . A   B 6  ? 0.1467 0.1694 0.1312 0.0277  0.0172  0.0200  6   A   B C8    
361 N N7    . A   B 6  ? 0.1383 0.1862 0.1280 0.0302  0.0149  0.0215  6   A   B N7    
362 C C5    . A   B 6  ? 0.1336 0.1456 0.1418 0.0381  0.0151  0.0206  6   A   B C5    
363 C C6    . A   B 6  ? 0.1344 0.1462 0.1426 0.0421  0.0158  0.0222  6   A   B C6    
364 N N6    . A   B 6  ? 0.1373 0.1544 0.1417 0.0361  0.0162  0.0198  6   A   B N6    
365 N N1    . A   B 6  ? 0.1428 0.1440 0.1498 0.0390  0.0130  0.0119  6   A   B N1    
366 C C2    . A   B 6  ? 0.1513 0.1478 0.1431 0.0310  0.0227  0.0097  6   A   B C2    
367 N N3    . A   B 6  ? 0.1508 0.1517 0.1468 0.0309  0.0220  0.0044  6   A   B N3    
368 C C4    . A   B 6  ? 0.1397 0.1392 0.1320 0.0388  0.0196  0.0207  6   A   B C4    
369 P P     . A   B 7  ? 0.1395 0.1493 0.1427 0.0184  0.0306  0.0017  7   A   B P     
370 O OP1   . A   B 7  ? 0.1387 0.1784 0.1582 0.0344  0.0405  0.0048  7   A   B OP1   
371 O OP2   . A   B 7  ? 0.1593 0.1574 0.1880 0.0101  0.0547  -0.0134 7   A   B OP2   
372 O "O5'" . A   B 7  ? 0.1466 0.1539 0.1227 0.0255  0.0241  0.0081  7   A   B "O5'" 
373 C "C5'" . A   B 7  ? 0.1558 0.1572 0.1350 0.0082  0.0266  0.0200  7   A   B "C5'" 
374 C "C4'" . A   B 7  ? 0.1646 0.1351 0.1367 0.0237  0.0194  0.0124  7   A   B "C4'" 
375 O "O4'" . A   B 7  ? 0.1760 0.1427 0.1449 0.0336  0.0276  0.0190  7   A   B "O4'" 
376 C "C3'" . A   B 7  ? 0.1517 0.1425 0.1355 0.0262  0.0224  0.0171  7   A   B "C3'" 
377 O "O3'" . A   B 7  ? 0.1635 0.1237 0.1452 0.0028  -0.0014 0.0068  7   A   B "O3'" 
378 C "C2'" . A   B 7  ? 0.1682 0.1381 0.1377 0.0129  0.0234  0.0200  7   A   B "C2'" 
379 O "O2'" . A   B 7  ? 0.2152 0.1533 0.1554 0.0324  -0.0042 -0.0094 7   A   B "O2'" 
380 C "C1'" . A   B 7  ? 0.1691 0.1381 0.1406 0.0343  0.0267  0.0120  7   A   B "C1'" 
381 N N9    . A   B 7  ? 0.1624 0.1465 0.1345 0.0392  0.0244  0.0142  7   A   B N9    
382 C C8    . A   B 7  ? 0.1734 0.1491 0.1405 0.0289  0.0369  0.0084  7   A   B C8    
383 N N7    . A   B 7  ? 0.1589 0.1504 0.1267 0.0395  0.0253  0.0185  7   A   B N7    
384 C C5    . A   B 7  ? 0.1436 0.1681 0.1236 0.0464  0.0200  0.0281  7   A   B C5    
385 C C6    . A   B 7  ? 0.1514 0.1621 0.1351 0.0480  0.0255  0.0315  7   A   B C6    
386 N N6    . A   B 7  ? 0.1368 0.1862 0.1257 0.0387  0.0248  0.0380  7   A   B N6    
387 N N1    . A   B 7  ? 0.1450 0.1843 0.1318 0.0445  0.0264  0.0299  7   A   B N1    
388 C C2    . A   B 7  ? 0.1518 0.1940 0.1396 0.0456  0.0179  0.0195  7   A   B C2    
389 N N3    . A   B 7  ? 0.1622 0.1720 0.1428 0.0401  0.0319  0.0134  7   A   B N3    
390 C C4    . A   B 7  ? 0.1465 0.1674 0.1335 0.0508  0.0176  0.0159  7   A   B C4    
391 P P     . A   B 8  ? 0.1453 0.1343 0.1481 0.0094  0.0010  0.0104  8   A   B P     
392 O OP1   . A   B 8  ? 0.1496 0.1559 0.1750 -0.0055 -0.0180 0.0242  8   A   B OP1   
393 O OP2   . A   B 8  ? 0.1405 0.1226 0.1595 0.0073  0.0058  0.0001  8   A   B OP2   
394 O "O5'" . A   B 8  ? 0.1646 0.1417 0.1307 0.0066  0.0006  0.0135  8   A   B "O5'" 
395 C "C5'" . A   B 8  ? 0.1766 0.1546 0.1340 -0.0097 -0.0101 0.0058  8   A   B "C5'" 
396 C "C4'" . A   B 8  ? 0.1865 0.1467 0.1239 0.0022  -0.0091 0.0124  8   A   B "C4'" 
397 O "O4'" . A   B 8  ? 0.1782 0.1482 0.1432 0.0176  0.0029  0.0166  8   A   B "O4'" 
398 C "C3'" . A   B 8  ? 0.1764 0.1458 0.1223 0.0099  -0.0007 0.0114  8   A   B "C3'" 
399 O "O3'" . A   B 8  ? 0.1795 0.1440 0.1233 0.0080  -0.0098 0.0050  8   A   B "O3'" 
400 C "C2'" . A   B 8  ? 0.1840 0.1481 0.1242 0.0184  0.0112  0.0076  8   A   B "C2'" 
401 O "O2'" . A   B 8  ? 0.2048 0.1696 0.1287 0.0128  0.0073  -0.0040 8   A   B "O2'" 
402 C "C1'" . A   B 8  ? 0.1796 0.1450 0.1337 0.0183  0.0078  0.0129  8   A   B "C1'" 
403 N N9    . A   B 8  ? 0.1598 0.1483 0.1213 0.0285  0.0094  0.0124  8   A   B N9    
404 C C8    . A   B 8  ? 0.1459 0.1479 0.1220 0.0273  0.0093  0.0182  8   A   B C8    
405 N N7    . A   B 8  ? 0.1468 0.1506 0.1256 0.0277  0.0176  0.0166  8   A   B N7    
406 C C5    . A   B 8  ? 0.1314 0.1451 0.1159 0.0363  0.0079  0.0117  8   A   B C5    
407 C C6    . A   B 8  ? 0.1352 0.1542 0.1241 0.0339  0.0076  0.0129  8   A   B C6    
408 N N6    . A   B 8  ? 0.1413 0.1412 0.1420 0.0134  0.0101  0.0106  8   A   B N6    
409 N N1    . A   B 8  ? 0.1373 0.1626 0.1332 0.0309  0.0125  0.0079  8   A   B N1    
410 C C2    . A   B 8  ? 0.1466 0.1743 0.1355 0.0255  0.0186  0.0089  8   A   B C2    
411 N N3    . A   B 8  ? 0.1538 0.1646 0.1305 0.0320  0.0112  0.0054  8   A   B N3    
412 C C4    . A   B 8  ? 0.1416 0.1601 0.1147 0.0336  0.0050  0.0106  8   A   B C4    
413 P P     . A   B 9  ? 0.1789 0.1514 0.1344 0.0115  -0.0143 0.0078  9   A   B P     
414 O OP1   . A   B 9  ? 0.1927 0.1790 0.1591 0.0184  -0.0264 0.0037  9   A   B OP1   
415 O OP2   . A   B 9  ? 0.1644 0.1737 0.1479 0.0237  -0.0039 -0.0028 9   A   B OP2   
416 O "O5'" . A   B 9  ? 0.1859 0.1493 0.1323 0.0197  -0.0008 0.0119  9   A   B "O5'" 
417 C "C5'" . A   B 9  ? 0.2052 0.1453 0.1462 0.0241  0.0097  -0.0004 9   A   B "C5'" 
418 C "C4'" . A   B 9  ? 0.1845 0.1620 0.1366 0.0362  0.0071  0.0017  9   A   B "C4'" 
419 O "O4'" . A   B 9  ? 0.2027 0.1506 0.1256 0.0428  0.0014  0.0116  9   A   B "O4'" 
420 C "C3'" . A   B 9  ? 0.1762 0.1565 0.1313 0.0270  0.0019  0.0243  9   A   B "C3'" 
421 O "O3'" . A   B 9  ? 0.1952 0.1659 0.1304 0.0315  0.0138  0.0129  9   A   B "O3'" 
422 C "C2'" . A   B 9  ? 0.1614 0.1653 0.1427 0.0259  0.0282  0.0236  9   A   B "C2'" 
423 O "O2'" . A   B 9  ? 0.1800 0.1836 0.1465 0.0354  0.0287  0.0164  9   A   B "O2'" 
424 C "C1'" . A   B 9  ? 0.1621 0.1620 0.1342 0.0401  0.0086  0.0108  9   A   B "C1'" 
425 N N9    . A   B 9  ? 0.1574 0.1575 0.1354 0.0330  0.0056  0.0096  9   A   B N9    
426 C C8    . A   B 9  ? 0.1626 0.1378 0.1287 0.0332  0.0067  0.0054  9   A   B C8    
427 N N7    . A   B 9  ? 0.1652 0.1350 0.1311 0.0205  -0.0008 -0.0007 9   A   B N7    
428 C C5    . A   B 9  ? 0.1286 0.1465 0.1367 0.0291  -0.0067 0.0097  9   A   B C5    
429 C C6    . A   B 9  ? 0.1396 0.1357 0.1395 0.0214  -0.0011 0.0132  9   A   B C6    
430 N N6    . A   B 9  ? 0.1421 0.1374 0.1518 0.0123  0.0144  0.0098  9   A   B N6    
431 N N1    . A   B 9  ? 0.1386 0.1444 0.1509 0.0144  0.0095  0.0082  9   A   B N1    
432 C C2    . A   B 9  ? 0.1467 0.1771 0.1475 0.0186  0.0032  0.0100  9   A   B C2    
433 N N3    . A   B 9  ? 0.1453 0.1822 0.1450 0.0235  0.0065  0.0071  9   A   B N3    
434 C C4    . A   B 9  ? 0.1385 0.1588 0.1440 0.0335  -0.0002 0.0104  9   A   B C4    
435 P P     . A   B 10 ? 0.1828 0.1599 0.1532 0.0301  -0.0056 0.0202  10  A   B P     
436 O OP1   . A   B 10 ? 0.2245 0.1897 0.1621 0.0337  -0.0228 0.0167  10  A   B OP1   
437 O OP2   . A   B 10 ? 0.1798 0.1812 0.1694 0.0353  0.0032  0.0173  10  A   B OP2   
438 O "O5'" . A   B 10 ? 0.1930 0.1582 0.1537 0.0255  0.0146  0.0168  10  A   B "O5'" 
439 C "C5'" . A   B 10 ? 0.2006 0.1736 0.1623 0.0110  0.0189  0.0195  10  A   B "C5'" 
440 C "C4'" . A   B 10 ? 0.1959 0.1654 0.1627 0.0154  0.0271  0.0198  10  A   B "C4'" 
441 O "O4'" . A   B 10 ? 0.1721 0.1678 0.1682 0.0236  0.0216  0.0150  10  A   B "O4'" 
442 C "C3'" . A   B 10 ? 0.1754 0.1563 0.1788 0.0021  0.0151  0.0266  10  A   B "C3'" 
443 O "O3'" . A   B 10 ? 0.1837 0.1765 0.1853 0.0035  0.0059  0.0378  10  A   B "O3'" 
444 C "C2'" . A   B 10 ? 0.1796 0.1638 0.1626 0.0060  0.0261  0.0233  10  A   B "C2'" 
445 O "O2'" . A   B 10 ? 0.1809 0.2005 0.2011 -0.0161 0.0149  0.0249  10  A   B "O2'" 
446 C "C1'" . A   B 10 ? 0.1653 0.1635 0.1700 0.0131  0.0196  0.0140  10  A   B "C1'" 
447 N N9    . A   B 10 ? 0.1463 0.1501 0.1542 0.0134  0.0069  0.0146  10  A   B N9    
448 C C8    . A   B 10 ? 0.1615 0.1370 0.1751 0.0101  0.0123  0.0040  10  A   B C8    
449 N N7    . A   B 10 ? 0.1444 0.1435 0.1560 0.0111  0.0003  0.0136  10  A   B N7    
450 C C5    . A   B 10 ? 0.1399 0.1349 0.1615 0.0187  0.0054  0.0130  10  A   B C5    
451 C C6    . A   B 10 ? 0.1498 0.1514 0.1389 0.0052  -0.0054 0.0195  10  A   B C6    
452 N N6    . A   B 10 ? 0.1490 0.1526 0.1446 0.0121  -0.0006 -0.0013 10  A   B N6    
453 N N1    . A   B 10 ? 0.1540 0.1538 0.1518 0.0020  -0.0027 0.0084  10  A   B N1    
454 C C2    . A   B 10 ? 0.1561 0.1571 0.1615 0.0012  0.0088  0.0046  10  A   B C2    
455 N N3    . A   B 10 ? 0.1544 0.1493 0.1672 0.0035  0.0094  0.0157  10  A   B N3    
456 C C4    . A   B 10 ? 0.1438 0.1335 0.1572 0.0163  0.0020  0.0153  10  A   B C4    
457 P P     . A   B 11 ? 0.1889 0.1688 0.2111 0.0074  -0.0294 0.0158  11  A   B P     
458 O OP1   . A   B 11 ? 0.3016 0.2158 0.2245 -0.0058 -0.0499 0.0679  11  A   B OP1   
459 O OP2   . A   B 11 ? 0.2008 0.2000 0.2339 -0.0070 -0.0368 -0.0222 11  A   B OP2   
460 O "O5'" . A   B 11 ? 0.1841 0.1723 0.2173 0.0055  -0.0377 -0.0039 11  A   B "O5'" 
461 C "C5'" . A   B 11 ? 0.1925 0.1588 0.2325 -0.0085 -0.0294 0.0151  11  A   B "C5'" 
462 C "C4'" . A   B 11 ? 0.1933 0.1528 0.2355 0.0072  -0.0456 0.0044  11  A   B "C4'" 
463 O "O4'" . A   B 11 ? 0.1925 0.1627 0.2144 0.0177  -0.0462 0.0080  11  A   B "O4'" 
464 C "C3'" . A   B 11 ? 0.2033 0.1585 0.2434 0.0204  -0.0361 0.0199  11  A   B "C3'" 
465 O "O3'" . A   B 11 ? 0.2225 0.1456 0.2851 0.0100  -0.0579 0.0131  11  A   B "O3'" 
466 C "C2'" . A   B 11 ? 0.1859 0.1685 0.2223 0.0246  -0.0666 -0.0063 11  A   B "C2'" 
467 O "O2'" . A   B 11 ? 0.1851 0.1744 0.2619 0.0074  -0.0446 -0.0169 11  A   B "O2'" 
468 C "C1'" . A   B 11 ? 0.1886 0.1647 0.2180 0.0200  -0.0522 0.0020  11  A   B "C1'" 
469 N N9    . A   B 11 ? 0.1899 0.1642 0.2184 0.0176  -0.0505 0.0219  11  A   B N9    
470 C C8    . A   B 11 ? 0.1896 0.1571 0.2372 0.0062  -0.0449 0.0097  11  A   B C8    
471 N N7    . A   B 11 ? 0.1837 0.1833 0.2316 0.0075  -0.0605 0.0287  11  A   B N7    
472 C C5    . A   B 11 ? 0.2040 0.1894 0.2218 0.0013  -0.0559 0.0507  11  A   B C5    
473 C C6    . A   B 11 ? 0.2070 0.1994 0.2319 0.0058  -0.0473 0.0594  11  A   B C6    
474 N N6    . A   B 11 ? 0.2116 0.1912 0.2864 -0.0027 -0.0603 0.0642  11  A   B N6    
475 N N1    . A   B 11 ? 0.2485 0.2651 0.2344 0.0056  -0.0349 0.0472  11  A   B N1    
476 C C2    . A   B 11 ? 0.2922 0.2305 0.1977 -0.0114 -0.0192 0.0640  11  A   B C2    
477 N N3    . A   B 11 ? 0.2532 0.2115 0.2144 0.0146  -0.0271 0.0323  11  A   B N3    
478 C C4    . A   B 11 ? 0.2099 0.1904 0.2090 0.0084  -0.0489 0.0326  11  A   B C4    
479 N N     . NH4 C .  ? 0.2457 0.4390 0.1925 0.0081  0.0061  0.0698  101 NH4 A N     
480 N N     . NH4 D .  ? 0.2390 0.2515 0.1733 -0.0277 0.0246  -0.0328 102 NH4 A N     
481 N N     . NH4 E .  ? 0.2996 0.2862 0.1384 0.1564  0.0194  0.0129  103 NH4 A N     
482 N N     . NH4 F .  ? 0.1803 0.1642 0.1812 0.0082  0.0213  0.0082  104 NH4 A N     
483 N N     . NH4 G .  ? 0.2384 0.2005 0.1850 0.0088  -0.0101 0.0243  105 NH4 A N     
484 N N     . NH4 H .  ? 0.6938 0.4796 0.9894 0.2756  0.0977  0.1975  106 NH4 A N     
485 N N     . NH4 I .  ? 0.1822 0.2325 0.1719 0.0572  0.0250  0.0431  107 NH4 A N     
486 N N     . NH4 J .  ? 0.1659 0.1760 0.1672 0.0223  0.0192  0.0236  108 NH4 A N     
487 N N     . NH4 K .  ? 0.1941 0.2113 0.1516 0.0354  0.0151  -0.0101 109 NH4 A N     
488 N N     . NH4 L .  ? 0.2162 0.2064 0.2185 0.0406  0.0068  0.0388  110 NH4 A N     
489 N N     . NH4 M .  ? 0.2374 0.1978 0.2197 0.0131  -0.0253 0.0151  111 NH4 A N     
490 N N     . NH4 N .  ? 0.1801 0.1979 0.2281 0.0118  -0.0237 0.0405  101 NH4 B N     
491 N N     . NH4 O .  ? 0.2242 0.2857 0.2155 0.0551  -0.0005 -0.0492 102 NH4 B N     
492 N N     . NH4 P .  ? 0.1664 0.1872 0.1547 -0.0028 -0.0080 -0.0188 103 NH4 B N     
493 N N     . NH4 Q .  ? 0.1755 0.1810 0.1887 0.0271  0.0335  0.0209  104 NH4 B N     
494 N N     . NH4 R .  ? 0.1906 0.2186 0.2075 0.0221  -0.0062 0.0525  105 NH4 B N     
495 N N     . NH4 S .  ? 0.2604 0.2429 0.2047 -0.0031 -0.0171 -0.0121 106 NH4 B N     
496 N N     . NH4 T .  ? 0.1890 0.2073 0.2135 0.0015  -0.0233 0.0043  107 NH4 B N     
497 O O     . HOH U .  ? 0.2719 0.3756 0.2221 0.0145  -0.0055 -0.0133 201 HOH A O     
498 O O     . HOH U .  ? 0.2176 0.3336 0.2588 -0.0149 0.0222  0.0160  202 HOH A O     
499 O O     . HOH U .  ? 0.1974 0.2554 0.1660 -0.0264 0.0219  0.0189  203 HOH A O     
500 O O     . HOH U .  ? 0.1975 0.1865 0.1760 0.0133  0.0319  -0.0159 204 HOH A O     
501 O O     . HOH U .  ? 0.1776 0.2349 0.1353 0.0002  0.0129  0.0053  205 HOH A O     
502 O O     . HOH U .  ? 0.2739 0.4829 0.2533 -0.1610 -0.0123 0.0760  206 HOH A O     
503 O O     . HOH U .  ? 0.2595 0.4725 0.4365 0.1127  -0.0919 -0.1688 207 HOH A O     
504 O O     . HOH U .  ? 0.2924 0.6453 0.3159 -0.0353 0.0229  0.2484  208 HOH A O     
505 O O     . HOH U .  ? 0.4158 0.5401 0.3295 0.2172  -0.1015 -0.0549 209 HOH A O     
506 O O     . HOH U .  ? 0.3072 0.2375 0.3904 0.0184  0.0922  0.0308  210 HOH A O     
507 O O     . HOH U .  ? 0.2940 0.4233 0.2368 0.0251  0.0602  -0.0507 211 HOH A O     
508 O O     . HOH U .  ? 0.1895 0.3235 0.1420 0.0736  0.0437  0.0418  212 HOH A O     
509 O O     . HOH U .  ? 0.3019 0.4697 0.1972 0.2154  0.1221  0.1683  213 HOH A O     
510 O O     . HOH U .  ? 0.3553 0.4147 0.2239 0.0664  0.0448  0.0394  214 HOH A O     
511 O O     . HOH U .  ? 0.3297 0.4693 0.5109 0.0727  -0.0778 -0.1954 215 HOH A O     
512 O O     . HOH U .  ? 0.5131 0.2331 0.2976 0.0750  0.0328  0.0511  216 HOH A O     
513 O O     . HOH U .  ? 0.3030 0.2625 0.5138 0.0191  0.1062  0.0042  217 HOH A O     
514 O O     . HOH U .  ? 0.3144 0.2714 0.4148 -0.0217 0.1263  0.0046  218 HOH A O     
515 O O     . HOH U .  ? 0.1982 0.2513 0.2057 0.0123  0.0477  -0.0444 219 HOH A O     
516 O O     . HOH U .  ? 0.5500 0.2919 0.3314 0.0600  0.0663  0.0533  220 HOH A O     
517 O O     . HOH U .  ? 0.6202 0.2894 0.2819 0.0015  0.1469  -0.0741 221 HOH A O     
518 O O     . HOH U .  ? 0.3398 0.4129 0.4290 0.0623  0.0584  -0.0561 222 HOH A O     
519 O O     . HOH U .  ? 0.3660 0.4114 0.4441 0.0734  0.0256  0.0281  223 HOH A O     
520 O O     . HOH U .  ? 0.2813 0.3663 0.1985 0.0401  0.0409  0.0397  224 HOH A O     
521 O O     . HOH U .  ? 0.2687 0.3040 0.1701 0.0355  0.0572  0.0204  225 HOH A O     
522 O O     . HOH U .  ? 0.3291 0.3619 0.3124 -0.0097 -0.0598 0.0186  226 HOH A O     
523 O O     . HOH U .  ? 0.5554 0.3419 0.5946 0.0507  -0.1484 -0.0245 227 HOH A O     
524 O O     . HOH U .  ? 0.3717 0.8405 0.3283 0.0851  0.0336  -0.0006 228 HOH A O     
525 O O     . HOH U .  ? 0.7893 0.6909 0.6336 -0.0399 -0.1618 0.2359  229 HOH A O     
526 O O     . HOH U .  ? 0.3349 0.5517 0.8703 -0.1048 0.1294  -0.0388 230 HOH A O     
527 O O     . HOH U .  ? 0.6026 0.5367 0.4743 0.1032  0.0183  -0.1213 231 HOH A O     
528 O O     . HOH U .  ? 0.5043 0.3554 0.6081 0.0280  0.0739  -0.0540 232 HOH A O     
529 O O     . HOH U .  ? 0.3452 0.4738 0.5659 -0.0735 0.1241  0.2069  233 HOH A O     
530 O O     . HOH U .  ? 0.3024 0.7406 0.6097 -0.1246 0.0248  0.0229  234 HOH A O     
531 O O     . HOH V .  ? 0.3423 0.7320 0.6690 -0.0993 -0.0416 -0.0878 201 HOH B O     
532 O O     . HOH V .  ? 0.1622 0.2468 0.1820 0.0569  -0.0014 -0.0456 202 HOH B O     
533 O O     . HOH V .  ? 0.2784 0.3834 0.1627 0.1603  0.0332  0.0057  203 HOH B O     
534 O O     . HOH V .  ? 0.3572 0.3502 0.1837 0.0665  -0.0042 0.0526  204 HOH B O     
535 O O     . HOH V .  ? 0.2599 0.3347 0.2570 -0.0491 -0.0012 0.0035  205 HOH B O     
536 O O     . HOH V .  ? 0.3131 0.5530 0.2702 0.0024  0.0054  0.0616  206 HOH B O     
537 O O     . HOH V .  ? 0.3560 0.3196 0.4037 0.0930  0.1471  0.0502  207 HOH B O     
538 O O     . HOH V .  ? 0.2039 0.3877 0.2604 0.0536  0.0076  -0.0433 208 HOH B O     
539 O O     . HOH V .  ? 0.2198 0.2049 0.2169 0.0102  0.0018  -0.0109 209 HOH B O     
540 O O     . HOH V .  ? 0.2756 0.2375 0.2954 -0.0359 -0.1018 0.0257  210 HOH B O     
541 O O     . HOH V .  ? 0.3244 0.2350 0.4056 -0.0630 -0.1346 0.0443  211 HOH B O     
542 O O     . HOH V .  ? 0.2863 0.2305 0.2053 -0.0424 0.0263  -0.0567 212 HOH B O     
543 O O     . HOH V .  ? 0.2667 0.2586 0.4867 0.0642  0.0065  -0.0769 213 HOH B O     
544 O O     . HOH V .  ? 0.4003 0.4114 0.8553 -0.1624 0.0799  0.1547  214 HOH B O     
545 O O     . HOH V .  ? 0.4405 0.2644 0.4291 -0.0866 0.1929  -0.0064 215 HOH B O     
546 O O     . HOH V .  ? 0.3322 0.5959 0.3159 -0.1875 0.0456  0.0010  216 HOH B O     
547 O O     . HOH V .  ? 0.1832 0.2319 0.2455 -0.0271 0.0633  -0.0764 217 HOH B O     
548 O O     . HOH V .  ? 0.4267 0.4040 0.4775 -0.1211 0.1301  -0.1547 218 HOH B O     
549 O O     . HOH V .  ? 0.4004 0.7248 0.2523 -0.0028 0.0777  0.0000  219 HOH B O     
550 O O     . HOH V .  ? 0.3926 0.5931 0.4604 -0.0269 0.1235  -0.1197 220 HOH B O     
551 O O     . HOH V .  ? 0.2828 0.3047 0.1933 0.0289  0.0544  0.0324  221 HOH B O     
552 O O     . HOH V .  ? 0.2303 0.2302 0.2180 -0.0014 -0.0006 0.0026  222 HOH B O     
553 O O     . HOH V .  ? 0.4027 0.7124 0.2642 0.1690  0.1616  0.0932  223 HOH B O     
554 O O     . HOH V .  ? 0.3464 0.6173 0.4434 0.0176  0.1476  0.0534  224 HOH B O     
555 O O     . HOH V .  ? 0.7618 0.5340 0.4574 0.0457  -0.0752 -0.1281 225 HOH B O     
556 O O     . HOH V .  ? 0.3730 0.8767 0.8515 -0.3632 -0.0019 0.0182  226 HOH B O     
557 O O     . HOH V .  ? 0.8065 0.3522 0.4655 0.1320  0.2334  -0.0078 227 HOH B O     
558 O O     . HOH V .  ? 0.6562 0.2442 0.3482 -0.1713 0.1651  -0.0674 228 HOH B O     
559 O O     . HOH V .  ? 0.4453 0.3976 0.5992 -0.0206 0.1074  -0.2267 229 HOH B O     
560 O O     . HOH V .  ? 0.3947 0.5239 0.4491 -0.2059 -0.0597 -0.0767 230 HOH B O     
561 O O     . HOH V .  ? 0.3954 0.3718 0.3715 0.1120  -0.0252 0.0570  231 HOH B O     
562 O O     . HOH V .  ? 0.4242 0.2262 0.5815 0.0141  -0.0091 -0.0238 232 HOH B O     
563 O O     . HOH V .  ? 0.3701 0.2997 0.6439 0.0128  -0.1833 -0.1571 233 HOH B O     
564 O O     . HOH V .  ? 0.5798 0.7127 1.1212 0.1023  0.1015  0.0486  234 HOH B O     
565 O O     . HOH V .  ? 0.4613 0.5437 0.3245 0.0696  -0.1286 -0.1049 235 HOH B O     
566 O O     . HOH V .  ? 0.7205 0.3677 0.5485 -0.2015 -0.2025 0.0884  236 HOH B O     
567 O O     . HOH V .  ? 0.3788 0.4147 1.0099 0.0893  0.0682  -0.0268 237 HOH B O     
568 O O     . HOH V .  ? 0.7645 0.4575 0.3040 0.0654  0.0166  -0.1223 238 HOH B O     
569 O O     . HOH V .  ? 0.6228 0.4807 0.4044 0.1839  0.1143  -0.1202 239 HOH B O     
570 O O     . HOH V .  ? 0.3664 0.5470 0.4576 0.1427  -0.1324 -0.0515 240 HOH B O     
571 O O     . HOH V .  ? 0.9123 0.2393 0.4498 -0.1759 -0.0529 -0.0012 241 HOH B O     
572 O O     . HOH V .  ? 0.4921 0.7880 0.7583 0.1874  0.3393  -0.0129 242 HOH B O     
# 
